data_2RQL
#
_entry.id   2RQL
#
_entity_poly.entity_id   1
_entity_poly.type   'polypeptide(L)'
_entity_poly.pdbx_seq_one_letter_code
;MQLNITGNNVEITEALREFVTAKFAKLEQYFDRINQVYVVLKVEKVTHTSDATLHVNGGEIHASAEGQDMYAAIDGLIDK
LARQLTKHKDKLKQH
;
_entity_poly.pdbx_strand_id   A
#
# COMPACT_ATOMS: atom_id res chain seq x y z
N MET A 1 -7.23 -7.01 -11.22
CA MET A 1 -6.13 -6.92 -10.23
C MET A 1 -4.95 -6.12 -10.80
N GLN A 2 -5.12 -4.82 -10.92
CA GLN A 2 -4.08 -3.95 -11.46
C GLN A 2 -3.68 -2.88 -10.44
N LEU A 3 -2.38 -2.76 -10.19
CA LEU A 3 -1.88 -1.76 -9.25
C LEU A 3 -0.86 -0.83 -9.91
N ASN A 4 -0.84 0.42 -9.46
CA ASN A 4 0.09 1.40 -10.01
C ASN A 4 0.66 2.29 -8.91
N ILE A 5 1.83 2.86 -9.16
CA ILE A 5 2.49 3.73 -8.20
C ILE A 5 2.96 5.03 -8.85
N THR A 6 3.07 6.08 -8.05
CA THR A 6 3.52 7.38 -8.54
C THR A 6 4.46 8.02 -7.53
N GLY A 7 5.70 8.26 -7.94
CA GLY A 7 6.67 8.86 -7.05
C GLY A 7 6.88 10.35 -7.31
N ASN A 8 6.68 11.16 -6.27
CA ASN A 8 6.86 12.60 -6.38
C ASN A 8 8.20 13.03 -5.78
N ASN A 9 9.07 13.57 -6.61
CA ASN A 9 10.39 14.01 -6.16
C ASN A 9 11.25 12.83 -5.76
N VAL A 10 11.08 11.71 -6.46
CA VAL A 10 11.85 10.51 -6.18
C VAL A 10 12.01 9.64 -7.43
N GLU A 11 13.22 9.14 -7.65
CA GLU A 11 13.50 8.30 -8.81
C GLU A 11 12.96 6.90 -8.60
N ILE A 12 12.03 6.50 -9.46
CA ILE A 12 11.43 5.17 -9.38
C ILE A 12 12.32 4.12 -10.03
N THR A 13 13.12 3.44 -9.21
CA THR A 13 14.01 2.40 -9.71
C THR A 13 13.34 1.03 -9.63
N GLU A 14 13.56 0.21 -10.65
CA GLU A 14 12.98 -1.13 -10.72
C GLU A 14 12.97 -1.82 -9.34
N ALA A 15 14.01 -1.58 -8.55
CA ALA A 15 14.11 -2.18 -7.23
C ALA A 15 13.06 -1.59 -6.29
N LEU A 16 12.96 -0.26 -6.28
CA LEU A 16 12.01 0.42 -5.43
C LEU A 16 10.58 -0.05 -5.70
N ARG A 17 10.08 0.26 -6.89
CA ARG A 17 8.73 -0.13 -7.29
C ARG A 17 8.47 -1.60 -6.97
N GLU A 18 9.50 -2.43 -7.17
CA GLU A 18 9.38 -3.86 -6.89
C GLU A 18 9.08 -4.10 -5.42
N PHE A 19 9.81 -3.40 -4.55
CA PHE A 19 9.62 -3.54 -3.10
C PHE A 19 8.16 -3.31 -2.72
N VAL A 20 7.58 -2.24 -3.25
CA VAL A 20 6.19 -1.91 -2.96
C VAL A 20 5.26 -3.03 -3.43
N THR A 21 5.42 -3.42 -4.70
CA THR A 21 4.59 -4.47 -5.28
C THR A 21 4.85 -5.80 -4.57
N ALA A 22 6.07 -5.98 -4.09
CA ALA A 22 6.45 -7.20 -3.38
C ALA A 22 5.56 -7.42 -2.16
N LYS A 23 5.35 -6.35 -1.40
CA LYS A 23 4.52 -6.42 -0.20
C LYS A 23 3.07 -6.73 -0.58
N PHE A 24 2.52 -5.94 -1.49
CA PHE A 24 1.15 -6.13 -1.95
C PHE A 24 0.94 -7.57 -2.41
N ALA A 25 1.89 -8.07 -3.19
CA ALA A 25 1.81 -9.43 -3.70
C ALA A 25 1.59 -10.42 -2.57
N LYS A 26 2.46 -10.40 -1.57
CA LYS A 26 2.36 -11.29 -0.43
C LYS A 26 0.97 -11.18 0.21
N LEU A 27 0.35 -10.01 0.08
CA LEU A 27 -0.98 -9.79 0.62
C LEU A 27 -2.04 -10.38 -0.30
N GLU A 28 -1.73 -10.42 -1.60
CA GLU A 28 -2.64 -10.95 -2.60
C GLU A 28 -2.95 -12.43 -2.34
N GLN A 29 -2.18 -13.06 -1.47
CA GLN A 29 -2.40 -14.47 -1.14
C GLN A 29 -3.64 -14.64 -0.29
N TYR A 30 -3.72 -13.92 0.82
CA TYR A 30 -4.86 -14.01 1.72
C TYR A 30 -5.90 -12.95 1.40
N PHE A 31 -5.45 -11.80 0.90
CA PHE A 31 -6.36 -10.72 0.55
C PHE A 31 -6.78 -10.82 -0.92
N ASP A 32 -8.08 -10.99 -1.13
CA ASP A 32 -8.62 -11.09 -2.49
C ASP A 32 -9.42 -9.85 -2.88
N ARG A 33 -9.44 -8.86 -1.98
CA ARG A 33 -10.17 -7.63 -2.23
C ARG A 33 -9.23 -6.52 -2.70
N ILE A 34 -8.52 -6.76 -3.80
CA ILE A 34 -7.59 -5.78 -4.34
C ILE A 34 -7.65 -5.77 -5.86
N ASN A 35 -8.26 -4.72 -6.42
CA ASN A 35 -8.38 -4.59 -7.87
C ASN A 35 -7.55 -3.41 -8.37
N GLN A 36 -7.79 -2.23 -7.81
CA GLN A 36 -7.05 -1.04 -8.19
C GLN A 36 -6.40 -0.38 -6.99
N VAL A 37 -5.08 -0.33 -6.98
CA VAL A 37 -4.34 0.27 -5.87
C VAL A 37 -3.37 1.33 -6.37
N TYR A 38 -3.37 2.48 -5.70
CA TYR A 38 -2.47 3.58 -6.06
C TYR A 38 -1.69 4.06 -4.84
N VAL A 39 -0.38 4.06 -4.97
CA VAL A 39 0.50 4.48 -3.88
C VAL A 39 1.42 5.61 -4.32
N VAL A 40 1.69 6.53 -3.40
CA VAL A 40 2.57 7.66 -3.69
C VAL A 40 3.46 7.97 -2.50
N LEU A 41 4.74 8.17 -2.79
CA LEU A 41 5.72 8.46 -1.76
C LEU A 41 6.58 9.67 -2.11
N LYS A 42 6.63 10.64 -1.20
CA LYS A 42 7.42 11.85 -1.41
C LYS A 42 8.72 11.78 -0.62
N VAL A 43 9.81 12.22 -1.24
CA VAL A 43 11.12 12.19 -0.60
C VAL A 43 11.71 13.59 -0.48
N GLU A 44 11.77 14.10 0.74
CA GLU A 44 12.31 15.42 1.01
C GLU A 44 13.36 15.36 2.10
N LYS A 45 14.31 16.29 2.06
CA LYS A 45 15.38 16.35 3.05
C LYS A 45 14.83 16.34 4.49
N VAL A 46 13.57 16.71 4.65
CA VAL A 46 12.96 16.75 5.98
C VAL A 46 12.40 15.38 6.38
N THR A 47 11.17 15.09 5.96
CA THR A 47 10.53 13.81 6.29
C THR A 47 9.97 13.13 5.04
N HIS A 48 9.87 11.80 5.09
CA HIS A 48 9.33 11.03 3.98
C HIS A 48 7.86 10.72 4.20
N THR A 49 7.05 10.93 3.17
CA THR A 49 5.61 10.67 3.27
C THR A 49 5.15 9.67 2.21
N SER A 50 4.26 8.76 2.63
CA SER A 50 3.72 7.76 1.72
C SER A 50 2.22 7.59 1.92
N ASP A 51 1.50 7.32 0.84
CA ASP A 51 0.06 7.15 0.90
C ASP A 51 -0.38 5.87 0.19
N ALA A 52 -1.41 5.23 0.72
CA ALA A 52 -1.93 4.00 0.13
C ALA A 52 -3.45 4.04 -0.01
N THR A 53 -3.95 3.51 -1.11
CA THR A 53 -5.39 3.50 -1.37
C THR A 53 -5.82 2.17 -2.02
N LEU A 54 -6.48 1.32 -1.25
CA LEU A 54 -6.93 0.04 -1.75
C LEU A 54 -8.42 0.08 -2.08
N HIS A 55 -8.81 -0.66 -3.12
CA HIS A 55 -10.20 -0.72 -3.53
C HIS A 55 -10.83 -2.06 -3.20
N VAL A 56 -12.09 -2.03 -2.74
CA VAL A 56 -12.80 -3.24 -2.38
C VAL A 56 -14.23 -3.21 -2.92
N ASN A 57 -14.79 -4.39 -3.16
CA ASN A 57 -16.14 -4.51 -3.68
C ASN A 57 -17.15 -3.84 -2.74
N GLY A 58 -17.62 -2.66 -3.10
CA GLY A 58 -18.59 -1.96 -2.29
C GLY A 58 -17.95 -0.95 -1.35
N GLY A 59 -16.65 -1.12 -1.08
CA GLY A 59 -15.97 -0.20 -0.19
C GLY A 59 -14.54 0.08 -0.63
N GLU A 60 -13.99 1.21 -0.17
CA GLU A 60 -12.63 1.59 -0.52
C GLU A 60 -11.92 2.20 0.69
N ILE A 61 -10.73 1.71 0.98
CA ILE A 61 -9.95 2.21 2.11
C ILE A 61 -8.85 3.15 1.64
N HIS A 62 -8.65 4.23 2.39
CA HIS A 62 -7.62 5.22 2.06
C HIS A 62 -6.82 5.58 3.30
N ALA A 63 -5.54 5.18 3.33
CA ALA A 63 -4.68 5.47 4.47
C ALA A 63 -3.32 5.98 4.00
N SER A 64 -2.57 6.59 4.92
CA SER A 64 -1.25 7.11 4.62
C SER A 64 -0.30 6.86 5.79
N ALA A 65 0.98 6.71 5.49
CA ALA A 65 1.97 6.45 6.52
C ALA A 65 3.27 7.20 6.25
N GLU A 66 3.98 7.55 7.32
CA GLU A 66 5.25 8.26 7.20
C GLU A 66 6.38 7.44 7.81
N GLY A 67 7.59 7.64 7.30
CA GLY A 67 8.73 6.90 7.81
C GLY A 67 10.04 7.65 7.64
N GLN A 68 11.04 7.26 8.42
CA GLN A 68 12.35 7.91 8.37
C GLN A 68 12.96 7.80 6.98
N ASP A 69 12.45 6.90 6.16
CA ASP A 69 12.95 6.71 4.81
C ASP A 69 11.87 6.15 3.89
N MET A 70 12.14 6.13 2.59
CA MET A 70 11.19 5.62 1.62
C MET A 70 10.84 4.15 1.88
N TYR A 71 11.71 3.47 2.63
CA TYR A 71 11.49 2.07 2.96
C TYR A 71 10.61 1.93 4.20
N ALA A 72 10.84 2.79 5.18
CA ALA A 72 10.07 2.76 6.42
C ALA A 72 8.62 3.14 6.16
N ALA A 73 8.40 4.15 5.32
CA ALA A 73 7.06 4.61 5.00
C ALA A 73 6.20 3.48 4.45
N ILE A 74 6.81 2.63 3.61
CA ILE A 74 6.09 1.51 3.02
C ILE A 74 5.85 0.40 4.04
N ASP A 75 6.79 0.27 4.98
CA ASP A 75 6.68 -0.75 6.03
C ASP A 75 5.46 -0.49 6.89
N GLY A 76 5.38 0.70 7.47
CA GLY A 76 4.26 1.05 8.32
C GLY A 76 2.98 1.25 7.54
N LEU A 77 3.12 1.65 6.28
CA LEU A 77 1.96 1.87 5.42
C LEU A 77 1.31 0.55 5.05
N ILE A 78 2.13 -0.44 4.70
CA ILE A 78 1.63 -1.76 4.32
C ILE A 78 1.29 -2.58 5.56
N ASP A 79 1.76 -2.14 6.72
CA ASP A 79 1.48 -2.84 7.97
C ASP A 79 0.08 -2.54 8.46
N LYS A 80 -0.22 -1.26 8.63
CA LYS A 80 -1.53 -0.84 9.10
C LYS A 80 -2.59 -1.12 8.04
N LEU A 81 -2.21 -1.02 6.77
CA LEU A 81 -3.12 -1.26 5.66
C LEU A 81 -3.59 -2.72 5.67
N ALA A 82 -2.64 -3.64 5.81
CA ALA A 82 -2.97 -5.06 5.84
C ALA A 82 -3.94 -5.38 6.96
N ARG A 83 -3.56 -5.05 8.18
CA ARG A 83 -4.41 -5.29 9.36
C ARG A 83 -5.83 -4.78 9.12
N GLN A 84 -5.94 -3.69 8.37
CA GLN A 84 -7.24 -3.11 8.06
C GLN A 84 -8.00 -3.97 7.07
N LEU A 85 -7.27 -4.48 6.07
CA LEU A 85 -7.86 -5.34 5.06
C LEU A 85 -8.46 -6.60 5.69
N THR A 86 -7.73 -7.17 6.64
CA THR A 86 -8.19 -8.37 7.32
C THR A 86 -9.47 -8.11 8.09
N LYS A 87 -9.53 -6.95 8.75
CA LYS A 87 -10.70 -6.57 9.53
C LYS A 87 -11.97 -6.64 8.68
N HIS A 88 -11.97 -5.94 7.55
CA HIS A 88 -13.13 -5.92 6.66
C HIS A 88 -13.29 -7.27 5.95
N LYS A 89 -12.19 -8.00 5.80
CA LYS A 89 -12.22 -9.29 5.13
C LYS A 89 -12.94 -10.33 5.99
N ASP A 90 -13.03 -10.07 7.30
CA ASP A 90 -13.69 -10.99 8.21
C ASP A 90 -15.21 -10.93 8.04
N LYS A 91 -15.71 -9.77 7.62
CA LYS A 91 -17.14 -9.59 7.42
C LYS A 91 -17.65 -10.46 6.26
N LEU A 92 -16.85 -10.53 5.20
CA LEU A 92 -17.22 -11.33 4.03
C LEU A 92 -17.27 -12.81 4.38
N LYS A 93 -16.10 -13.40 4.58
CA LYS A 93 -16.00 -14.82 4.92
C LYS A 93 -16.61 -15.10 6.30
N GLN A 94 -17.92 -15.31 6.33
CA GLN A 94 -18.62 -15.58 7.57
C GLN A 94 -19.19 -17.00 7.58
N HIS A 95 -18.33 -17.97 7.89
CA HIS A 95 -18.74 -19.37 7.93
C HIS A 95 -17.95 -20.14 8.98
N MET A 1 -4.07 -7.00 -9.32
CA MET A 1 -4.12 -7.16 -10.79
C MET A 1 -3.77 -5.85 -11.50
N GLN A 2 -4.64 -4.86 -11.37
CA GLN A 2 -4.41 -3.56 -12.01
C GLN A 2 -4.00 -2.53 -10.97
N LEU A 3 -2.71 -2.51 -10.64
CA LEU A 3 -2.19 -1.57 -9.66
C LEU A 3 -1.07 -0.72 -10.26
N ASN A 4 -0.94 0.51 -9.78
CA ASN A 4 0.10 1.42 -10.28
C ASN A 4 0.63 2.29 -9.14
N ILE A 5 1.77 2.92 -9.38
CA ILE A 5 2.41 3.79 -8.40
C ILE A 5 2.87 5.09 -9.03
N THR A 6 2.97 6.14 -8.23
CA THR A 6 3.41 7.44 -8.71
C THR A 6 4.30 8.11 -7.66
N GLY A 7 5.54 8.38 -8.03
CA GLY A 7 6.47 9.02 -7.11
C GLY A 7 6.68 10.48 -7.41
N ASN A 8 6.47 11.31 -6.38
CA ASN A 8 6.65 12.75 -6.52
C ASN A 8 8.03 13.17 -6.01
N ASN A 9 8.90 13.59 -6.93
CA ASN A 9 10.25 14.00 -6.58
C ASN A 9 11.08 12.80 -6.14
N VAL A 10 10.89 11.67 -6.81
CA VAL A 10 11.61 10.45 -6.50
C VAL A 10 11.79 9.58 -7.74
N GLU A 11 13.02 9.11 -7.95
CA GLU A 11 13.32 8.26 -9.10
C GLU A 11 12.80 6.84 -8.89
N ILE A 12 11.89 6.41 -9.75
CA ILE A 12 11.31 5.07 -9.65
C ILE A 12 12.36 4.00 -9.94
N THR A 13 12.97 3.48 -8.88
CA THR A 13 13.99 2.44 -9.03
C THR A 13 13.37 1.05 -8.86
N GLU A 14 13.65 0.17 -9.83
CA GLU A 14 13.11 -1.19 -9.81
C GLU A 14 13.06 -1.78 -8.40
N ALA A 15 14.03 -1.42 -7.56
CA ALA A 15 14.09 -1.92 -6.20
C ALA A 15 12.95 -1.36 -5.36
N LEU A 16 12.75 -0.04 -5.44
CA LEU A 16 11.69 0.61 -4.68
C LEU A 16 10.32 0.04 -5.04
N ARG A 17 9.96 0.14 -6.32
CA ARG A 17 8.68 -0.36 -6.80
C ARG A 17 8.51 -1.83 -6.45
N GLU A 18 9.58 -2.61 -6.64
CA GLU A 18 9.54 -4.04 -6.34
C GLU A 18 9.20 -4.28 -4.88
N PHE A 19 9.82 -3.52 -3.99
CA PHE A 19 9.57 -3.66 -2.55
C PHE A 19 8.09 -3.49 -2.23
N VAL A 20 7.47 -2.48 -2.84
CA VAL A 20 6.05 -2.21 -2.63
C VAL A 20 5.21 -3.37 -3.14
N THR A 21 5.34 -3.68 -4.42
CA THR A 21 4.59 -4.76 -5.04
C THR A 21 4.91 -6.09 -4.36
N ALA A 22 6.12 -6.21 -3.82
CA ALA A 22 6.54 -7.42 -3.14
C ALA A 22 5.61 -7.75 -1.97
N LYS A 23 5.29 -6.73 -1.18
CA LYS A 23 4.41 -6.91 -0.03
C LYS A 23 2.99 -7.25 -0.49
N PHE A 24 2.48 -6.46 -1.44
CA PHE A 24 1.14 -6.66 -1.96
C PHE A 24 0.93 -8.11 -2.38
N ALA A 25 1.90 -8.66 -3.11
CA ALA A 25 1.83 -10.04 -3.57
C ALA A 25 1.54 -10.99 -2.41
N LYS A 26 2.36 -10.90 -1.37
CA LYS A 26 2.20 -11.75 -0.19
C LYS A 26 0.80 -11.58 0.41
N LEU A 27 0.22 -10.40 0.19
CA LEU A 27 -1.12 -10.11 0.70
C LEU A 27 -2.18 -10.66 -0.24
N GLU A 28 -1.82 -10.82 -1.50
CA GLU A 28 -2.73 -11.34 -2.52
C GLU A 28 -3.16 -12.78 -2.20
N GLN A 29 -2.45 -13.41 -1.27
CA GLN A 29 -2.77 -14.79 -0.89
C GLN A 29 -4.07 -14.85 -0.09
N TYR A 30 -4.18 -13.97 0.90
CA TYR A 30 -5.38 -13.94 1.75
C TYR A 30 -6.32 -12.79 1.37
N PHE A 31 -5.96 -12.04 0.33
CA PHE A 31 -6.79 -10.93 -0.13
C PHE A 31 -7.24 -11.13 -1.57
N ASP A 32 -8.54 -11.21 -1.78
CA ASP A 32 -9.10 -11.40 -3.10
C ASP A 32 -9.79 -10.13 -3.60
N ARG A 33 -10.28 -9.33 -2.65
CA ARG A 33 -10.95 -8.08 -2.99
C ARG A 33 -9.95 -6.99 -3.36
N ILE A 34 -9.33 -7.15 -4.52
CA ILE A 34 -8.35 -6.18 -5.01
C ILE A 34 -8.47 -5.98 -6.51
N ASN A 35 -8.68 -4.73 -6.92
CA ASN A 35 -8.83 -4.41 -8.33
C ASN A 35 -7.90 -3.27 -8.74
N GLN A 36 -8.05 -2.12 -8.11
CA GLN A 36 -7.22 -0.96 -8.42
C GLN A 36 -6.60 -0.36 -7.17
N VAL A 37 -5.27 -0.39 -7.10
CA VAL A 37 -4.55 0.16 -5.97
C VAL A 37 -3.49 1.15 -6.43
N TYR A 38 -3.40 2.30 -5.76
CA TYR A 38 -2.43 3.31 -6.12
C TYR A 38 -1.65 3.79 -4.90
N VAL A 39 -0.33 3.93 -5.05
CA VAL A 39 0.52 4.37 -3.95
C VAL A 39 1.42 5.51 -4.40
N VAL A 40 1.67 6.45 -3.49
CA VAL A 40 2.52 7.60 -3.78
C VAL A 40 3.38 7.97 -2.58
N LEU A 41 4.65 8.21 -2.84
CA LEU A 41 5.60 8.54 -1.79
C LEU A 41 6.42 9.78 -2.14
N LYS A 42 6.47 10.73 -1.20
CA LYS A 42 7.22 11.96 -1.40
C LYS A 42 8.50 11.94 -0.55
N VAL A 43 9.59 12.42 -1.13
CA VAL A 43 10.87 12.47 -0.44
C VAL A 43 11.35 13.90 -0.27
N GLU A 44 11.51 14.32 0.98
CA GLU A 44 11.98 15.66 1.29
C GLU A 44 13.01 15.62 2.42
N LYS A 45 13.89 16.61 2.42
CA LYS A 45 14.95 16.69 3.44
C LYS A 45 14.39 16.44 4.84
N VAL A 46 13.11 16.76 5.03
CA VAL A 46 12.47 16.57 6.33
C VAL A 46 11.86 15.16 6.43
N THR A 47 10.58 15.06 6.80
CA THR A 47 9.93 13.77 6.94
C THR A 47 9.41 13.25 5.59
N HIS A 48 9.27 11.94 5.49
CA HIS A 48 8.78 11.32 4.26
C HIS A 48 7.27 11.09 4.35
N THR A 49 6.59 11.12 3.20
CA THR A 49 5.15 10.92 3.18
C THR A 49 4.73 9.95 2.08
N SER A 50 4.10 8.85 2.49
CA SER A 50 3.63 7.84 1.54
C SER A 50 2.17 7.52 1.78
N ASP A 51 1.42 7.31 0.70
CA ASP A 51 -0.01 7.00 0.80
C ASP A 51 -0.34 5.70 0.08
N ALA A 52 -1.38 5.03 0.54
CA ALA A 52 -1.82 3.76 -0.06
C ALA A 52 -3.34 3.67 -0.07
N THR A 53 -3.91 3.74 -1.27
CA THR A 53 -5.36 3.65 -1.42
C THR A 53 -5.77 2.35 -2.09
N LEU A 54 -6.43 1.47 -1.33
CA LEU A 54 -6.86 0.18 -1.85
C LEU A 54 -8.34 0.20 -2.19
N HIS A 55 -8.72 -0.52 -3.25
CA HIS A 55 -10.10 -0.58 -3.68
C HIS A 55 -10.74 -1.91 -3.28
N VAL A 56 -11.98 -1.84 -2.81
CA VAL A 56 -12.70 -3.03 -2.39
C VAL A 56 -14.17 -2.97 -2.80
N ASN A 57 -14.79 -4.12 -2.94
CA ASN A 57 -16.20 -4.19 -3.33
C ASN A 57 -17.09 -3.65 -2.23
N GLY A 58 -17.65 -2.46 -2.45
CA GLY A 58 -18.52 -1.85 -1.46
C GLY A 58 -17.99 -0.52 -0.95
N GLY A 59 -16.68 -0.31 -1.11
CA GLY A 59 -16.08 0.93 -0.66
C GLY A 59 -14.61 1.02 -1.01
N GLU A 60 -13.95 2.07 -0.53
CA GLU A 60 -12.53 2.28 -0.79
C GLU A 60 -11.82 2.80 0.45
N ILE A 61 -10.69 2.19 0.78
CA ILE A 61 -9.91 2.59 1.95
C ILE A 61 -8.70 3.42 1.53
N HIS A 62 -8.40 4.45 2.31
CA HIS A 62 -7.26 5.32 2.02
C HIS A 62 -6.43 5.56 3.28
N ALA A 63 -5.22 5.03 3.31
CA ALA A 63 -4.34 5.20 4.46
C ALA A 63 -2.99 5.77 4.03
N SER A 64 -2.30 6.44 4.95
CA SER A 64 -1.00 7.03 4.66
C SER A 64 -0.06 6.85 5.85
N ALA A 65 1.23 6.73 5.58
CA ALA A 65 2.22 6.54 6.64
C ALA A 65 3.51 7.30 6.32
N GLU A 66 4.30 7.57 7.37
CA GLU A 66 5.56 8.28 7.21
C GLU A 66 6.71 7.43 7.75
N GLY A 67 7.89 7.61 7.16
CA GLY A 67 9.05 6.86 7.59
C GLY A 67 10.34 7.62 7.40
N GLN A 68 11.37 7.24 8.17
CA GLN A 68 12.67 7.90 8.10
C GLN A 68 13.27 7.79 6.69
N ASP A 69 12.74 6.88 5.88
CA ASP A 69 13.23 6.69 4.52
C ASP A 69 12.12 6.20 3.60
N MET A 70 12.38 6.20 2.30
CA MET A 70 11.41 5.75 1.32
C MET A 70 11.02 4.30 1.54
N TYR A 71 11.87 3.57 2.26
CA TYR A 71 11.60 2.15 2.54
C TYR A 71 10.81 2.00 3.84
N ALA A 72 11.14 2.82 4.83
CA ALA A 72 10.47 2.77 6.12
C ALA A 72 9.00 3.16 5.97
N ALA A 73 8.75 4.24 5.23
CA ALA A 73 7.38 4.72 5.02
C ALA A 73 6.50 3.61 4.45
N ILE A 74 7.08 2.75 3.62
CA ILE A 74 6.35 1.64 3.03
C ILE A 74 6.13 0.52 4.03
N ASP A 75 7.08 0.38 4.96
CA ASP A 75 6.99 -0.65 5.98
C ASP A 75 5.80 -0.40 6.91
N GLY A 76 5.77 0.79 7.50
CA GLY A 76 4.69 1.13 8.40
C GLY A 76 3.36 1.29 7.68
N LEU A 77 3.40 1.78 6.45
CA LEU A 77 2.20 1.97 5.66
C LEU A 77 1.62 0.64 5.22
N ILE A 78 2.48 -0.27 4.79
CA ILE A 78 2.05 -1.59 4.35
C ILE A 78 1.67 -2.49 5.54
N ASP A 79 2.13 -2.09 6.73
CA ASP A 79 1.83 -2.86 7.93
C ASP A 79 0.41 -2.59 8.43
N LYS A 80 0.10 -1.31 8.64
CA LYS A 80 -1.23 -0.92 9.11
C LYS A 80 -2.28 -1.21 8.05
N LEU A 81 -1.87 -1.16 6.78
CA LEU A 81 -2.78 -1.42 5.67
C LEU A 81 -3.24 -2.88 5.67
N ALA A 82 -2.28 -3.80 5.74
CA ALA A 82 -2.60 -5.22 5.75
C ALA A 82 -3.56 -5.56 6.90
N ARG A 83 -3.15 -5.22 8.12
CA ARG A 83 -3.97 -5.48 9.30
C ARG A 83 -5.38 -4.93 9.14
N GLN A 84 -5.50 -3.80 8.45
CA GLN A 84 -6.80 -3.18 8.21
C GLN A 84 -7.59 -3.95 7.16
N LEU A 85 -6.92 -4.31 6.08
CA LEU A 85 -7.55 -5.05 5.00
C LEU A 85 -8.13 -6.37 5.51
N THR A 86 -7.37 -7.04 6.37
CA THR A 86 -7.81 -8.31 6.95
C THR A 86 -9.01 -8.11 7.85
N LYS A 87 -9.01 -7.03 8.61
CA LYS A 87 -10.11 -6.72 9.52
C LYS A 87 -11.44 -6.75 8.79
N HIS A 88 -11.59 -5.89 7.78
CA HIS A 88 -12.81 -5.81 7.00
C HIS A 88 -13.01 -7.08 6.16
N LYS A 89 -11.92 -7.81 5.93
CA LYS A 89 -11.99 -9.04 5.15
C LYS A 89 -12.65 -10.16 5.93
N ASP A 90 -12.66 -10.03 7.26
CA ASP A 90 -13.27 -11.05 8.12
C ASP A 90 -14.78 -10.82 8.25
N LYS A 91 -15.21 -9.58 8.01
CA LYS A 91 -16.63 -9.24 8.10
C LYS A 91 -17.46 -10.09 7.15
N LEU A 92 -17.09 -10.08 5.87
CA LEU A 92 -17.79 -10.84 4.86
C LEU A 92 -17.51 -12.34 5.00
N LYS A 93 -17.96 -12.91 6.11
CA LYS A 93 -17.76 -14.33 6.37
C LYS A 93 -19.06 -15.00 6.78
N GLN A 94 -19.08 -16.34 6.74
CA GLN A 94 -20.27 -17.10 7.10
C GLN A 94 -19.93 -18.17 8.12
N HIS A 95 -20.51 -18.06 9.31
CA HIS A 95 -20.26 -19.03 10.37
C HIS A 95 -21.50 -19.90 10.61
N MET A 1 -5.77 -6.50 -8.08
CA MET A 1 -5.47 -6.96 -9.46
C MET A 1 -4.21 -6.28 -10.00
N GLN A 2 -4.29 -4.96 -10.20
CA GLN A 2 -3.16 -4.20 -10.71
C GLN A 2 -2.82 -3.04 -9.79
N LEU A 3 -1.54 -2.72 -9.69
CA LEU A 3 -1.07 -1.63 -8.84
C LEU A 3 -0.36 -0.57 -9.66
N ASN A 4 -0.62 0.70 -9.33
CA ASN A 4 0.00 1.82 -10.03
C ASN A 4 0.83 2.67 -9.08
N ILE A 5 2.12 2.80 -9.39
CA ILE A 5 3.02 3.59 -8.57
C ILE A 5 3.25 4.98 -9.15
N THR A 6 3.25 5.99 -8.28
CA THR A 6 3.46 7.37 -8.70
C THR A 6 4.08 8.16 -7.55
N GLY A 7 5.29 8.67 -7.76
CA GLY A 7 5.95 9.43 -6.72
C GLY A 7 6.28 10.85 -7.13
N ASN A 8 6.03 11.79 -6.22
CA ASN A 8 6.32 13.20 -6.47
C ASN A 8 7.78 13.50 -6.13
N ASN A 9 8.59 13.74 -7.17
CA ASN A 9 10.00 14.02 -6.98
C ASN A 9 10.74 12.76 -6.55
N VAL A 10 10.44 11.66 -7.22
CA VAL A 10 11.07 10.38 -6.90
C VAL A 10 11.14 9.49 -8.13
N GLU A 11 12.30 8.87 -8.35
CA GLU A 11 12.50 7.99 -9.50
C GLU A 11 12.12 6.55 -9.15
N ILE A 12 11.23 5.96 -9.94
CA ILE A 12 10.80 4.59 -9.71
C ILE A 12 11.86 3.60 -10.19
N THR A 13 12.67 3.12 -9.26
CA THR A 13 13.72 2.16 -9.58
C THR A 13 13.25 0.74 -9.30
N GLU A 14 13.69 -0.21 -10.13
CA GLU A 14 13.32 -1.62 -9.99
C GLU A 14 13.13 -2.02 -8.53
N ALA A 15 14.14 -1.80 -7.70
CA ALA A 15 14.06 -2.16 -6.29
C ALA A 15 12.86 -1.49 -5.63
N LEU A 16 12.69 -0.20 -5.88
CA LEU A 16 11.58 0.55 -5.31
C LEU A 16 10.24 -0.12 -5.65
N ARG A 17 9.88 -0.09 -6.92
CA ARG A 17 8.62 -0.69 -7.38
C ARG A 17 8.55 -2.16 -6.98
N GLU A 18 9.67 -2.86 -7.09
CA GLU A 18 9.74 -4.28 -6.76
C GLU A 18 9.43 -4.52 -5.29
N PHE A 19 10.14 -3.81 -4.41
CA PHE A 19 9.93 -3.97 -2.96
C PHE A 19 8.48 -3.69 -2.57
N VAL A 20 7.92 -2.62 -3.11
CA VAL A 20 6.54 -2.26 -2.81
C VAL A 20 5.59 -3.37 -3.24
N THR A 21 5.76 -3.82 -4.49
CA THR A 21 4.94 -4.89 -5.03
C THR A 21 5.14 -6.18 -4.23
N ALA A 22 6.34 -6.33 -3.68
CA ALA A 22 6.66 -7.51 -2.87
C ALA A 22 5.65 -7.69 -1.75
N LYS A 23 5.30 -6.59 -1.09
CA LYS A 23 4.34 -6.64 0.00
C LYS A 23 2.94 -6.92 -0.54
N PHE A 24 2.50 -6.08 -1.49
CA PHE A 24 1.18 -6.23 -2.08
C PHE A 24 0.93 -7.67 -2.52
N ALA A 25 1.87 -8.22 -3.29
CA ALA A 25 1.76 -9.59 -3.77
C ALA A 25 1.46 -10.56 -2.62
N LYS A 26 2.27 -10.48 -1.57
CA LYS A 26 2.09 -11.33 -0.41
C LYS A 26 0.69 -11.16 0.19
N LEU A 27 0.10 -9.99 -0.02
CA LEU A 27 -1.24 -9.70 0.49
C LEU A 27 -2.29 -10.27 -0.44
N GLU A 28 -1.97 -10.36 -1.73
CA GLU A 28 -2.87 -10.88 -2.73
C GLU A 28 -3.23 -12.34 -2.46
N GLN A 29 -2.49 -12.99 -1.57
CA GLN A 29 -2.75 -14.39 -1.23
C GLN A 29 -4.05 -14.54 -0.44
N TYR A 30 -4.14 -13.85 0.69
CA TYR A 30 -5.34 -13.91 1.53
C TYR A 30 -6.35 -12.83 1.16
N PHE A 31 -5.94 -11.87 0.34
CA PHE A 31 -6.83 -10.78 -0.07
C PHE A 31 -7.26 -10.98 -1.53
N ASP A 32 -8.56 -11.11 -1.74
CA ASP A 32 -9.09 -11.29 -3.08
C ASP A 32 -9.83 -10.04 -3.56
N ARG A 33 -10.29 -9.23 -2.61
CA ARG A 33 -11.01 -8.00 -2.93
C ARG A 33 -10.03 -6.89 -3.32
N ILE A 34 -9.44 -7.01 -4.50
CA ILE A 34 -8.49 -6.02 -4.99
C ILE A 34 -8.65 -5.79 -6.49
N ASN A 35 -8.88 -4.54 -6.88
CA ASN A 35 -9.05 -4.20 -8.28
C ASN A 35 -7.99 -3.21 -8.73
N GLN A 36 -8.03 -2.00 -8.18
CA GLN A 36 -7.06 -0.97 -8.53
C GLN A 36 -6.42 -0.37 -7.28
N VAL A 37 -5.10 -0.47 -7.19
CA VAL A 37 -4.37 0.07 -6.05
C VAL A 37 -3.28 1.05 -6.50
N TYR A 38 -3.18 2.17 -5.80
CA TYR A 38 -2.18 3.19 -6.12
C TYR A 38 -1.45 3.66 -4.87
N VAL A 39 -0.19 4.05 -5.03
CA VAL A 39 0.62 4.52 -3.93
C VAL A 39 1.46 5.73 -4.34
N VAL A 40 1.67 6.65 -3.41
CA VAL A 40 2.46 7.84 -3.69
C VAL A 40 3.35 8.20 -2.51
N LEU A 41 4.61 8.48 -2.80
CA LEU A 41 5.59 8.81 -1.78
C LEU A 41 6.38 10.06 -2.13
N LYS A 42 6.42 11.02 -1.20
CA LYS A 42 7.16 12.26 -1.40
C LYS A 42 8.48 12.21 -0.65
N VAL A 43 9.55 12.64 -1.30
CA VAL A 43 10.87 12.63 -0.69
C VAL A 43 11.41 14.05 -0.51
N GLU A 44 11.62 14.42 0.75
CA GLU A 44 12.13 15.75 1.07
C GLU A 44 13.20 15.65 2.16
N LYS A 45 14.13 16.61 2.16
CA LYS A 45 15.20 16.63 3.14
C LYS A 45 14.68 16.61 4.57
N VAL A 46 13.40 16.97 4.75
CA VAL A 46 12.80 17.00 6.07
C VAL A 46 12.27 15.62 6.48
N THR A 47 11.05 15.30 6.05
CA THR A 47 10.45 14.01 6.39
C THR A 47 9.91 13.31 5.14
N HIS A 48 9.86 11.98 5.20
CA HIS A 48 9.37 11.18 4.08
C HIS A 48 7.89 10.83 4.30
N THR A 49 7.09 11.01 3.26
CA THR A 49 5.66 10.71 3.36
C THR A 49 5.20 9.78 2.24
N SER A 50 4.35 8.82 2.60
CA SER A 50 3.83 7.86 1.62
C SER A 50 2.37 7.54 1.91
N ASP A 51 1.56 7.45 0.86
CA ASP A 51 0.14 7.15 1.00
C ASP A 51 -0.21 5.85 0.27
N ALA A 52 -1.20 5.14 0.79
CA ALA A 52 -1.64 3.89 0.18
C ALA A 52 -3.16 3.79 0.16
N THR A 53 -3.73 3.85 -1.04
CA THR A 53 -5.18 3.78 -1.21
C THR A 53 -5.58 2.45 -1.86
N LEU A 54 -6.16 1.56 -1.06
CA LEU A 54 -6.59 0.26 -1.57
C LEU A 54 -8.08 0.26 -1.90
N HIS A 55 -8.45 -0.46 -2.95
CA HIS A 55 -9.85 -0.55 -3.37
C HIS A 55 -10.45 -1.90 -2.99
N VAL A 56 -11.69 -1.87 -2.51
CA VAL A 56 -12.38 -3.09 -2.12
C VAL A 56 -13.78 -3.15 -2.72
N ASN A 57 -14.31 -4.36 -2.85
CA ASN A 57 -15.65 -4.55 -3.41
C ASN A 57 -16.71 -3.86 -2.55
N GLY A 58 -17.17 -2.69 -2.99
CA GLY A 58 -18.17 -1.96 -2.24
C GLY A 58 -17.57 -0.96 -1.27
N GLY A 59 -16.27 -1.09 -1.00
CA GLY A 59 -15.62 -0.18 -0.08
C GLY A 59 -14.22 0.18 -0.51
N GLU A 60 -13.72 1.31 -0.02
CA GLU A 60 -12.37 1.76 -0.36
C GLU A 60 -11.67 2.35 0.86
N ILE A 61 -10.49 1.82 1.17
CA ILE A 61 -9.72 2.28 2.32
C ILE A 61 -8.58 3.19 1.87
N HIS A 62 -8.33 4.25 2.64
CA HIS A 62 -7.26 5.18 2.33
C HIS A 62 -6.44 5.49 3.57
N ALA A 63 -5.19 5.04 3.58
CA ALA A 63 -4.31 5.28 4.72
C ALA A 63 -2.96 5.83 4.27
N SER A 64 -2.26 6.50 5.17
CA SER A 64 -0.96 7.08 4.87
C SER A 64 -0.01 6.91 6.04
N ALA A 65 1.29 6.82 5.74
CA ALA A 65 2.29 6.65 6.79
C ALA A 65 3.59 7.35 6.42
N GLU A 66 4.47 7.50 7.41
CA GLU A 66 5.76 8.16 7.21
C GLU A 66 6.87 7.40 7.92
N GLY A 67 8.11 7.62 7.49
CA GLY A 67 9.24 6.94 8.11
C GLY A 67 10.55 7.65 7.84
N GLN A 68 11.61 7.20 8.52
CA GLN A 68 12.93 7.79 8.37
C GLN A 68 13.44 7.66 6.94
N ASP A 69 12.79 6.83 6.13
CA ASP A 69 13.19 6.64 4.74
C ASP A 69 12.00 6.21 3.89
N MET A 70 12.24 6.07 2.58
CA MET A 70 11.17 5.66 1.67
C MET A 70 10.61 4.30 2.05
N TYR A 71 11.50 3.32 2.20
CA TYR A 71 11.08 1.97 2.57
C TYR A 71 10.35 1.97 3.90
N ALA A 72 10.83 2.77 4.84
CA ALA A 72 10.23 2.85 6.17
C ALA A 72 8.75 3.19 6.08
N ALA A 73 8.44 4.30 5.41
CA ALA A 73 7.07 4.76 5.25
C ALA A 73 6.17 3.64 4.72
N ILE A 74 6.76 2.74 3.93
CA ILE A 74 6.02 1.62 3.36
C ILE A 74 5.81 0.52 4.40
N ASP A 75 6.72 0.43 5.37
CA ASP A 75 6.62 -0.57 6.41
C ASP A 75 5.42 -0.30 7.31
N GLY A 76 5.36 0.90 7.87
CA GLY A 76 4.25 1.26 8.74
C GLY A 76 2.94 1.36 7.98
N LEU A 77 3.02 1.80 6.73
CA LEU A 77 1.83 1.94 5.90
C LEU A 77 1.30 0.58 5.45
N ILE A 78 2.21 -0.28 5.00
CA ILE A 78 1.84 -1.61 4.53
C ILE A 78 1.35 -2.48 5.70
N ASP A 79 1.71 -2.08 6.92
CA ASP A 79 1.30 -2.82 8.11
C ASP A 79 -0.13 -2.47 8.48
N LYS A 80 -0.42 -1.17 8.53
CA LYS A 80 -1.76 -0.70 8.88
C LYS A 80 -2.77 -1.11 7.82
N LEU A 81 -2.33 -1.11 6.56
CA LEU A 81 -3.20 -1.48 5.45
C LEU A 81 -3.60 -2.94 5.54
N ALA A 82 -2.62 -3.83 5.68
CA ALA A 82 -2.89 -5.26 5.78
C ALA A 82 -3.90 -5.55 6.89
N ARG A 83 -3.54 -5.17 8.12
CA ARG A 83 -4.41 -5.39 9.28
C ARG A 83 -5.82 -4.87 9.02
N GLN A 84 -5.92 -3.81 8.22
CA GLN A 84 -7.21 -3.21 7.90
C GLN A 84 -7.96 -4.07 6.88
N LEU A 85 -7.25 -4.53 5.86
CA LEU A 85 -7.85 -5.36 4.82
C LEU A 85 -8.38 -6.67 5.41
N THR A 86 -7.62 -7.26 6.32
CA THR A 86 -8.02 -8.52 6.95
C THR A 86 -9.25 -8.32 7.83
N LYS A 87 -9.28 -7.22 8.56
CA LYS A 87 -10.38 -6.91 9.45
C LYS A 87 -11.72 -6.87 8.71
N HIS A 88 -11.85 -5.96 7.75
CA HIS A 88 -13.09 -5.82 6.99
C HIS A 88 -13.36 -7.05 6.12
N LYS A 89 -12.32 -7.58 5.48
CA LYS A 89 -12.48 -8.74 4.61
C LYS A 89 -12.89 -9.98 5.41
N ASP A 90 -12.68 -9.94 6.72
CA ASP A 90 -13.04 -11.05 7.59
C ASP A 90 -14.54 -11.08 7.85
N LYS A 91 -15.14 -9.90 7.98
CA LYS A 91 -16.56 -9.79 8.23
C LYS A 91 -17.36 -10.45 7.12
N LEU A 92 -17.10 -10.06 5.87
CA LEU A 92 -17.80 -10.62 4.73
C LEU A 92 -17.17 -11.94 4.30
N LYS A 93 -17.21 -12.93 5.19
CA LYS A 93 -16.64 -14.24 4.91
C LYS A 93 -17.68 -15.15 4.25
N GLN A 94 -17.21 -16.17 3.56
CA GLN A 94 -18.09 -17.12 2.89
C GLN A 94 -19.02 -17.80 3.89
N HIS A 95 -20.26 -17.31 3.98
CA HIS A 95 -21.24 -17.87 4.91
C HIS A 95 -21.86 -19.14 4.33
N MET A 1 -5.08 -7.79 -11.61
CA MET A 1 -4.22 -6.94 -10.75
C MET A 1 -3.81 -5.65 -11.48
N GLN A 2 -4.68 -4.64 -11.41
CA GLN A 2 -4.42 -3.37 -12.06
C GLN A 2 -4.00 -2.32 -11.04
N LEU A 3 -2.72 -2.33 -10.68
CA LEU A 3 -2.18 -1.38 -9.71
C LEU A 3 -1.03 -0.58 -10.31
N ASN A 4 -0.90 0.67 -9.88
CA ASN A 4 0.17 1.53 -10.38
C ASN A 4 0.76 2.38 -9.24
N ILE A 5 1.98 2.85 -9.45
CA ILE A 5 2.67 3.67 -8.45
C ILE A 5 3.12 4.99 -9.05
N THR A 6 3.25 6.01 -8.20
CA THR A 6 3.69 7.32 -8.64
C THR A 6 4.73 7.89 -7.67
N GLY A 7 5.46 8.90 -8.11
CA GLY A 7 6.48 9.49 -7.26
C GLY A 7 6.60 10.99 -7.45
N ASN A 8 6.49 11.73 -6.35
CA ASN A 8 6.60 13.18 -6.38
C ASN A 8 8.03 13.60 -6.01
N ASN A 9 8.71 14.22 -6.97
CA ASN A 9 10.10 14.66 -6.78
C ASN A 9 11.07 13.53 -7.09
N VAL A 10 10.74 12.33 -6.61
CA VAL A 10 11.58 11.16 -6.81
C VAL A 10 11.11 10.35 -8.02
N GLU A 11 11.94 9.41 -8.47
CA GLU A 11 11.61 8.58 -9.61
C GLU A 11 11.33 7.14 -9.18
N ILE A 12 10.45 6.46 -9.90
CA ILE A 12 10.12 5.07 -9.60
C ILE A 12 11.17 4.12 -10.16
N THR A 13 12.03 3.63 -9.28
CA THR A 13 13.09 2.71 -9.69
C THR A 13 12.66 1.26 -9.50
N GLU A 14 13.07 0.40 -10.43
CA GLU A 14 12.72 -1.03 -10.39
C GLU A 14 12.71 -1.57 -8.97
N ALA A 15 13.69 -1.16 -8.16
CA ALA A 15 13.77 -1.62 -6.78
C ALA A 15 12.59 -1.11 -5.97
N LEU A 16 12.31 0.18 -6.07
CA LEU A 16 11.20 0.79 -5.35
C LEU A 16 9.89 0.11 -5.69
N ARG A 17 9.53 0.14 -6.97
CA ARG A 17 8.29 -0.48 -7.44
C ARG A 17 8.21 -1.93 -6.98
N GLU A 18 9.34 -2.63 -7.06
CA GLU A 18 9.41 -4.03 -6.66
C GLU A 18 9.13 -4.18 -5.17
N PHE A 19 9.84 -3.42 -4.35
CA PHE A 19 9.66 -3.48 -2.90
C PHE A 19 8.21 -3.28 -2.51
N VAL A 20 7.58 -2.24 -3.06
CA VAL A 20 6.18 -1.96 -2.76
C VAL A 20 5.28 -3.13 -3.15
N THR A 21 5.53 -3.68 -4.33
CA THR A 21 4.75 -4.82 -4.82
C THR A 21 5.09 -6.08 -4.03
N ALA A 22 6.33 -6.17 -3.57
CA ALA A 22 6.79 -7.32 -2.80
C ALA A 22 5.90 -7.54 -1.57
N LYS A 23 5.60 -6.45 -0.87
CA LYS A 23 4.77 -6.52 0.33
C LYS A 23 3.32 -6.79 -0.06
N PHE A 24 2.81 -6.03 -1.02
CA PHE A 24 1.44 -6.19 -1.49
C PHE A 24 1.17 -7.64 -1.88
N ALA A 25 2.09 -8.22 -2.64
CA ALA A 25 1.95 -9.62 -3.07
C ALA A 25 1.72 -10.53 -1.87
N LYS A 26 2.52 -10.35 -0.83
CA LYS A 26 2.39 -11.15 0.39
C LYS A 26 1.01 -10.98 1.00
N LEU A 27 0.40 -9.82 0.76
CA LEU A 27 -0.93 -9.53 1.27
C LEU A 27 -2.01 -10.08 0.34
N GLU A 28 -1.63 -10.24 -0.93
CA GLU A 28 -2.55 -10.76 -1.95
C GLU A 28 -2.91 -12.22 -1.68
N GLN A 29 -2.19 -12.86 -0.78
CA GLN A 29 -2.45 -14.26 -0.46
C GLN A 29 -3.80 -14.41 0.24
N TYR A 30 -4.04 -13.59 1.26
CA TYR A 30 -5.30 -13.65 2.00
C TYR A 30 -6.25 -12.53 1.59
N PHE A 31 -5.84 -11.71 0.61
CA PHE A 31 -6.67 -10.62 0.13
C PHE A 31 -7.11 -10.85 -1.31
N ASP A 32 -8.42 -10.94 -1.51
CA ASP A 32 -8.97 -11.15 -2.85
C ASP A 32 -9.66 -9.90 -3.36
N ARG A 33 -10.19 -9.10 -2.45
CA ARG A 33 -10.88 -7.86 -2.80
C ARG A 33 -9.89 -6.78 -3.18
N ILE A 34 -9.28 -6.92 -4.36
CA ILE A 34 -8.31 -5.94 -4.85
C ILE A 34 -8.43 -5.76 -6.35
N ASN A 35 -8.79 -4.55 -6.78
CA ASN A 35 -8.93 -4.26 -8.21
C ASN A 35 -7.93 -3.20 -8.65
N GLN A 36 -8.06 -1.99 -8.09
CA GLN A 36 -7.16 -0.90 -8.44
C GLN A 36 -6.52 -0.29 -7.20
N VAL A 37 -5.20 -0.40 -7.11
CA VAL A 37 -4.46 0.14 -5.96
C VAL A 37 -3.37 1.10 -6.44
N TYR A 38 -3.30 2.27 -5.79
CA TYR A 38 -2.29 3.27 -6.14
C TYR A 38 -1.54 3.73 -4.91
N VAL A 39 -0.22 3.87 -5.05
CA VAL A 39 0.63 4.30 -3.94
C VAL A 39 1.56 5.42 -4.37
N VAL A 40 1.82 6.34 -3.46
CA VAL A 40 2.72 7.48 -3.73
C VAL A 40 3.57 7.81 -2.52
N LEU A 41 4.84 8.08 -2.77
CA LEU A 41 5.78 8.39 -1.71
C LEU A 41 6.60 9.63 -2.04
N LYS A 42 6.64 10.55 -1.08
CA LYS A 42 7.40 11.80 -1.24
C LYS A 42 8.73 11.71 -0.51
N VAL A 43 9.79 12.12 -1.18
CA VAL A 43 11.13 12.10 -0.59
C VAL A 43 11.68 13.50 -0.41
N GLU A 44 11.91 13.88 0.84
CA GLU A 44 12.45 15.20 1.15
C GLU A 44 13.53 15.10 2.23
N LYS A 45 14.46 16.05 2.20
CA LYS A 45 15.55 16.07 3.17
C LYS A 45 15.06 15.98 4.61
N VAL A 46 13.78 16.31 4.83
CA VAL A 46 13.21 16.27 6.17
C VAL A 46 12.68 14.88 6.52
N THR A 47 11.44 14.60 6.14
CA THR A 47 10.83 13.29 6.43
C THR A 47 10.23 12.67 5.18
N HIS A 48 10.13 11.34 5.18
CA HIS A 48 9.56 10.61 4.05
C HIS A 48 8.10 10.26 4.32
N THR A 49 7.25 10.47 3.32
CA THR A 49 5.83 10.18 3.45
C THR A 49 5.31 9.33 2.29
N SER A 50 4.40 8.42 2.60
CA SER A 50 3.83 7.55 1.58
C SER A 50 2.34 7.30 1.81
N ASP A 51 1.59 7.17 0.73
CA ASP A 51 0.14 6.93 0.81
C ASP A 51 -0.25 5.72 -0.02
N ALA A 52 -1.22 4.96 0.47
CA ALA A 52 -1.68 3.76 -0.23
C ALA A 52 -3.20 3.62 -0.18
N THR A 53 -3.83 3.82 -1.32
CA THR A 53 -5.29 3.71 -1.42
C THR A 53 -5.69 2.39 -2.06
N LEU A 54 -6.29 1.50 -1.26
CA LEU A 54 -6.70 0.20 -1.76
C LEU A 54 -8.19 0.20 -2.13
N HIS A 55 -8.52 -0.57 -3.16
CA HIS A 55 -9.90 -0.67 -3.63
C HIS A 55 -10.49 -2.03 -3.28
N VAL A 56 -11.75 -2.03 -2.83
CA VAL A 56 -12.43 -3.27 -2.47
C VAL A 56 -13.68 -3.45 -3.31
N ASN A 57 -14.28 -4.65 -3.22
CA ASN A 57 -15.48 -5.00 -3.98
C ASN A 57 -16.39 -3.80 -4.21
N GLY A 58 -16.76 -3.11 -3.13
CA GLY A 58 -17.63 -1.95 -3.26
C GLY A 58 -17.27 -0.82 -2.33
N GLY A 59 -15.97 -0.57 -2.18
CA GLY A 59 -15.51 0.50 -1.30
C GLY A 59 -14.12 0.97 -1.64
N GLU A 60 -13.71 2.09 -1.06
CA GLU A 60 -12.39 2.65 -1.31
C GLU A 60 -11.73 3.11 -0.02
N ILE A 61 -10.62 2.48 0.33
CA ILE A 61 -9.87 2.83 1.53
C ILE A 61 -8.62 3.63 1.18
N HIS A 62 -8.33 4.66 1.96
CA HIS A 62 -7.14 5.47 1.72
C HIS A 62 -6.37 5.73 3.01
N ALA A 63 -5.17 5.16 3.10
CA ALA A 63 -4.35 5.33 4.29
C ALA A 63 -2.94 5.79 3.90
N SER A 64 -2.24 6.41 4.84
CA SER A 64 -0.89 6.90 4.59
C SER A 64 -0.01 6.67 5.83
N ALA A 65 1.28 6.44 5.61
CA ALA A 65 2.19 6.21 6.71
C ALA A 65 3.57 6.81 6.45
N GLU A 66 4.30 7.08 7.52
CA GLU A 66 5.63 7.64 7.43
C GLU A 66 6.57 6.95 8.42
N GLY A 67 7.87 7.04 8.19
CA GLY A 67 8.83 6.40 9.08
C GLY A 67 10.14 7.14 9.18
N GLN A 68 10.89 7.16 8.08
CA GLN A 68 12.19 7.83 8.05
C GLN A 68 12.86 7.70 6.69
N ASP A 69 12.49 6.67 5.93
CA ASP A 69 13.07 6.45 4.60
C ASP A 69 11.98 5.99 3.63
N MET A 70 12.36 5.81 2.37
CA MET A 70 11.42 5.37 1.35
C MET A 70 10.88 3.98 1.65
N TYR A 71 11.62 3.21 2.44
CA TYR A 71 11.19 1.85 2.80
C TYR A 71 10.37 1.86 4.09
N ALA A 72 10.71 2.77 4.99
CA ALA A 72 10.00 2.89 6.26
C ALA A 72 8.54 3.25 6.05
N ALA A 73 8.29 4.27 5.24
CA ALA A 73 6.93 4.71 4.95
C ALA A 73 6.09 3.57 4.42
N ILE A 74 6.73 2.65 3.71
CA ILE A 74 6.04 1.49 3.15
C ILE A 74 5.81 0.42 4.22
N ASP A 75 6.64 0.44 5.25
CA ASP A 75 6.51 -0.53 6.34
C ASP A 75 5.29 -0.23 7.19
N GLY A 76 5.19 1.02 7.66
CA GLY A 76 4.06 1.41 8.47
C GLY A 76 2.77 1.47 7.68
N LEU A 77 2.88 1.86 6.42
CA LEU A 77 1.72 1.96 5.54
C LEU A 77 1.15 0.58 5.24
N ILE A 78 2.04 -0.38 5.00
CA ILE A 78 1.63 -1.75 4.72
C ILE A 78 1.29 -2.50 5.99
N ASP A 79 1.67 -1.94 7.14
CA ASP A 79 1.38 -2.56 8.43
C ASP A 79 -0.05 -2.28 8.84
N LYS A 80 -0.42 -1.00 8.88
CA LYS A 80 -1.76 -0.59 9.26
C LYS A 80 -2.77 -1.03 8.20
N LEU A 81 -2.36 -1.00 6.94
CA LEU A 81 -3.22 -1.38 5.84
C LEU A 81 -3.59 -2.86 5.92
N ALA A 82 -2.59 -3.71 6.13
CA ALA A 82 -2.82 -5.15 6.24
C ALA A 82 -3.83 -5.45 7.34
N ARG A 83 -3.53 -4.99 8.55
CA ARG A 83 -4.39 -5.22 9.70
C ARG A 83 -5.84 -4.78 9.42
N GLN A 84 -5.97 -3.73 8.61
CA GLN A 84 -7.29 -3.21 8.26
C GLN A 84 -7.96 -4.10 7.22
N LEU A 85 -7.23 -4.42 6.16
CA LEU A 85 -7.75 -5.27 5.10
C LEU A 85 -8.19 -6.62 5.64
N THR A 86 -7.39 -7.19 6.53
CA THR A 86 -7.71 -8.48 7.13
C THR A 86 -8.95 -8.38 8.02
N LYS A 87 -9.06 -7.28 8.75
CA LYS A 87 -10.19 -7.06 9.65
C LYS A 87 -11.52 -7.24 8.90
N HIS A 88 -11.73 -6.40 7.88
CA HIS A 88 -12.96 -6.46 7.10
C HIS A 88 -13.03 -7.75 6.29
N LYS A 89 -11.88 -8.32 5.97
CA LYS A 89 -11.82 -9.56 5.20
C LYS A 89 -12.32 -10.74 6.03
N ASP A 90 -12.33 -10.59 7.34
CA ASP A 90 -12.79 -11.66 8.24
C ASP A 90 -14.31 -11.68 8.32
N LYS A 91 -14.93 -10.53 8.10
CA LYS A 91 -16.38 -10.41 8.14
C LYS A 91 -17.02 -11.12 6.96
N LEU A 92 -16.51 -10.85 5.76
CA LEU A 92 -17.03 -11.46 4.55
C LEU A 92 -16.24 -12.70 4.17
N LYS A 93 -15.95 -13.54 5.16
CA LYS A 93 -15.20 -14.76 4.93
C LYS A 93 -16.11 -15.98 4.94
N GLN A 94 -17.12 -15.95 5.81
CA GLN A 94 -18.07 -17.05 5.91
C GLN A 94 -19.36 -16.59 6.59
N HIS A 95 -20.29 -17.52 6.76
CA HIS A 95 -21.57 -17.22 7.39
C HIS A 95 -22.32 -18.49 7.74
N MET A 1 -7.20 -1.74 -15.72
CA MET A 1 -7.56 -1.68 -14.28
C MET A 1 -6.64 -2.55 -13.44
N GLN A 2 -5.52 -1.97 -13.02
CA GLN A 2 -4.55 -2.68 -12.20
C GLN A 2 -3.97 -1.76 -11.11
N LEU A 3 -2.78 -2.08 -10.63
CA LEU A 3 -2.14 -1.27 -9.60
C LEU A 3 -0.93 -0.53 -10.17
N ASN A 4 -0.74 0.71 -9.70
CA ASN A 4 0.38 1.53 -10.17
C ASN A 4 0.92 2.41 -9.04
N ILE A 5 2.08 3.00 -9.28
CA ILE A 5 2.71 3.87 -8.29
C ILE A 5 3.04 5.23 -8.89
N THR A 6 3.09 6.25 -8.04
CA THR A 6 3.41 7.60 -8.49
C THR A 6 4.52 8.19 -7.62
N GLY A 7 5.64 8.52 -8.24
CA GLY A 7 6.76 9.08 -7.50
C GLY A 7 6.88 10.58 -7.65
N ASN A 8 6.87 11.28 -6.52
CA ASN A 8 6.99 12.73 -6.50
C ASN A 8 8.30 13.14 -5.82
N ASN A 9 9.25 13.64 -6.60
CA ASN A 9 10.54 14.05 -6.07
C ASN A 9 11.35 12.83 -5.65
N VAL A 10 11.13 11.72 -6.33
CA VAL A 10 11.84 10.47 -6.05
C VAL A 10 11.96 9.61 -7.29
N GLU A 11 13.15 9.05 -7.52
CA GLU A 11 13.39 8.21 -8.68
C GLU A 11 12.86 6.79 -8.46
N ILE A 12 11.92 6.37 -9.30
CA ILE A 12 11.33 5.04 -9.20
C ILE A 12 12.19 4.02 -9.93
N THR A 13 13.00 3.29 -9.17
CA THR A 13 13.87 2.27 -9.74
C THR A 13 13.24 0.89 -9.61
N GLU A 14 13.49 0.04 -10.61
CA GLU A 14 12.95 -1.33 -10.63
C GLU A 14 12.93 -1.95 -9.24
N ALA A 15 13.93 -1.61 -8.42
CA ALA A 15 14.02 -2.14 -7.07
C ALA A 15 12.97 -1.51 -6.16
N LEU A 16 12.88 -0.19 -6.20
CA LEU A 16 11.92 0.53 -5.38
C LEU A 16 10.49 0.06 -5.67
N ARG A 17 10.02 0.34 -6.88
CA ARG A 17 8.67 -0.04 -7.29
C ARG A 17 8.39 -1.51 -6.95
N GLU A 18 9.40 -2.35 -7.13
CA GLU A 18 9.26 -3.78 -6.84
C GLU A 18 8.99 -4.01 -5.36
N PHE A 19 9.71 -3.29 -4.50
CA PHE A 19 9.54 -3.41 -3.06
C PHE A 19 8.09 -3.17 -2.65
N VAL A 20 7.50 -2.10 -3.18
CA VAL A 20 6.12 -1.76 -2.86
C VAL A 20 5.17 -2.87 -3.30
N THR A 21 5.34 -3.32 -4.55
CA THR A 21 4.50 -4.38 -5.09
C THR A 21 4.78 -5.71 -4.40
N ALA A 22 6.03 -5.89 -3.98
CA ALA A 22 6.44 -7.11 -3.29
C ALA A 22 5.60 -7.35 -2.05
N LYS A 23 5.35 -6.29 -1.30
CA LYS A 23 4.55 -6.39 -0.08
C LYS A 23 3.08 -6.63 -0.43
N PHE A 24 2.54 -5.80 -1.31
CA PHE A 24 1.14 -5.93 -1.72
C PHE A 24 0.86 -7.34 -2.20
N ALA A 25 1.77 -7.88 -3.02
CA ALA A 25 1.61 -9.23 -3.53
C ALA A 25 1.42 -10.23 -2.40
N LYS A 26 2.30 -10.15 -1.39
CA LYS A 26 2.22 -11.04 -0.24
C LYS A 26 0.85 -10.94 0.42
N LEU A 27 0.22 -9.78 0.29
CA LEU A 27 -1.10 -9.55 0.87
C LEU A 27 -2.19 -10.11 -0.04
N GLU A 28 -1.90 -10.15 -1.34
CA GLU A 28 -2.83 -10.67 -2.33
C GLU A 28 -3.12 -12.15 -2.12
N GLN A 29 -2.32 -12.81 -1.28
CA GLN A 29 -2.51 -14.22 -1.01
C GLN A 29 -3.79 -14.47 -0.20
N TYR A 30 -3.90 -13.80 0.95
CA TYR A 30 -5.07 -13.95 1.80
C TYR A 30 -6.15 -12.93 1.43
N PHE A 31 -5.75 -11.81 0.84
CA PHE A 31 -6.69 -10.77 0.44
C PHE A 31 -7.14 -10.98 -1.01
N ASP A 32 -8.44 -11.02 -1.22
CA ASP A 32 -8.99 -11.21 -2.56
C ASP A 32 -9.55 -9.91 -3.12
N ARG A 33 -10.06 -9.06 -2.23
CA ARG A 33 -10.64 -7.78 -2.63
C ARG A 33 -9.55 -6.83 -3.10
N ILE A 34 -8.92 -7.15 -4.23
CA ILE A 34 -7.86 -6.32 -4.78
C ILE A 34 -7.99 -6.22 -6.29
N ASN A 35 -8.36 -5.03 -6.77
CA ASN A 35 -8.53 -4.80 -8.20
C ASN A 35 -7.66 -3.64 -8.67
N GLN A 36 -7.88 -2.46 -8.09
CA GLN A 36 -7.11 -1.28 -8.45
C GLN A 36 -6.51 -0.61 -7.21
N VAL A 37 -5.19 -0.58 -7.15
CA VAL A 37 -4.49 0.03 -6.03
C VAL A 37 -3.41 0.99 -6.52
N TYR A 38 -3.34 2.16 -5.90
CA TYR A 38 -2.34 3.15 -6.27
C TYR A 38 -1.58 3.65 -5.05
N VAL A 39 -0.27 3.70 -5.16
CA VAL A 39 0.59 4.15 -4.07
C VAL A 39 1.46 5.33 -4.50
N VAL A 40 1.70 6.24 -3.57
CA VAL A 40 2.52 7.42 -3.84
C VAL A 40 3.39 7.75 -2.64
N LEU A 41 4.67 7.97 -2.91
CA LEU A 41 5.63 8.29 -1.86
C LEU A 41 6.48 9.50 -2.20
N LYS A 42 6.53 10.46 -1.28
CA LYS A 42 7.31 11.67 -1.47
C LYS A 42 8.60 11.60 -0.65
N VAL A 43 9.69 12.05 -1.25
CA VAL A 43 10.99 12.03 -0.58
C VAL A 43 11.57 13.44 -0.45
N GLU A 44 11.68 13.91 0.79
CA GLU A 44 12.22 15.23 1.05
C GLU A 44 13.26 15.17 2.17
N LYS A 45 14.21 16.11 2.14
CA LYS A 45 15.28 16.15 3.14
C LYS A 45 14.73 16.11 4.57
N VAL A 46 13.46 16.46 4.74
CA VAL A 46 12.84 16.46 6.06
C VAL A 46 12.27 15.08 6.43
N THR A 47 11.03 14.82 6.01
CA THR A 47 10.38 13.55 6.29
C THR A 47 9.81 12.91 5.03
N HIS A 48 9.69 11.58 5.05
CA HIS A 48 9.14 10.84 3.91
C HIS A 48 7.68 10.50 4.14
N THR A 49 6.86 10.68 3.11
CA THR A 49 5.43 10.40 3.21
C THR A 49 4.97 9.47 2.10
N SER A 50 4.16 8.48 2.46
CA SER A 50 3.65 7.52 1.48
C SER A 50 2.17 7.24 1.71
N ASP A 51 1.45 6.95 0.64
CA ASP A 51 0.02 6.66 0.72
C ASP A 51 -0.34 5.41 -0.08
N ALA A 52 -1.47 4.80 0.26
CA ALA A 52 -1.91 3.60 -0.42
C ALA A 52 -3.43 3.46 -0.38
N THR A 53 -4.06 3.62 -1.54
CA THR A 53 -5.51 3.51 -1.65
C THR A 53 -5.91 2.18 -2.28
N LEU A 54 -6.49 1.30 -1.47
CA LEU A 54 -6.90 -0.02 -1.96
C LEU A 54 -8.38 -0.01 -2.33
N HIS A 55 -8.73 -0.75 -3.38
CA HIS A 55 -10.11 -0.83 -3.85
C HIS A 55 -10.76 -2.13 -3.39
N VAL A 56 -11.99 -2.04 -2.92
CA VAL A 56 -12.73 -3.21 -2.45
C VAL A 56 -14.16 -3.20 -2.97
N ASN A 57 -14.70 -4.38 -3.23
CA ASN A 57 -16.06 -4.50 -3.73
C ASN A 57 -17.06 -3.89 -2.74
N GLY A 58 -17.57 -2.72 -3.08
CA GLY A 58 -18.53 -2.05 -2.21
C GLY A 58 -17.92 -0.93 -1.39
N GLY A 59 -16.59 -0.97 -1.21
CA GLY A 59 -15.93 0.05 -0.42
C GLY A 59 -14.49 0.28 -0.85
N GLU A 60 -13.92 1.39 -0.43
CA GLU A 60 -12.54 1.73 -0.76
C GLU A 60 -11.80 2.30 0.45
N ILE A 61 -10.64 1.72 0.76
CA ILE A 61 -9.85 2.17 1.90
C ILE A 61 -8.68 3.04 1.44
N HIS A 62 -8.42 4.11 2.17
CA HIS A 62 -7.31 5.01 1.85
C HIS A 62 -6.50 5.32 3.10
N ALA A 63 -5.26 4.85 3.15
CA ALA A 63 -4.40 5.10 4.29
C ALA A 63 -3.06 5.72 3.86
N SER A 64 -2.41 6.41 4.78
CA SER A 64 -1.13 7.04 4.50
C SER A 64 -0.19 6.90 5.70
N ALA A 65 1.10 6.78 5.42
CA ALA A 65 2.09 6.64 6.49
C ALA A 65 3.39 7.35 6.14
N GLU A 66 4.22 7.55 7.16
CA GLU A 66 5.51 8.22 6.97
C GLU A 66 6.59 7.55 7.81
N GLY A 67 7.85 7.81 7.48
CA GLY A 67 8.95 7.21 8.21
C GLY A 67 10.27 7.92 7.98
N GLN A 68 11.29 7.50 8.71
CA GLN A 68 12.62 8.09 8.58
C GLN A 68 13.14 8.01 7.14
N ASP A 69 12.54 7.16 6.33
CA ASP A 69 12.94 6.99 4.93
C ASP A 69 11.78 6.52 4.08
N MET A 70 12.00 6.45 2.77
CA MET A 70 10.96 6.00 1.85
C MET A 70 10.53 4.57 2.17
N TYR A 71 11.50 3.65 2.24
CA TYR A 71 11.20 2.26 2.55
C TYR A 71 10.49 2.14 3.89
N ALA A 72 10.93 2.92 4.86
CA ALA A 72 10.33 2.90 6.19
C ALA A 72 8.83 3.14 6.12
N ALA A 73 8.45 4.25 5.48
CA ALA A 73 7.05 4.60 5.32
C ALA A 73 6.24 3.45 4.74
N ILE A 74 6.87 2.68 3.85
CA ILE A 74 6.21 1.54 3.22
C ILE A 74 5.98 0.42 4.23
N ASP A 75 6.87 0.34 5.22
CA ASP A 75 6.76 -0.69 6.25
C ASP A 75 5.54 -0.44 7.13
N GLY A 76 5.46 0.78 7.69
CA GLY A 76 4.33 1.12 8.54
C GLY A 76 3.04 1.26 7.78
N LEU A 77 3.13 1.69 6.53
CA LEU A 77 1.96 1.87 5.68
C LEU A 77 1.35 0.52 5.33
N ILE A 78 2.21 -0.46 5.02
CA ILE A 78 1.76 -1.79 4.68
C ILE A 78 1.42 -2.60 5.93
N ASP A 79 1.86 -2.11 7.09
CA ASP A 79 1.58 -2.78 8.35
C ASP A 79 0.16 -2.51 8.81
N LYS A 80 -0.18 -1.23 8.93
CA LYS A 80 -1.52 -0.84 9.35
C LYS A 80 -2.55 -1.21 8.29
N LEU A 81 -2.14 -1.17 7.02
CA LEU A 81 -3.03 -1.50 5.92
C LEU A 81 -3.46 -2.97 6.00
N ALA A 82 -2.49 -3.86 6.19
CA ALA A 82 -2.78 -5.29 6.28
C ALA A 82 -3.76 -5.57 7.42
N ARG A 83 -3.41 -5.14 8.62
CA ARG A 83 -4.27 -5.34 9.79
C ARG A 83 -5.69 -4.84 9.54
N GLN A 84 -5.80 -3.77 8.75
CA GLN A 84 -7.11 -3.19 8.43
C GLN A 84 -7.84 -4.05 7.41
N LEU A 85 -7.12 -4.46 6.37
CA LEU A 85 -7.70 -5.30 5.33
C LEU A 85 -8.22 -6.61 5.91
N THR A 86 -7.46 -7.18 6.83
CA THR A 86 -7.85 -8.44 7.46
C THR A 86 -9.09 -8.25 8.32
N LYS A 87 -9.15 -7.14 9.04
CA LYS A 87 -10.28 -6.85 9.91
C LYS A 87 -11.60 -6.81 9.14
N HIS A 88 -11.67 -5.99 8.10
CA HIS A 88 -12.89 -5.87 7.31
C HIS A 88 -13.14 -7.11 6.45
N LYS A 89 -12.08 -7.63 5.83
CA LYS A 89 -12.21 -8.81 4.98
C LYS A 89 -12.67 -10.03 5.78
N ASP A 90 -12.54 -9.97 7.10
CA ASP A 90 -12.96 -11.08 7.96
C ASP A 90 -14.48 -11.23 7.96
N LYS A 91 -15.18 -10.11 8.10
CA LYS A 91 -16.63 -10.11 8.11
C LYS A 91 -17.20 -10.74 6.85
N LEU A 92 -16.41 -10.76 5.78
CA LEU A 92 -16.83 -11.33 4.51
C LEU A 92 -16.35 -12.76 4.37
N LYS A 93 -16.33 -13.49 5.48
CA LYS A 93 -15.89 -14.89 5.46
C LYS A 93 -17.06 -15.83 5.72
N GLN A 94 -18.04 -15.37 6.50
CA GLN A 94 -19.21 -16.17 6.82
C GLN A 94 -20.49 -15.46 6.39
N HIS A 95 -21.40 -16.21 5.77
CA HIS A 95 -22.66 -15.65 5.31
C HIS A 95 -23.70 -15.65 6.42
N MET A 1 -4.36 -2.91 -14.22
CA MET A 1 -4.13 -4.37 -14.27
C MET A 1 -3.95 -4.96 -12.87
N GLN A 2 -3.39 -4.17 -11.97
CA GLN A 2 -3.18 -4.61 -10.59
C GLN A 2 -2.81 -3.43 -9.69
N LEU A 3 -1.52 -3.10 -9.63
CA LEU A 3 -1.06 -1.99 -8.79
C LEU A 3 -0.30 -0.96 -9.63
N ASN A 4 -0.51 0.31 -9.31
CA ASN A 4 0.16 1.40 -10.02
C ASN A 4 0.97 2.26 -9.06
N ILE A 5 2.24 2.47 -9.39
CA ILE A 5 3.13 3.27 -8.54
C ILE A 5 3.31 4.68 -9.11
N THR A 6 3.28 5.66 -8.23
CA THR A 6 3.45 7.05 -8.62
C THR A 6 4.06 7.84 -7.46
N GLY A 7 5.25 8.40 -7.67
CA GLY A 7 5.89 9.15 -6.60
C GLY A 7 6.22 10.58 -6.99
N ASN A 8 5.96 11.50 -6.07
CA ASN A 8 6.25 12.91 -6.31
C ASN A 8 7.70 13.21 -5.95
N ASN A 9 8.51 13.49 -6.97
CA ASN A 9 9.93 13.78 -6.77
C ASN A 9 10.67 12.51 -6.37
N VAL A 10 10.37 11.42 -7.07
CA VAL A 10 11.00 10.13 -6.80
C VAL A 10 11.08 9.28 -8.07
N GLU A 11 12.23 8.66 -8.30
CA GLU A 11 12.41 7.82 -9.48
C GLU A 11 12.06 6.36 -9.15
N ILE A 12 11.17 5.78 -9.96
CA ILE A 12 10.75 4.40 -9.76
C ILE A 12 11.79 3.43 -10.33
N THR A 13 12.64 2.91 -9.45
CA THR A 13 13.67 1.97 -9.85
C THR A 13 13.28 0.53 -9.48
N GLU A 14 13.82 -0.42 -10.23
CA GLU A 14 13.54 -1.85 -10.00
C GLU A 14 13.30 -2.17 -8.52
N ALA A 15 14.25 -1.79 -7.68
CA ALA A 15 14.14 -2.05 -6.25
C ALA A 15 12.91 -1.35 -5.66
N LEU A 16 12.75 -0.07 -5.99
CA LEU A 16 11.62 0.70 -5.50
C LEU A 16 10.30 0.05 -5.89
N ARG A 17 10.12 -0.19 -7.18
CA ARG A 17 8.90 -0.82 -7.68
C ARG A 17 8.73 -2.21 -7.09
N GLU A 18 9.84 -2.96 -7.03
CA GLU A 18 9.81 -4.32 -6.49
C GLU A 18 9.39 -4.32 -5.03
N PHE A 19 10.10 -3.56 -4.20
CA PHE A 19 9.82 -3.47 -2.77
C PHE A 19 8.32 -3.30 -2.50
N VAL A 20 7.72 -2.28 -3.13
CA VAL A 20 6.30 -2.01 -2.94
C VAL A 20 5.45 -3.19 -3.41
N THR A 21 5.68 -3.62 -4.65
CA THR A 21 4.93 -4.74 -5.22
C THR A 21 5.14 -6.00 -4.40
N ALA A 22 6.30 -6.13 -3.79
CA ALA A 22 6.63 -7.29 -2.98
C ALA A 22 5.64 -7.44 -1.82
N LYS A 23 5.37 -6.33 -1.14
CA LYS A 23 4.44 -6.34 -0.01
C LYS A 23 3.02 -6.63 -0.49
N PHE A 24 2.54 -5.81 -1.43
CA PHE A 24 1.20 -5.98 -1.98
C PHE A 24 0.96 -7.42 -2.42
N ALA A 25 1.92 -7.97 -3.17
CA ALA A 25 1.81 -9.34 -3.64
C ALA A 25 1.52 -10.30 -2.49
N LYS A 26 2.35 -10.24 -1.45
CA LYS A 26 2.17 -11.09 -0.28
C LYS A 26 0.77 -10.96 0.29
N LEU A 27 0.16 -9.79 0.08
CA LEU A 27 -1.19 -9.54 0.57
C LEU A 27 -2.22 -10.12 -0.39
N GLU A 28 -1.86 -10.17 -1.66
CA GLU A 28 -2.74 -10.70 -2.70
C GLU A 28 -3.06 -12.17 -2.46
N GLN A 29 -2.30 -12.83 -1.59
CA GLN A 29 -2.52 -14.24 -1.29
C GLN A 29 -3.80 -14.44 -0.50
N TYR A 30 -3.89 -13.81 0.67
CA TYR A 30 -5.06 -13.93 1.52
C TYR A 30 -6.13 -12.89 1.16
N PHE A 31 -5.87 -12.08 0.15
CA PHE A 31 -6.82 -11.06 -0.28
C PHE A 31 -7.32 -11.34 -1.70
N ASP A 32 -8.62 -11.56 -1.82
CA ASP A 32 -9.22 -11.84 -3.13
C ASP A 32 -10.06 -10.66 -3.62
N ARG A 33 -10.07 -9.56 -2.86
CA ARG A 33 -10.84 -8.39 -3.24
C ARG A 33 -9.93 -7.22 -3.61
N ILE A 34 -9.14 -7.42 -4.67
CA ILE A 34 -8.21 -6.39 -5.12
C ILE A 34 -8.38 -6.14 -6.62
N ASN A 35 -8.66 -4.89 -6.98
CA ASN A 35 -8.84 -4.53 -8.39
C ASN A 35 -7.85 -3.45 -8.81
N GLN A 36 -7.96 -2.27 -8.19
CA GLN A 36 -7.08 -1.16 -8.51
C GLN A 36 -6.44 -0.59 -7.24
N VAL A 37 -5.12 -0.65 -7.16
CA VAL A 37 -4.39 -0.13 -6.01
C VAL A 37 -3.29 0.82 -6.46
N TYR A 38 -3.16 1.95 -5.77
CA TYR A 38 -2.14 2.94 -6.09
C TYR A 38 -1.42 3.42 -4.84
N VAL A 39 -0.16 3.78 -5.00
CA VAL A 39 0.66 4.25 -3.89
C VAL A 39 1.48 5.47 -4.29
N VAL A 40 1.69 6.38 -3.34
CA VAL A 40 2.47 7.59 -3.61
C VAL A 40 3.31 7.96 -2.40
N LEU A 41 4.58 8.24 -2.65
CA LEU A 41 5.51 8.59 -1.59
C LEU A 41 6.33 9.82 -1.95
N LYS A 42 6.35 10.78 -1.02
CA LYS A 42 7.11 12.02 -1.22
C LYS A 42 8.42 11.95 -0.46
N VAL A 43 9.50 12.42 -1.09
CA VAL A 43 10.82 12.40 -0.48
C VAL A 43 11.37 13.82 -0.30
N GLU A 44 11.45 14.25 0.95
CA GLU A 44 11.96 15.58 1.27
C GLU A 44 13.03 15.49 2.36
N LYS A 45 13.95 16.45 2.36
CA LYS A 45 15.03 16.48 3.34
C LYS A 45 14.49 16.41 4.77
N VAL A 46 13.23 16.78 4.96
CA VAL A 46 12.62 16.77 6.29
C VAL A 46 12.10 15.39 6.66
N THR A 47 10.88 15.06 6.24
CA THR A 47 10.28 13.77 6.54
C THR A 47 9.75 13.09 5.28
N HIS A 48 9.70 11.77 5.31
CA HIS A 48 9.20 10.99 4.17
C HIS A 48 7.73 10.61 4.40
N THR A 49 6.90 10.84 3.40
CA THR A 49 5.48 10.53 3.50
C THR A 49 5.02 9.61 2.37
N SER A 50 4.17 8.65 2.70
CA SER A 50 3.64 7.71 1.72
C SER A 50 2.16 7.43 1.97
N ASP A 51 1.37 7.36 0.91
CA ASP A 51 -0.06 7.09 1.02
C ASP A 51 -0.44 5.80 0.30
N ALA A 52 -1.41 5.09 0.85
CA ALA A 52 -1.86 3.84 0.25
C ALA A 52 -3.38 3.78 0.20
N THR A 53 -3.93 3.84 -1.01
CA THR A 53 -5.37 3.79 -1.21
C THR A 53 -5.77 2.48 -1.88
N LEU A 54 -6.37 1.58 -1.10
CA LEU A 54 -6.80 0.29 -1.62
C LEU A 54 -8.30 0.28 -1.92
N HIS A 55 -8.68 -0.45 -2.97
CA HIS A 55 -10.09 -0.53 -3.36
C HIS A 55 -10.75 -1.76 -2.75
N VAL A 56 -11.85 -1.53 -2.04
CA VAL A 56 -12.59 -2.61 -1.40
C VAL A 56 -13.88 -2.91 -2.15
N ASN A 57 -14.52 -4.02 -1.81
CA ASN A 57 -15.77 -4.42 -2.46
C ASN A 57 -16.74 -3.25 -2.55
N GLY A 58 -17.34 -2.88 -1.43
CA GLY A 58 -18.28 -1.77 -1.41
C GLY A 58 -17.74 -0.56 -0.68
N GLY A 59 -16.41 -0.40 -0.69
CA GLY A 59 -15.80 0.73 -0.03
C GLY A 59 -14.35 0.92 -0.44
N GLU A 60 -13.74 2.00 0.04
CA GLU A 60 -12.35 2.31 -0.29
C GLU A 60 -11.60 2.84 0.93
N ILE A 61 -10.44 2.27 1.20
CA ILE A 61 -9.63 2.68 2.33
C ILE A 61 -8.48 3.57 1.88
N HIS A 62 -8.22 4.64 2.64
CA HIS A 62 -7.13 5.56 2.32
C HIS A 62 -6.31 5.87 3.56
N ALA A 63 -5.06 5.41 3.59
CA ALA A 63 -4.18 5.64 4.73
C ALA A 63 -2.85 6.24 4.28
N SER A 64 -2.15 6.87 5.20
CA SER A 64 -0.86 7.47 4.91
C SER A 64 0.12 7.25 6.06
N ALA A 65 1.23 6.58 5.78
CA ALA A 65 2.23 6.30 6.81
C ALA A 65 3.51 7.07 6.56
N GLU A 66 4.15 7.51 7.64
CA GLU A 66 5.39 8.26 7.54
C GLU A 66 6.56 7.43 8.08
N GLY A 67 7.75 7.65 7.52
CA GLY A 67 8.91 6.91 7.95
C GLY A 67 10.19 7.70 7.80
N GLN A 68 11.22 7.29 8.53
CA GLN A 68 12.52 7.96 8.49
C GLN A 68 13.12 7.91 7.08
N ASP A 69 12.60 7.03 6.24
CA ASP A 69 13.09 6.90 4.88
C ASP A 69 11.98 6.43 3.93
N MET A 70 12.24 6.52 2.63
CA MET A 70 11.27 6.11 1.63
C MET A 70 10.90 4.64 1.78
N TYR A 71 11.75 3.88 2.46
CA TYR A 71 11.51 2.45 2.68
C TYR A 71 10.66 2.24 3.93
N ALA A 72 10.92 3.03 4.96
CA ALA A 72 10.17 2.93 6.21
C ALA A 72 8.71 3.28 6.00
N ALA A 73 8.46 4.34 5.24
CA ALA A 73 7.10 4.79 4.96
C ALA A 73 6.24 3.66 4.39
N ILE A 74 6.85 2.83 3.55
CA ILE A 74 6.15 1.71 2.92
C ILE A 74 5.92 0.59 3.93
N ASP A 75 6.89 0.40 4.83
CA ASP A 75 6.79 -0.64 5.85
C ASP A 75 5.57 -0.42 6.72
N GLY A 76 5.48 0.75 7.34
CA GLY A 76 4.35 1.06 8.19
C GLY A 76 3.07 1.25 7.41
N LEU A 77 3.21 1.66 6.14
CA LEU A 77 2.06 1.89 5.28
C LEU A 77 1.39 0.57 4.92
N ILE A 78 2.21 -0.43 4.57
CA ILE A 78 1.70 -1.73 4.21
C ILE A 78 1.36 -2.55 5.46
N ASP A 79 1.84 -2.11 6.60
CA ASP A 79 1.58 -2.81 7.86
C ASP A 79 0.16 -2.52 8.35
N LYS A 80 -0.14 -1.24 8.54
CA LYS A 80 -1.46 -0.83 9.00
C LYS A 80 -2.52 -1.10 7.93
N LEU A 81 -2.11 -0.99 6.66
CA LEU A 81 -3.02 -1.23 5.55
C LEU A 81 -3.50 -2.67 5.54
N ALA A 82 -2.55 -3.61 5.69
CA ALA A 82 -2.89 -5.03 5.71
C ALA A 82 -3.88 -5.35 6.82
N ARG A 83 -3.50 -5.03 8.05
CA ARG A 83 -4.36 -5.28 9.20
C ARG A 83 -5.77 -4.74 8.98
N GLN A 84 -5.87 -3.64 8.25
CA GLN A 84 -7.16 -3.03 7.95
C GLN A 84 -7.90 -3.83 6.88
N LEU A 85 -7.18 -4.20 5.83
CA LEU A 85 -7.75 -4.98 4.74
C LEU A 85 -8.32 -6.29 5.25
N THR A 86 -7.56 -6.97 6.11
CA THR A 86 -7.99 -8.25 6.68
C THR A 86 -9.26 -8.06 7.52
N LYS A 87 -9.30 -6.99 8.30
CA LYS A 87 -10.45 -6.70 9.15
C LYS A 87 -11.74 -6.73 8.36
N HIS A 88 -11.79 -5.95 7.28
CA HIS A 88 -12.98 -5.90 6.43
C HIS A 88 -13.11 -7.16 5.57
N LYS A 89 -12.03 -7.93 5.46
CA LYS A 89 -12.04 -9.15 4.67
C LYS A 89 -12.78 -10.27 5.39
N ASP A 90 -12.83 -10.18 6.72
CA ASP A 90 -13.51 -11.20 7.52
C ASP A 90 -15.02 -10.93 7.60
N LYS A 91 -15.41 -9.70 7.31
CA LYS A 91 -16.83 -9.33 7.35
C LYS A 91 -17.65 -10.20 6.42
N LEU A 92 -17.25 -10.26 5.15
CA LEU A 92 -17.95 -11.06 4.16
C LEU A 92 -17.45 -12.50 4.18
N LYS A 93 -16.21 -12.70 3.80
CA LYS A 93 -15.61 -14.04 3.78
C LYS A 93 -16.27 -14.92 2.71
N GLN A 94 -17.07 -14.32 1.84
CA GLN A 94 -17.76 -15.06 0.79
C GLN A 94 -18.76 -14.17 0.06
N HIS A 95 -18.40 -12.92 -0.16
CA HIS A 95 -19.27 -11.97 -0.85
C HIS A 95 -20.61 -11.84 -0.13
N MET A 1 -5.00 -6.58 -9.39
CA MET A 1 -4.16 -6.94 -10.57
C MET A 1 -3.67 -5.70 -11.31
N GLN A 2 -4.48 -4.63 -11.26
CA GLN A 2 -4.13 -3.38 -11.92
C GLN A 2 -3.72 -2.33 -10.90
N LEU A 3 -2.44 -2.33 -10.54
CA LEU A 3 -1.92 -1.36 -9.57
C LEU A 3 -0.82 -0.51 -10.19
N ASN A 4 -0.73 0.74 -9.75
CA ASN A 4 0.27 1.66 -10.27
C ASN A 4 0.80 2.56 -9.16
N ILE A 5 1.98 3.13 -9.39
CA ILE A 5 2.61 4.01 -8.40
C ILE A 5 3.09 5.30 -9.06
N THR A 6 3.18 6.36 -8.27
CA THR A 6 3.63 7.66 -8.77
C THR A 6 4.55 8.31 -7.75
N GLY A 7 5.79 8.56 -8.13
CA GLY A 7 6.74 9.16 -7.23
C GLY A 7 6.94 10.64 -7.47
N ASN A 8 6.84 11.43 -6.40
CA ASN A 8 7.02 12.87 -6.50
C ASN A 8 8.35 13.29 -5.87
N ASN A 9 9.29 13.71 -6.72
CA ASN A 9 10.61 14.14 -6.26
C ASN A 9 11.43 12.94 -5.82
N VAL A 10 11.24 11.81 -6.51
CA VAL A 10 11.97 10.59 -6.19
C VAL A 10 12.12 9.71 -7.43
N GLU A 11 13.33 9.18 -7.63
CA GLU A 11 13.60 8.32 -8.78
C GLU A 11 12.94 6.95 -8.62
N ILE A 12 12.05 6.60 -9.53
CA ILE A 12 11.36 5.32 -9.49
C ILE A 12 12.21 4.21 -10.10
N THR A 13 12.96 3.52 -9.25
CA THR A 13 13.82 2.43 -9.70
C THR A 13 13.14 1.08 -9.50
N GLU A 14 13.40 0.15 -10.42
CA GLU A 14 12.80 -1.19 -10.37
C GLU A 14 12.68 -1.72 -8.94
N ALA A 15 13.73 -1.52 -8.14
CA ALA A 15 13.72 -1.98 -6.76
C ALA A 15 12.52 -1.41 -6.00
N LEU A 16 12.28 -0.13 -6.18
CA LEU A 16 11.16 0.54 -5.52
C LEU A 16 9.84 -0.15 -5.84
N ARG A 17 9.43 -0.07 -7.10
CA ARG A 17 8.19 -0.70 -7.54
C ARG A 17 8.15 -2.17 -7.13
N GLU A 18 9.29 -2.84 -7.24
CA GLU A 18 9.40 -4.25 -6.89
C GLU A 18 9.14 -4.47 -5.41
N PHE A 19 9.90 -3.77 -4.56
CA PHE A 19 9.75 -3.92 -3.11
C PHE A 19 8.34 -3.56 -2.65
N VAL A 20 7.81 -2.45 -3.16
CA VAL A 20 6.46 -2.02 -2.79
C VAL A 20 5.43 -3.04 -3.27
N THR A 21 5.50 -3.38 -4.55
CA THR A 21 4.58 -4.35 -5.14
C THR A 21 4.76 -5.72 -4.47
N ALA A 22 6.00 -6.06 -4.16
CA ALA A 22 6.31 -7.34 -3.51
C ALA A 22 5.47 -7.52 -2.26
N LYS A 23 5.31 -6.44 -1.50
CA LYS A 23 4.53 -6.48 -0.28
C LYS A 23 3.06 -6.72 -0.60
N PHE A 24 2.50 -5.87 -1.46
CA PHE A 24 1.10 -5.99 -1.86
C PHE A 24 0.81 -7.41 -2.34
N ALA A 25 1.71 -7.95 -3.14
CA ALA A 25 1.56 -9.31 -3.67
C ALA A 25 1.38 -10.31 -2.52
N LYS A 26 2.29 -10.27 -1.56
CA LYS A 26 2.23 -11.17 -0.41
C LYS A 26 0.86 -11.09 0.25
N LEU A 27 0.22 -9.93 0.13
CA LEU A 27 -1.10 -9.73 0.71
C LEU A 27 -2.18 -10.29 -0.20
N GLU A 28 -1.90 -10.28 -1.50
CA GLU A 28 -2.83 -10.80 -2.50
C GLU A 28 -3.09 -12.30 -2.30
N GLN A 29 -2.27 -12.95 -1.48
CA GLN A 29 -2.44 -14.37 -1.21
C GLN A 29 -3.66 -14.61 -0.32
N TYR A 30 -3.70 -13.93 0.81
CA TYR A 30 -4.82 -14.07 1.74
C TYR A 30 -5.89 -13.02 1.50
N PHE A 31 -5.51 -11.90 0.90
CA PHE A 31 -6.46 -10.83 0.60
C PHE A 31 -6.85 -10.86 -0.88
N ASP A 32 -8.15 -11.06 -1.12
CA ASP A 32 -8.67 -11.13 -2.48
C ASP A 32 -9.49 -9.88 -2.82
N ARG A 33 -9.63 -8.98 -1.85
CA ARG A 33 -10.39 -7.75 -2.05
C ARG A 33 -9.50 -6.63 -2.57
N ILE A 34 -8.74 -6.92 -3.62
CA ILE A 34 -7.83 -5.93 -4.19
C ILE A 34 -7.85 -6.00 -5.71
N ASN A 35 -8.37 -4.94 -6.34
CA ASN A 35 -8.44 -4.88 -7.79
C ASN A 35 -7.52 -3.79 -8.35
N GLN A 36 -7.72 -2.56 -7.87
CA GLN A 36 -6.90 -1.44 -8.30
C GLN A 36 -6.28 -0.71 -7.12
N VAL A 37 -4.96 -0.72 -7.05
CA VAL A 37 -4.25 -0.08 -5.96
C VAL A 37 -3.27 0.98 -6.47
N TYR A 38 -3.29 2.15 -5.84
CA TYR A 38 -2.40 3.24 -6.24
C TYR A 38 -1.66 3.78 -5.01
N VAL A 39 -0.34 3.80 -5.10
CA VAL A 39 0.50 4.29 -4.01
C VAL A 39 1.39 5.45 -4.45
N VAL A 40 1.64 6.37 -3.53
CA VAL A 40 2.48 7.53 -3.81
C VAL A 40 3.36 7.86 -2.62
N LEU A 41 4.63 8.11 -2.89
CA LEU A 41 5.59 8.43 -1.85
C LEU A 41 6.41 9.67 -2.20
N LYS A 42 6.48 10.60 -1.25
CA LYS A 42 7.24 11.83 -1.45
C LYS A 42 8.50 11.82 -0.59
N VAL A 43 9.61 12.25 -1.18
CA VAL A 43 10.89 12.28 -0.47
C VAL A 43 11.40 13.71 -0.33
N GLU A 44 11.53 14.19 0.90
CA GLU A 44 12.02 15.53 1.16
C GLU A 44 13.01 15.52 2.32
N LYS A 45 13.92 16.50 2.31
CA LYS A 45 14.94 16.60 3.35
C LYS A 45 14.32 16.63 4.76
N VAL A 46 13.02 16.90 4.85
CA VAL A 46 12.35 16.95 6.15
C VAL A 46 11.77 15.59 6.55
N THR A 47 10.56 15.30 6.08
CA THR A 47 9.92 14.03 6.41
C THR A 47 9.40 13.32 5.15
N HIS A 48 9.30 12.00 5.22
CA HIS A 48 8.82 11.20 4.09
C HIS A 48 7.33 10.92 4.24
N THR A 49 6.60 10.98 3.12
CA THR A 49 5.17 10.74 3.14
C THR A 49 4.77 9.70 2.10
N SER A 50 3.98 8.72 2.52
CA SER A 50 3.50 7.66 1.64
C SER A 50 2.01 7.42 1.82
N ASP A 51 1.33 7.13 0.73
CA ASP A 51 -0.11 6.88 0.77
C ASP A 51 -0.48 5.63 -0.02
N ALA A 52 -1.53 4.95 0.40
CA ALA A 52 -1.96 3.73 -0.28
C ALA A 52 -3.48 3.56 -0.22
N THR A 53 -4.13 3.70 -1.37
CA THR A 53 -5.58 3.56 -1.46
C THR A 53 -5.95 2.21 -2.07
N LEU A 54 -6.54 1.35 -1.26
CA LEU A 54 -6.95 0.03 -1.72
C LEU A 54 -8.44 -0.02 -2.04
N HIS A 55 -8.80 -0.82 -3.04
CA HIS A 55 -10.19 -0.96 -3.46
C HIS A 55 -10.74 -2.30 -2.99
N VAL A 56 -11.97 -2.29 -2.46
CA VAL A 56 -12.61 -3.50 -1.99
C VAL A 56 -14.10 -3.50 -2.31
N ASN A 57 -14.52 -4.47 -3.14
CA ASN A 57 -15.92 -4.60 -3.54
C ASN A 57 -16.57 -3.24 -3.80
N GLY A 58 -17.24 -2.69 -2.80
CA GLY A 58 -17.90 -1.40 -2.96
C GLY A 58 -17.40 -0.36 -1.96
N GLY A 59 -16.12 -0.45 -1.61
CA GLY A 59 -15.54 0.48 -0.68
C GLY A 59 -14.11 0.84 -1.04
N GLU A 60 -13.64 1.98 -0.55
CA GLU A 60 -12.29 2.42 -0.82
C GLU A 60 -11.62 3.00 0.42
N ILE A 61 -10.51 2.37 0.83
CA ILE A 61 -9.78 2.82 2.00
C ILE A 61 -8.52 3.58 1.59
N HIS A 62 -8.20 4.63 2.33
CA HIS A 62 -7.03 5.45 2.01
C HIS A 62 -6.20 5.71 3.27
N ALA A 63 -5.00 5.13 3.32
CA ALA A 63 -4.11 5.31 4.45
C ALA A 63 -2.77 5.87 4.00
N SER A 64 -2.13 6.65 4.87
CA SER A 64 -0.83 7.24 4.57
C SER A 64 0.06 7.24 5.80
N ALA A 65 1.27 6.70 5.66
CA ALA A 65 2.20 6.63 6.79
C ALA A 65 3.51 7.34 6.44
N GLU A 66 4.30 7.62 7.48
CA GLU A 66 5.58 8.28 7.31
C GLU A 66 6.71 7.42 7.87
N GLY A 67 7.89 7.52 7.27
CA GLY A 67 9.02 6.75 7.72
C GLY A 67 10.34 7.44 7.51
N GLN A 68 11.35 7.06 8.29
CA GLN A 68 12.68 7.66 8.19
C GLN A 68 13.24 7.53 6.78
N ASP A 69 12.67 6.65 5.98
CA ASP A 69 13.14 6.44 4.62
C ASP A 69 11.99 5.97 3.72
N MET A 70 12.26 5.89 2.42
CA MET A 70 11.25 5.45 1.46
C MET A 70 10.84 4.00 1.70
N TYR A 71 11.65 3.26 2.45
CA TYR A 71 11.36 1.87 2.77
C TYR A 71 10.55 1.75 4.05
N ALA A 72 10.88 2.60 5.03
CA ALA A 72 10.19 2.60 6.31
C ALA A 72 8.74 3.02 6.15
N ALA A 73 8.52 4.09 5.40
CA ALA A 73 7.17 4.61 5.17
C ALA A 73 6.26 3.52 4.60
N ILE A 74 6.83 2.63 3.79
CA ILE A 74 6.07 1.55 3.20
C ILE A 74 5.87 0.41 4.19
N ASP A 75 6.82 0.26 5.12
CA ASP A 75 6.73 -0.78 6.13
C ASP A 75 5.55 -0.54 7.05
N GLY A 76 5.50 0.65 7.64
CA GLY A 76 4.41 0.99 8.54
C GLY A 76 3.09 1.13 7.82
N LEU A 77 3.13 1.64 6.59
CA LEU A 77 1.91 1.82 5.81
C LEU A 77 1.34 0.48 5.38
N ILE A 78 2.21 -0.43 4.97
CA ILE A 78 1.79 -1.76 4.55
C ILE A 78 1.41 -2.64 5.74
N ASP A 79 1.85 -2.23 6.93
CA ASP A 79 1.55 -2.99 8.14
C ASP A 79 0.12 -2.70 8.61
N LYS A 80 -0.21 -1.42 8.77
CA LYS A 80 -1.54 -1.02 9.20
C LYS A 80 -2.58 -1.32 8.12
N LEU A 81 -2.16 -1.24 6.87
CA LEU A 81 -3.05 -1.51 5.75
C LEU A 81 -3.50 -2.97 5.76
N ALA A 82 -2.54 -3.88 5.90
CA ALA A 82 -2.84 -5.30 5.94
C ALA A 82 -3.85 -5.62 7.04
N ARG A 83 -3.50 -5.24 8.27
CA ARG A 83 -4.36 -5.47 9.42
C ARG A 83 -5.78 -4.95 9.16
N GLN A 84 -5.88 -3.88 8.37
CA GLN A 84 -7.17 -3.30 8.03
C GLN A 84 -7.92 -4.19 7.06
N LEU A 85 -7.18 -4.76 6.11
CA LEU A 85 -7.78 -5.65 5.12
C LEU A 85 -8.42 -6.86 5.79
N THR A 86 -7.73 -7.40 6.80
CA THR A 86 -8.23 -8.55 7.52
C THR A 86 -9.51 -8.19 8.28
N LYS A 87 -9.54 -6.99 8.86
CA LYS A 87 -10.69 -6.52 9.61
C LYS A 87 -11.96 -6.60 8.78
N HIS A 88 -12.00 -5.87 7.67
CA HIS A 88 -13.17 -5.86 6.79
C HIS A 88 -13.34 -7.19 6.07
N LYS A 89 -12.26 -7.97 6.00
CA LYS A 89 -12.31 -9.27 5.33
C LYS A 89 -12.89 -10.35 6.25
N ASP A 90 -12.90 -10.08 7.56
CA ASP A 90 -13.43 -11.02 8.52
C ASP A 90 -14.95 -11.08 8.46
N LYS A 91 -15.58 -9.91 8.39
CA LYS A 91 -17.04 -9.84 8.32
C LYS A 91 -17.57 -10.61 7.11
N LEU A 92 -16.78 -10.62 6.04
CA LEU A 92 -17.18 -11.32 4.82
C LEU A 92 -16.31 -12.55 4.59
N LYS A 93 -16.68 -13.66 5.20
CA LYS A 93 -15.94 -14.89 5.07
C LYS A 93 -16.61 -15.83 4.06
N GLN A 94 -16.02 -17.00 3.85
CA GLN A 94 -16.55 -17.98 2.92
C GLN A 94 -16.70 -19.35 3.58
N HIS A 95 -17.91 -19.88 3.58
CA HIS A 95 -18.17 -21.18 4.18
C HIS A 95 -18.02 -22.30 3.14
N MET A 1 -5.26 -6.60 -8.82
CA MET A 1 -5.10 -6.95 -10.26
C MET A 1 -4.26 -5.91 -11.00
N GLN A 2 -4.76 -4.68 -11.05
CA GLN A 2 -4.05 -3.60 -11.72
C GLN A 2 -3.60 -2.54 -10.72
N LEU A 3 -2.30 -2.50 -10.43
CA LEU A 3 -1.75 -1.53 -9.50
C LEU A 3 -0.67 -0.69 -10.15
N ASN A 4 -0.57 0.58 -9.73
CA ASN A 4 0.43 1.48 -10.28
C ASN A 4 1.02 2.36 -9.18
N ILE A 5 2.22 2.87 -9.43
CA ILE A 5 2.90 3.73 -8.46
C ILE A 5 3.19 5.11 -9.05
N THR A 6 3.24 6.11 -8.19
CA THR A 6 3.53 7.48 -8.60
C THR A 6 4.19 8.23 -7.46
N GLY A 7 5.42 8.69 -7.67
CA GLY A 7 6.13 9.40 -6.62
C GLY A 7 6.39 10.85 -6.95
N ASN A 8 6.23 11.71 -5.95
CA ASN A 8 6.47 13.14 -6.11
C ASN A 8 7.85 13.50 -5.59
N ASN A 9 8.75 13.85 -6.51
CA ASN A 9 10.13 14.21 -6.13
C ASN A 9 10.91 12.98 -5.71
N VAL A 10 10.67 11.87 -6.38
CA VAL A 10 11.35 10.61 -6.09
C VAL A 10 11.45 9.73 -7.32
N GLU A 11 12.62 9.14 -7.54
CA GLU A 11 12.85 8.28 -8.69
C GLU A 11 12.42 6.84 -8.39
N ILE A 12 11.56 6.29 -9.24
CA ILE A 12 11.08 4.92 -9.07
C ILE A 12 12.00 3.94 -9.79
N THR A 13 12.86 3.27 -9.03
CA THR A 13 13.78 2.30 -9.60
C THR A 13 13.27 0.88 -9.39
N GLU A 14 13.62 -0.02 -10.31
CA GLU A 14 13.19 -1.42 -10.26
C GLU A 14 13.09 -1.94 -8.82
N ALA A 15 14.10 -1.63 -8.00
CA ALA A 15 14.11 -2.07 -6.62
C ALA A 15 12.98 -1.41 -5.82
N LEU A 16 12.85 -0.11 -5.96
CA LEU A 16 11.81 0.63 -5.26
C LEU A 16 10.42 0.13 -5.63
N ARG A 17 10.12 0.14 -6.93
CA ARG A 17 8.83 -0.33 -7.42
C ARG A 17 8.59 -1.78 -7.02
N GLU A 18 9.61 -2.61 -7.17
CA GLU A 18 9.51 -4.02 -6.82
C GLU A 18 9.18 -4.20 -5.34
N PHE A 19 9.89 -3.47 -4.49
CA PHE A 19 9.69 -3.56 -3.05
C PHE A 19 8.22 -3.35 -2.68
N VAL A 20 7.61 -2.33 -3.25
CA VAL A 20 6.20 -2.02 -2.98
C VAL A 20 5.31 -3.17 -3.45
N THR A 21 5.47 -3.54 -4.72
CA THR A 21 4.67 -4.62 -5.30
C THR A 21 4.94 -5.95 -4.59
N ALA A 22 6.15 -6.10 -4.08
CA ALA A 22 6.54 -7.33 -3.39
C ALA A 22 5.66 -7.57 -2.16
N LYS A 23 5.45 -6.51 -1.38
CA LYS A 23 4.62 -6.62 -0.18
C LYS A 23 3.17 -6.90 -0.55
N PHE A 24 2.62 -6.07 -1.44
CA PHE A 24 1.23 -6.23 -1.89
C PHE A 24 0.99 -7.66 -2.35
N ALA A 25 1.93 -8.20 -3.12
CA ALA A 25 1.81 -9.56 -3.63
C ALA A 25 1.57 -10.54 -2.49
N LYS A 26 2.46 -10.53 -1.50
CA LYS A 26 2.34 -11.41 -0.34
C LYS A 26 0.97 -11.29 0.29
N LEU A 27 0.35 -10.12 0.15
CA LEU A 27 -0.97 -9.88 0.71
C LEU A 27 -2.05 -10.46 -0.21
N GLU A 28 -1.74 -10.52 -1.49
CA GLU A 28 -2.67 -11.06 -2.48
C GLU A 28 -3.00 -12.53 -2.20
N GLN A 29 -2.22 -13.17 -1.34
CA GLN A 29 -2.43 -14.56 -0.99
C GLN A 29 -3.68 -14.72 -0.12
N TYR A 30 -3.71 -14.00 0.99
CA TYR A 30 -4.84 -14.06 1.92
C TYR A 30 -5.88 -12.99 1.59
N PHE A 31 -5.45 -11.90 0.97
CA PHE A 31 -6.36 -10.83 0.61
C PHE A 31 -6.75 -10.92 -0.86
N ASP A 32 -8.05 -11.10 -1.12
CA ASP A 32 -8.55 -11.21 -2.48
C ASP A 32 -9.34 -9.97 -2.89
N ARG A 33 -9.66 -9.12 -1.91
CA ARG A 33 -10.42 -7.90 -2.17
C ARG A 33 -9.49 -6.79 -2.67
N ILE A 34 -8.81 -7.05 -3.78
CA ILE A 34 -7.90 -6.07 -4.36
C ILE A 34 -7.98 -6.08 -5.88
N ASN A 35 -8.43 -4.97 -6.46
CA ASN A 35 -8.56 -4.85 -7.90
C ASN A 35 -7.65 -3.75 -8.44
N GLN A 36 -7.83 -2.54 -7.91
CA GLN A 36 -7.03 -1.40 -8.33
C GLN A 36 -6.38 -0.73 -7.12
N VAL A 37 -5.05 -0.75 -7.08
CA VAL A 37 -4.33 -0.14 -5.98
C VAL A 37 -3.29 0.86 -6.49
N TYR A 38 -3.24 2.03 -5.86
CA TYR A 38 -2.30 3.07 -6.24
C TYR A 38 -1.54 3.58 -5.02
N VAL A 39 -0.22 3.63 -5.15
CA VAL A 39 0.64 4.09 -4.06
C VAL A 39 1.40 5.36 -4.44
N VAL A 40 1.64 6.21 -3.45
CA VAL A 40 2.36 7.45 -3.67
C VAL A 40 3.25 7.79 -2.49
N LEU A 41 4.50 8.08 -2.78
CA LEU A 41 5.48 8.39 -1.75
C LEU A 41 6.25 9.68 -2.06
N LYS A 42 6.31 10.57 -1.09
CA LYS A 42 7.02 11.84 -1.25
C LYS A 42 8.34 11.80 -0.48
N VAL A 43 9.42 12.21 -1.15
CA VAL A 43 10.74 12.21 -0.53
C VAL A 43 11.28 13.63 -0.40
N GLU A 44 11.43 14.07 0.85
CA GLU A 44 11.94 15.41 1.12
C GLU A 44 12.98 15.36 2.24
N LYS A 45 13.91 16.32 2.23
CA LYS A 45 14.96 16.39 3.23
C LYS A 45 14.40 16.41 4.65
N VAL A 46 13.12 16.77 4.79
CA VAL A 46 12.49 16.83 6.11
C VAL A 46 11.94 15.46 6.53
N THR A 47 10.74 15.14 6.08
CA THR A 47 10.12 13.86 6.43
C THR A 47 9.63 13.11 5.20
N HIS A 48 9.59 11.79 5.29
CA HIS A 48 9.13 10.95 4.18
C HIS A 48 7.68 10.52 4.42
N THR A 49 6.85 10.65 3.38
CA THR A 49 5.44 10.27 3.50
C THR A 49 5.01 9.34 2.38
N SER A 50 4.19 8.36 2.73
CA SER A 50 3.68 7.38 1.77
C SER A 50 2.19 7.16 1.97
N ASP A 51 1.46 6.96 0.88
CA ASP A 51 0.02 6.73 0.95
C ASP A 51 -0.39 5.59 0.04
N ALA A 52 -1.48 4.89 0.41
CA ALA A 52 -1.97 3.78 -0.38
C ALA A 52 -3.48 3.63 -0.28
N THR A 53 -4.15 3.81 -1.41
CA THR A 53 -5.60 3.70 -1.47
C THR A 53 -6.01 2.36 -2.08
N LEU A 54 -6.59 1.48 -1.26
CA LEU A 54 -7.00 0.17 -1.74
C LEU A 54 -8.50 0.13 -2.01
N HIS A 55 -8.90 -0.65 -3.01
CA HIS A 55 -10.31 -0.79 -3.37
C HIS A 55 -10.84 -2.14 -2.94
N VAL A 56 -12.05 -2.15 -2.38
CA VAL A 56 -12.68 -3.39 -1.91
C VAL A 56 -14.17 -3.40 -2.22
N ASN A 57 -14.60 -4.36 -3.04
CA ASN A 57 -16.00 -4.51 -3.42
C ASN A 57 -16.68 -3.15 -3.64
N GLY A 58 -17.34 -2.64 -2.60
CA GLY A 58 -18.03 -1.37 -2.72
C GLY A 58 -17.49 -0.32 -1.76
N GLY A 59 -16.20 -0.39 -1.47
CA GLY A 59 -15.58 0.54 -0.56
C GLY A 59 -14.14 0.83 -0.92
N GLU A 60 -13.61 1.94 -0.42
CA GLU A 60 -12.24 2.33 -0.71
C GLU A 60 -11.54 2.88 0.54
N ILE A 61 -10.43 2.26 0.92
CA ILE A 61 -9.67 2.69 2.08
C ILE A 61 -8.44 3.50 1.64
N HIS A 62 -8.13 4.54 2.38
CA HIS A 62 -6.98 5.38 2.08
C HIS A 62 -6.15 5.65 3.32
N ALA A 63 -4.94 5.10 3.36
CA ALA A 63 -4.06 5.30 4.52
C ALA A 63 -2.72 5.88 4.09
N SER A 64 -2.04 6.57 5.01
CA SER A 64 -0.75 7.17 4.72
C SER A 64 0.17 7.02 5.93
N ALA A 65 1.28 6.32 5.75
CA ALA A 65 2.23 6.11 6.84
C ALA A 65 3.57 6.77 6.54
N GLU A 66 4.33 7.04 7.59
CA GLU A 66 5.64 7.67 7.46
C GLU A 66 6.66 6.98 8.37
N GLY A 67 7.93 7.17 8.08
CA GLY A 67 8.98 6.56 8.88
C GLY A 67 10.22 7.42 8.96
N GLN A 68 11.28 6.99 8.27
CA GLN A 68 12.53 7.72 8.26
C GLN A 68 13.06 7.90 6.84
N ASP A 69 12.53 7.10 5.90
CA ASP A 69 12.94 7.16 4.50
C ASP A 69 11.86 6.58 3.61
N MET A 70 12.07 6.63 2.30
CA MET A 70 11.10 6.10 1.34
C MET A 70 10.73 4.66 1.67
N TYR A 71 11.74 3.80 1.71
CA TYR A 71 11.53 2.38 2.01
C TYR A 71 10.76 2.19 3.32
N ALA A 72 11.13 2.96 4.33
CA ALA A 72 10.48 2.88 5.64
C ALA A 72 9.00 3.22 5.54
N ALA A 73 8.69 4.33 4.88
CA ALA A 73 7.31 4.76 4.72
C ALA A 73 6.43 3.65 4.15
N ILE A 74 7.01 2.81 3.31
CA ILE A 74 6.27 1.69 2.71
C ILE A 74 5.95 0.61 3.73
N ASP A 75 6.97 0.18 4.47
CA ASP A 75 6.80 -0.87 5.47
C ASP A 75 5.65 -0.55 6.42
N GLY A 76 5.70 0.64 7.02
CA GLY A 76 4.66 1.04 7.95
C GLY A 76 3.28 1.08 7.31
N LEU A 77 3.20 1.69 6.13
CA LEU A 77 1.93 1.79 5.42
C LEU A 77 1.37 0.42 5.07
N ILE A 78 2.24 -0.48 4.63
CA ILE A 78 1.81 -1.83 4.27
C ILE A 78 1.39 -2.62 5.50
N ASP A 79 1.84 -2.18 6.68
CA ASP A 79 1.48 -2.85 7.93
C ASP A 79 0.06 -2.51 8.33
N LYS A 80 -0.24 -1.22 8.42
CA LYS A 80 -1.57 -0.76 8.79
C LYS A 80 -2.61 -1.19 7.76
N LEU A 81 -2.24 -1.11 6.48
CA LEU A 81 -3.13 -1.49 5.40
C LEU A 81 -3.55 -2.95 5.53
N ALA A 82 -2.57 -3.82 5.75
CA ALA A 82 -2.85 -5.25 5.89
C ALA A 82 -3.89 -5.50 6.98
N ARG A 83 -3.53 -5.14 8.23
CA ARG A 83 -4.44 -5.33 9.36
C ARG A 83 -5.83 -4.76 9.06
N GLN A 84 -5.87 -3.73 8.23
CA GLN A 84 -7.14 -3.10 7.85
C GLN A 84 -7.92 -4.00 6.90
N LEU A 85 -7.19 -4.63 5.97
CA LEU A 85 -7.82 -5.51 5.00
C LEU A 85 -8.52 -6.67 5.70
N THR A 86 -7.87 -7.24 6.71
CA THR A 86 -8.44 -8.35 7.45
C THR A 86 -9.69 -7.91 8.20
N LYS A 87 -9.64 -6.71 8.76
CA LYS A 87 -10.77 -6.16 9.51
C LYS A 87 -12.06 -6.19 8.68
N HIS A 88 -12.05 -5.47 7.57
CA HIS A 88 -13.22 -5.40 6.70
C HIS A 88 -13.49 -6.75 6.03
N LYS A 89 -12.45 -7.56 5.89
CA LYS A 89 -12.57 -8.87 5.26
C LYS A 89 -13.24 -9.87 6.20
N ASP A 90 -13.30 -9.53 7.49
CA ASP A 90 -13.92 -10.41 8.48
C ASP A 90 -15.44 -10.41 8.35
N LYS A 91 -16.00 -9.24 8.10
CA LYS A 91 -17.45 -9.11 7.95
C LYS A 91 -17.98 -10.05 6.88
N LEU A 92 -17.15 -10.35 5.89
CA LEU A 92 -17.53 -11.26 4.81
C LEU A 92 -17.35 -12.71 5.22
N LYS A 93 -18.04 -13.10 6.29
CA LYS A 93 -17.96 -14.48 6.78
C LYS A 93 -19.29 -14.92 7.37
N GLN A 94 -19.84 -16.01 6.83
CA GLN A 94 -21.12 -16.54 7.31
C GLN A 94 -21.11 -18.06 7.29
N HIS A 95 -19.94 -18.64 7.54
CA HIS A 95 -19.80 -20.09 7.57
C HIS A 95 -18.62 -20.52 8.44
N MET A 1 -4.03 -7.40 -10.24
CA MET A 1 -2.63 -6.92 -10.37
C MET A 1 -2.58 -5.52 -10.99
N GLN A 2 -3.62 -4.73 -10.75
CA GLN A 2 -3.70 -3.38 -11.29
C GLN A 2 -3.14 -2.37 -10.29
N LEU A 3 -1.88 -2.53 -9.92
CA LEU A 3 -1.23 -1.63 -8.97
C LEU A 3 -0.43 -0.56 -9.69
N ASN A 4 -0.60 0.69 -9.27
CA ASN A 4 0.12 1.80 -9.90
C ASN A 4 0.74 2.70 -8.83
N ILE A 5 1.98 3.14 -9.09
CA ILE A 5 2.69 4.00 -8.15
C ILE A 5 3.10 5.31 -8.81
N THR A 6 3.23 6.36 -8.01
CA THR A 6 3.64 7.66 -8.51
C THR A 6 4.71 8.26 -7.62
N GLY A 7 5.89 8.50 -8.18
CA GLY A 7 6.97 9.06 -7.41
C GLY A 7 7.13 10.56 -7.59
N ASN A 8 7.09 11.29 -6.48
CA ASN A 8 7.23 12.75 -6.52
C ASN A 8 8.60 13.16 -5.98
N ASN A 9 9.44 13.67 -6.87
CA ASN A 9 10.78 14.10 -6.48
C ASN A 9 11.62 12.91 -6.03
N VAL A 10 11.43 11.78 -6.70
CA VAL A 10 12.18 10.57 -6.37
C VAL A 10 12.36 9.69 -7.61
N GLU A 11 13.57 9.20 -7.81
CA GLU A 11 13.87 8.33 -8.96
C GLU A 11 13.26 6.95 -8.77
N ILE A 12 12.33 6.59 -9.64
CA ILE A 12 11.67 5.29 -9.57
C ILE A 12 12.54 4.20 -10.18
N THR A 13 13.32 3.54 -9.33
CA THR A 13 14.20 2.46 -9.79
C THR A 13 13.51 1.10 -9.64
N GLU A 14 13.74 0.22 -10.61
CA GLU A 14 13.15 -1.12 -10.62
C GLU A 14 13.09 -1.71 -9.21
N ALA A 15 14.13 -1.48 -8.41
CA ALA A 15 14.18 -2.01 -7.06
C ALA A 15 13.08 -1.40 -6.20
N LEU A 16 12.92 -0.08 -6.28
CA LEU A 16 11.89 0.61 -5.52
C LEU A 16 10.50 0.05 -5.80
N ARG A 17 10.02 0.27 -7.03
CA ARG A 17 8.71 -0.21 -7.42
C ARG A 17 8.52 -1.67 -7.04
N GLU A 18 9.57 -2.46 -7.16
CA GLU A 18 9.52 -3.87 -6.82
C GLU A 18 9.18 -4.06 -5.34
N PHE A 19 9.88 -3.31 -4.47
CA PHE A 19 9.65 -3.40 -3.04
C PHE A 19 8.18 -3.17 -2.69
N VAL A 20 7.59 -2.14 -3.28
CA VAL A 20 6.18 -1.81 -3.03
C VAL A 20 5.29 -2.95 -3.50
N THR A 21 5.46 -3.37 -4.74
CA THR A 21 4.66 -4.45 -5.31
C THR A 21 4.91 -5.75 -4.55
N ALA A 22 6.14 -5.91 -4.05
CA ALA A 22 6.51 -7.10 -3.31
C ALA A 22 5.62 -7.29 -2.09
N LYS A 23 5.42 -6.19 -1.35
CA LYS A 23 4.59 -6.23 -0.15
C LYS A 23 3.14 -6.53 -0.51
N PHE A 24 2.59 -5.72 -1.42
CA PHE A 24 1.21 -5.90 -1.86
C PHE A 24 0.96 -7.35 -2.30
N ALA A 25 1.91 -7.89 -3.06
CA ALA A 25 1.80 -9.26 -3.53
C ALA A 25 1.56 -10.23 -2.38
N LYS A 26 2.43 -10.18 -1.38
CA LYS A 26 2.32 -11.04 -0.22
C LYS A 26 0.93 -10.90 0.42
N LEU A 27 0.34 -9.72 0.27
CA LEU A 27 -0.99 -9.46 0.81
C LEU A 27 -2.08 -10.00 -0.11
N GLU A 28 -1.76 -10.06 -1.41
CA GLU A 28 -2.70 -10.57 -2.40
C GLU A 28 -3.04 -12.04 -2.18
N GLN A 29 -2.26 -12.70 -1.33
CA GLN A 29 -2.49 -14.11 -1.03
C GLN A 29 -3.79 -14.30 -0.24
N TYR A 30 -3.86 -13.65 0.92
CA TYR A 30 -5.05 -13.75 1.77
C TYR A 30 -6.11 -12.71 1.38
N PHE A 31 -5.72 -11.75 0.55
CA PHE A 31 -6.64 -10.72 0.10
C PHE A 31 -7.10 -10.99 -1.33
N ASP A 32 -8.41 -11.15 -1.51
CA ASP A 32 -8.97 -11.41 -2.83
C ASP A 32 -9.72 -10.19 -3.35
N ARG A 33 -10.23 -9.37 -2.44
CA ARG A 33 -10.97 -8.18 -2.81
C ARG A 33 -10.02 -7.05 -3.22
N ILE A 34 -9.33 -7.26 -4.33
CA ILE A 34 -8.38 -6.26 -4.83
C ILE A 34 -8.47 -6.14 -6.34
N ASN A 35 -8.74 -4.94 -6.83
CA ASN A 35 -8.84 -4.70 -8.27
C ASN A 35 -7.89 -3.60 -8.71
N GLN A 36 -8.03 -2.42 -8.11
CA GLN A 36 -7.18 -1.28 -8.46
C GLN A 36 -6.56 -0.66 -7.21
N VAL A 37 -5.24 -0.70 -7.13
CA VAL A 37 -4.53 -0.14 -5.99
C VAL A 37 -3.50 0.90 -6.44
N TYR A 38 -3.45 2.03 -5.74
CA TYR A 38 -2.51 3.09 -6.08
C TYR A 38 -1.76 3.57 -4.84
N VAL A 39 -0.46 3.79 -4.99
CA VAL A 39 0.38 4.25 -3.89
C VAL A 39 1.32 5.36 -4.34
N VAL A 40 1.60 6.29 -3.43
CA VAL A 40 2.49 7.40 -3.73
C VAL A 40 3.33 7.78 -2.53
N LEU A 41 4.61 8.03 -2.78
CA LEU A 41 5.54 8.39 -1.72
C LEU A 41 6.36 9.62 -2.07
N LYS A 42 6.42 10.56 -1.14
CA LYS A 42 7.18 11.79 -1.35
C LYS A 42 8.50 11.72 -0.58
N VAL A 43 9.59 12.11 -1.24
CA VAL A 43 10.91 12.09 -0.63
C VAL A 43 11.48 13.48 -0.47
N GLU A 44 11.70 13.90 0.77
CA GLU A 44 12.25 15.21 1.06
C GLU A 44 13.31 15.11 2.16
N LYS A 45 14.27 16.03 2.14
CA LYS A 45 15.34 16.04 3.13
C LYS A 45 14.80 16.03 4.56
N VAL A 46 13.55 16.43 4.73
CA VAL A 46 12.93 16.46 6.06
C VAL A 46 12.35 15.09 6.44
N THR A 47 11.13 14.81 6.01
CA THR A 47 10.48 13.54 6.33
C THR A 47 9.93 12.87 5.08
N HIS A 48 9.80 11.55 5.13
CA HIS A 48 9.27 10.78 4.00
C HIS A 48 7.82 10.39 4.27
N THR A 49 6.97 10.58 3.27
CA THR A 49 5.55 10.26 3.41
C THR A 49 5.05 9.39 2.26
N SER A 50 4.18 8.44 2.59
CA SER A 50 3.62 7.54 1.60
C SER A 50 2.12 7.33 1.83
N ASP A 51 1.36 7.18 0.74
CA ASP A 51 -0.07 6.99 0.84
C ASP A 51 -0.50 5.71 0.15
N ALA A 52 -1.55 5.07 0.68
CA ALA A 52 -2.05 3.83 0.13
C ALA A 52 -3.58 3.87 -0.02
N THR A 53 -4.07 3.31 -1.12
CA THR A 53 -5.51 3.27 -1.37
C THR A 53 -5.92 1.94 -1.98
N LEU A 54 -6.57 1.10 -1.19
CA LEU A 54 -7.02 -0.20 -1.65
C LEU A 54 -8.50 -0.19 -2.00
N HIS A 55 -8.87 -0.93 -3.03
CA HIS A 55 -10.26 -1.00 -3.47
C HIS A 55 -10.89 -2.32 -3.05
N VAL A 56 -12.14 -2.25 -2.59
CA VAL A 56 -12.86 -3.44 -2.14
C VAL A 56 -14.29 -3.43 -2.67
N ASN A 57 -14.87 -4.61 -2.83
CA ASN A 57 -16.23 -4.73 -3.33
C ASN A 57 -17.23 -4.14 -2.33
N GLY A 58 -17.76 -2.98 -2.65
CA GLY A 58 -18.72 -2.32 -1.77
C GLY A 58 -18.10 -1.21 -0.95
N GLY A 59 -16.78 -1.27 -0.78
CA GLY A 59 -16.11 -0.25 0.01
C GLY A 59 -14.67 -0.03 -0.44
N GLU A 60 -14.09 1.09 -0.03
CA GLU A 60 -12.71 1.42 -0.39
C GLU A 60 -11.98 2.06 0.79
N ILE A 61 -10.78 1.57 1.08
CA ILE A 61 -9.99 2.10 2.18
C ILE A 61 -8.90 3.04 1.68
N HIS A 62 -8.72 4.16 2.39
CA HIS A 62 -7.71 5.13 2.03
C HIS A 62 -6.92 5.57 3.26
N ALA A 63 -5.65 5.20 3.31
CA ALA A 63 -4.80 5.56 4.44
C ALA A 63 -3.39 5.93 3.99
N SER A 64 -2.63 6.54 4.89
CA SER A 64 -1.26 6.94 4.60
C SER A 64 -0.37 6.69 5.80
N ALA A 65 0.91 6.42 5.56
CA ALA A 65 1.84 6.15 6.64
C ALA A 65 3.21 6.77 6.35
N GLU A 66 3.95 7.06 7.42
CA GLU A 66 5.28 7.63 7.31
C GLU A 66 6.24 6.97 8.30
N GLY A 67 7.53 7.14 8.08
CA GLY A 67 8.52 6.56 8.96
C GLY A 67 9.77 7.39 9.08
N GLN A 68 10.81 7.00 8.35
CA GLN A 68 12.08 7.71 8.36
C GLN A 68 12.70 7.82 6.96
N ASP A 69 12.29 6.92 6.06
CA ASP A 69 12.80 6.92 4.70
C ASP A 69 11.78 6.31 3.74
N MET A 70 12.10 6.31 2.45
CA MET A 70 11.21 5.75 1.44
C MET A 70 10.90 4.28 1.72
N TYR A 71 11.78 3.62 2.45
CA TYR A 71 11.59 2.20 2.78
C TYR A 71 10.71 2.04 4.01
N ALA A 72 10.94 2.89 5.01
CA ALA A 72 10.16 2.83 6.24
C ALA A 72 8.72 3.27 6.01
N ALA A 73 8.55 4.29 5.17
CA ALA A 73 7.22 4.79 4.84
C ALA A 73 6.32 3.69 4.29
N ILE A 74 6.90 2.82 3.46
CA ILE A 74 6.16 1.73 2.86
C ILE A 74 5.92 0.61 3.88
N ASP A 75 6.87 0.45 4.81
CA ASP A 75 6.76 -0.57 5.84
C ASP A 75 5.53 -0.32 6.72
N GLY A 76 5.46 0.87 7.30
CA GLY A 76 4.33 1.22 8.15
C GLY A 76 3.04 1.36 7.38
N LEU A 77 3.15 1.76 6.10
CA LEU A 77 1.98 1.93 5.25
C LEU A 77 1.33 0.58 4.96
N ILE A 78 2.15 -0.41 4.67
CA ILE A 78 1.67 -1.75 4.37
C ILE A 78 1.32 -2.51 5.65
N ASP A 79 1.81 -2.00 6.78
CA ASP A 79 1.54 -2.64 8.07
C ASP A 79 0.13 -2.33 8.54
N LYS A 80 -0.17 -1.05 8.69
CA LYS A 80 -1.50 -0.62 9.13
C LYS A 80 -2.55 -0.96 8.08
N LEU A 81 -2.17 -0.86 6.81
CA LEU A 81 -3.09 -1.16 5.72
C LEU A 81 -3.54 -2.62 5.78
N ALA A 82 -2.58 -3.53 5.92
CA ALA A 82 -2.88 -4.95 6.00
C ALA A 82 -3.89 -5.23 7.11
N ARG A 83 -3.52 -4.87 8.34
CA ARG A 83 -4.38 -5.08 9.50
C ARG A 83 -5.80 -4.57 9.23
N GLN A 84 -5.90 -3.51 8.42
CA GLN A 84 -7.19 -2.93 8.10
C GLN A 84 -7.92 -3.76 7.05
N LEU A 85 -7.20 -4.17 6.02
CA LEU A 85 -7.77 -4.99 4.95
C LEU A 85 -8.32 -6.30 5.50
N THR A 86 -7.56 -6.93 6.39
CA THR A 86 -7.97 -8.20 6.99
C THR A 86 -9.18 -8.01 7.91
N LYS A 87 -9.17 -6.92 8.68
CA LYS A 87 -10.27 -6.63 9.60
C LYS A 87 -11.62 -6.64 8.89
N HIS A 88 -11.80 -5.70 7.96
CA HIS A 88 -13.05 -5.61 7.22
C HIS A 88 -13.30 -6.87 6.39
N LYS A 89 -12.25 -7.38 5.76
CA LYS A 89 -12.35 -8.59 4.95
C LYS A 89 -12.85 -9.77 5.77
N ASP A 90 -12.70 -9.68 7.09
CA ASP A 90 -13.14 -10.75 7.97
C ASP A 90 -14.66 -10.74 8.14
N LYS A 91 -15.24 -9.54 8.12
CA LYS A 91 -16.68 -9.38 8.26
C LYS A 91 -17.43 -10.22 7.23
N LEU A 92 -16.81 -10.43 6.07
CA LEU A 92 -17.43 -11.21 5.01
C LEU A 92 -17.42 -12.70 5.35
N LYS A 93 -16.24 -13.31 5.29
CA LYS A 93 -16.10 -14.74 5.60
C LYS A 93 -16.87 -15.59 4.59
N GLN A 94 -18.19 -15.67 4.77
CA GLN A 94 -19.04 -16.46 3.89
C GLN A 94 -20.10 -15.58 3.24
N HIS A 95 -20.95 -16.20 2.42
CA HIS A 95 -22.02 -15.48 1.75
C HIS A 95 -23.36 -16.16 1.97
N MET A 1 -5.37 -7.22 -11.39
CA MET A 1 -3.99 -6.74 -11.12
C MET A 1 -3.73 -5.38 -11.76
N GLN A 2 -4.66 -4.45 -11.55
CA GLN A 2 -4.53 -3.11 -12.10
C GLN A 2 -4.06 -2.12 -11.04
N LEU A 3 -2.78 -2.17 -10.73
CA LEU A 3 -2.20 -1.27 -9.73
C LEU A 3 -1.06 -0.45 -10.32
N ASN A 4 -0.88 0.76 -9.81
CA ASN A 4 0.17 1.64 -10.29
C ASN A 4 0.74 2.49 -9.15
N ILE A 5 1.89 3.09 -9.39
CA ILE A 5 2.55 3.93 -8.39
C ILE A 5 2.94 5.27 -8.99
N THR A 6 3.02 6.29 -8.13
CA THR A 6 3.40 7.63 -8.57
C THR A 6 4.44 8.22 -7.62
N GLY A 7 5.62 8.53 -8.16
CA GLY A 7 6.67 9.09 -7.35
C GLY A 7 6.81 10.59 -7.51
N ASN A 8 6.65 11.33 -6.41
CA ASN A 8 6.77 12.77 -6.43
C ASN A 8 8.10 13.21 -5.81
N ASN A 9 8.98 13.74 -6.64
CA ASN A 9 10.30 14.19 -6.17
C ASN A 9 11.15 13.00 -5.76
N VAL A 10 10.97 11.88 -6.46
CA VAL A 10 11.72 10.66 -6.17
C VAL A 10 11.88 9.81 -7.43
N GLU A 11 13.09 9.31 -7.65
CA GLU A 11 13.38 8.49 -8.81
C GLU A 11 12.88 7.05 -8.60
N ILE A 12 11.92 6.64 -9.41
CA ILE A 12 11.36 5.30 -9.31
C ILE A 12 12.35 4.24 -9.82
N THR A 13 13.13 3.68 -8.89
CA THR A 13 14.11 2.66 -9.24
C THR A 13 13.51 1.26 -9.13
N GLU A 14 13.76 0.43 -10.14
CA GLU A 14 13.24 -0.93 -10.19
C GLU A 14 13.22 -1.59 -8.82
N ALA A 15 14.22 -1.28 -7.99
CA ALA A 15 14.30 -1.84 -6.65
C ALA A 15 13.18 -1.32 -5.76
N LEU A 16 12.98 0.00 -5.78
CA LEU A 16 11.95 0.63 -4.98
C LEU A 16 10.57 0.07 -5.33
N ARG A 17 10.20 0.19 -6.61
CA ARG A 17 8.91 -0.30 -7.08
C ARG A 17 8.73 -1.77 -6.75
N GLU A 18 9.78 -2.56 -6.95
CA GLU A 18 9.74 -3.98 -6.67
C GLU A 18 9.40 -4.24 -5.21
N PHE A 19 10.04 -3.49 -4.31
CA PHE A 19 9.79 -3.64 -2.88
C PHE A 19 8.31 -3.43 -2.55
N VAL A 20 7.72 -2.40 -3.14
CA VAL A 20 6.32 -2.08 -2.91
C VAL A 20 5.43 -3.24 -3.37
N THR A 21 5.62 -3.65 -4.63
CA THR A 21 4.82 -4.74 -5.20
C THR A 21 5.08 -6.04 -4.44
N ALA A 22 6.29 -6.18 -3.90
CA ALA A 22 6.67 -7.38 -3.17
C ALA A 22 5.73 -7.60 -1.98
N LYS A 23 5.47 -6.54 -1.23
CA LYS A 23 4.59 -6.61 -0.07
C LYS A 23 3.16 -6.90 -0.51
N PHE A 24 2.66 -6.10 -1.44
CA PHE A 24 1.30 -6.27 -1.96
C PHE A 24 1.07 -7.71 -2.39
N ALA A 25 2.01 -8.26 -3.13
CA ALA A 25 1.92 -9.64 -3.60
C ALA A 25 1.64 -10.59 -2.44
N LYS A 26 2.46 -10.49 -1.40
CA LYS A 26 2.31 -11.33 -0.21
C LYS A 26 0.89 -11.23 0.35
N LEU A 27 0.27 -10.06 0.14
CA LEU A 27 -1.09 -9.84 0.62
C LEU A 27 -2.10 -10.50 -0.31
N GLU A 28 -1.76 -10.55 -1.60
CA GLU A 28 -2.62 -11.16 -2.60
C GLU A 28 -2.93 -12.62 -2.27
N GLN A 29 -2.17 -13.20 -1.34
CA GLN A 29 -2.39 -14.58 -0.94
C GLN A 29 -3.65 -14.72 -0.09
N TYR A 30 -3.73 -13.93 0.96
CA TYR A 30 -4.90 -13.96 1.85
C TYR A 30 -5.92 -12.90 1.46
N PHE A 31 -5.48 -11.85 0.80
CA PHE A 31 -6.37 -10.78 0.38
C PHE A 31 -6.76 -10.93 -1.08
N ASP A 32 -8.06 -11.10 -1.33
CA ASP A 32 -8.56 -11.26 -2.68
C ASP A 32 -9.28 -9.99 -3.17
N ARG A 33 -9.81 -9.23 -2.23
CA ARG A 33 -10.51 -7.99 -2.56
C ARG A 33 -9.52 -6.93 -3.04
N ILE A 34 -8.90 -7.17 -4.18
CA ILE A 34 -7.94 -6.23 -4.75
C ILE A 34 -8.10 -6.11 -6.26
N ASN A 35 -8.55 -4.95 -6.71
CA ASN A 35 -8.75 -4.72 -8.14
C ASN A 35 -7.87 -3.57 -8.62
N GLN A 36 -8.06 -2.39 -8.03
CA GLN A 36 -7.28 -1.22 -8.40
C GLN A 36 -6.61 -0.61 -7.18
N VAL A 37 -5.28 -0.60 -7.18
CA VAL A 37 -4.51 -0.05 -6.06
C VAL A 37 -3.49 0.96 -6.55
N TYR A 38 -3.42 2.10 -5.87
CA TYR A 38 -2.47 3.15 -6.23
C TYR A 38 -1.68 3.60 -5.01
N VAL A 39 -0.37 3.70 -5.18
CA VAL A 39 0.51 4.12 -4.09
C VAL A 39 1.40 5.28 -4.51
N VAL A 40 1.68 6.17 -3.56
CA VAL A 40 2.54 7.32 -3.83
C VAL A 40 3.41 7.64 -2.63
N LEU A 41 4.68 7.92 -2.91
CA LEU A 41 5.64 8.22 -1.87
C LEU A 41 6.44 9.50 -2.18
N LYS A 42 6.48 10.41 -1.22
CA LYS A 42 7.21 11.66 -1.39
C LYS A 42 8.49 11.64 -0.56
N VAL A 43 9.56 12.19 -1.12
CA VAL A 43 10.85 12.23 -0.44
C VAL A 43 11.32 13.67 -0.24
N GLU A 44 11.39 14.10 1.02
CA GLU A 44 11.84 15.44 1.34
C GLU A 44 12.86 15.40 2.48
N LYS A 45 13.74 16.40 2.49
CA LYS A 45 14.78 16.49 3.51
C LYS A 45 14.23 16.35 4.93
N VAL A 46 12.93 16.60 5.09
CA VAL A 46 12.31 16.51 6.42
C VAL A 46 11.81 15.10 6.72
N THR A 47 10.60 14.77 6.26
CA THR A 47 10.03 13.45 6.50
C THR A 47 9.50 12.83 5.21
N HIS A 48 9.45 11.50 5.17
CA HIS A 48 8.95 10.79 4.01
C HIS A 48 7.47 10.45 4.18
N THR A 49 6.69 10.62 3.13
CA THR A 49 5.26 10.34 3.20
C THR A 49 4.82 9.39 2.09
N SER A 50 4.09 8.36 2.48
CA SER A 50 3.58 7.37 1.53
C SER A 50 2.09 7.14 1.72
N ASP A 51 1.37 6.90 0.63
CA ASP A 51 -0.07 6.67 0.70
C ASP A 51 -0.46 5.38 -0.02
N ALA A 52 -1.44 4.67 0.55
CA ALA A 52 -1.91 3.42 -0.03
C ALA A 52 -3.43 3.36 -0.04
N THR A 53 -4.01 3.42 -1.24
CA THR A 53 -5.46 3.37 -1.40
C THR A 53 -5.89 2.08 -2.09
N LEU A 54 -6.52 1.19 -1.32
CA LEU A 54 -6.99 -0.08 -1.86
C LEU A 54 -8.47 -0.02 -2.16
N HIS A 55 -8.88 -0.72 -3.23
CA HIS A 55 -10.28 -0.76 -3.62
C HIS A 55 -10.94 -2.05 -3.17
N VAL A 56 -12.13 -1.93 -2.59
CA VAL A 56 -12.88 -3.09 -2.11
C VAL A 56 -14.33 -3.03 -2.55
N ASN A 57 -14.96 -4.20 -2.64
CA ASN A 57 -16.36 -4.29 -3.06
C ASN A 57 -17.28 -3.71 -2.00
N GLY A 58 -17.77 -2.50 -2.24
CA GLY A 58 -18.66 -1.87 -1.29
C GLY A 58 -18.00 -0.71 -0.56
N GLY A 59 -16.68 -0.69 -0.55
CA GLY A 59 -15.95 0.36 0.13
C GLY A 59 -14.52 0.49 -0.34
N GLU A 60 -13.85 1.55 0.09
CA GLU A 60 -12.45 1.78 -0.29
C GLU A 60 -11.67 2.33 0.89
N ILE A 61 -10.47 1.78 1.10
CA ILE A 61 -9.61 2.22 2.21
C ILE A 61 -8.51 3.15 1.72
N HIS A 62 -8.28 4.23 2.47
CA HIS A 62 -7.24 5.19 2.12
C HIS A 62 -6.41 5.54 3.35
N ALA A 63 -5.14 5.14 3.34
CA ALA A 63 -4.26 5.41 4.47
C ALA A 63 -2.88 5.85 3.99
N SER A 64 -2.10 6.43 4.90
CA SER A 64 -0.75 6.90 4.58
C SER A 64 0.20 6.61 5.73
N ALA A 65 1.48 6.45 5.42
CA ALA A 65 2.48 6.17 6.44
C ALA A 65 3.80 6.86 6.14
N GLU A 66 4.38 7.49 7.16
CA GLU A 66 5.65 8.20 7.00
C GLU A 66 6.78 7.40 7.64
N GLY A 67 8.00 7.62 7.18
CA GLY A 67 9.14 6.90 7.71
C GLY A 67 10.45 7.64 7.50
N GLN A 68 11.50 7.19 8.18
CA GLN A 68 12.80 7.81 8.08
C GLN A 68 13.36 7.72 6.65
N ASP A 69 12.76 6.86 5.82
CA ASP A 69 13.21 6.70 4.45
C ASP A 69 12.08 6.15 3.57
N MET A 70 12.35 6.03 2.28
CA MET A 70 11.35 5.51 1.34
C MET A 70 10.99 4.06 1.65
N TYR A 71 11.83 3.40 2.44
CA TYR A 71 11.60 2.00 2.79
C TYR A 71 10.72 1.91 4.04
N ALA A 72 10.98 2.79 5.00
CA ALA A 72 10.21 2.81 6.25
C ALA A 72 8.76 3.19 5.99
N ALA A 73 8.56 4.19 5.14
CA ALA A 73 7.22 4.66 4.79
C ALA A 73 6.35 3.51 4.30
N ILE A 74 6.94 2.62 3.50
CA ILE A 74 6.23 1.48 2.95
C ILE A 74 5.96 0.44 4.04
N ASP A 75 6.88 0.34 4.99
CA ASP A 75 6.73 -0.61 6.08
C ASP A 75 5.47 -0.32 6.89
N GLY A 76 5.36 0.90 7.39
CA GLY A 76 4.20 1.28 8.16
C GLY A 76 2.96 1.43 7.30
N LEU A 77 3.16 1.63 6.01
CA LEU A 77 2.06 1.79 5.07
C LEU A 77 1.39 0.44 4.81
N ILE A 78 2.20 -0.57 4.56
CA ILE A 78 1.70 -1.92 4.30
C ILE A 78 1.31 -2.62 5.59
N ASP A 79 1.75 -2.08 6.73
CA ASP A 79 1.43 -2.66 8.02
C ASP A 79 0.01 -2.27 8.44
N LYS A 80 -0.23 -0.96 8.51
CA LYS A 80 -1.54 -0.46 8.90
C LYS A 80 -2.59 -0.83 7.86
N LEU A 81 -2.18 -0.87 6.60
CA LEU A 81 -3.08 -1.21 5.50
C LEU A 81 -3.56 -2.65 5.62
N ALA A 82 -2.64 -3.57 5.86
CA ALA A 82 -2.99 -4.98 5.99
C ALA A 82 -3.99 -5.19 7.13
N ARG A 83 -3.63 -4.76 8.32
CA ARG A 83 -4.47 -4.89 9.49
C ARG A 83 -5.89 -4.36 9.22
N GLN A 84 -5.97 -3.29 8.44
CA GLN A 84 -7.26 -2.71 8.10
C GLN A 84 -7.99 -3.58 7.09
N LEU A 85 -7.25 -4.04 6.08
CA LEU A 85 -7.83 -4.90 5.05
C LEU A 85 -8.43 -6.15 5.67
N THR A 86 -7.71 -6.73 6.62
CA THR A 86 -8.17 -7.94 7.30
C THR A 86 -9.47 -7.67 8.06
N LYS A 87 -9.54 -6.52 8.73
CA LYS A 87 -10.72 -6.14 9.49
C LYS A 87 -11.97 -6.26 8.63
N HIS A 88 -11.96 -5.63 7.46
CA HIS A 88 -13.10 -5.68 6.55
C HIS A 88 -13.17 -7.02 5.84
N LYS A 89 -12.05 -7.74 5.79
CA LYS A 89 -11.99 -9.03 5.14
C LYS A 89 -12.84 -10.06 5.89
N ASP A 90 -13.03 -9.83 7.19
CA ASP A 90 -13.83 -10.74 8.01
C ASP A 90 -15.25 -10.86 7.48
N LYS A 91 -15.70 -9.83 6.76
CA LYS A 91 -17.04 -9.82 6.19
C LYS A 91 -17.28 -11.07 5.32
N LEU A 92 -16.22 -11.57 4.71
CA LEU A 92 -16.32 -12.75 3.86
C LEU A 92 -15.23 -13.76 4.21
N LYS A 93 -15.49 -14.58 5.23
CA LYS A 93 -14.53 -15.58 5.67
C LYS A 93 -15.15 -16.98 5.57
N GLN A 94 -16.38 -17.12 6.05
CA GLN A 94 -17.07 -18.40 6.02
C GLN A 94 -17.33 -18.84 4.59
N HIS A 95 -17.16 -20.14 4.33
CA HIS A 95 -17.37 -20.69 3.00
C HIS A 95 -16.45 -20.03 1.97
N MET A 1 -6.51 -6.93 -10.51
CA MET A 1 -5.04 -7.11 -10.37
C MET A 1 -4.28 -6.02 -11.12
N GLN A 2 -4.83 -4.81 -11.12
CA GLN A 2 -4.20 -3.69 -11.80
C GLN A 2 -3.72 -2.64 -10.80
N LEU A 3 -2.41 -2.58 -10.60
CA LEU A 3 -1.82 -1.63 -9.67
C LEU A 3 -0.80 -0.75 -10.37
N ASN A 4 -0.69 0.51 -9.93
CA ASN A 4 0.26 1.45 -10.51
C ASN A 4 0.91 2.30 -9.43
N ILE A 5 2.11 2.79 -9.71
CA ILE A 5 2.85 3.61 -8.76
C ILE A 5 3.08 5.02 -9.31
N THR A 6 3.15 5.99 -8.41
CA THR A 6 3.38 7.38 -8.79
C THR A 6 4.07 8.11 -7.65
N GLY A 7 5.27 8.60 -7.90
CA GLY A 7 6.01 9.30 -6.86
C GLY A 7 6.27 10.76 -7.17
N ASN A 8 6.07 11.61 -6.17
CA ASN A 8 6.30 13.05 -6.32
C ASN A 8 7.75 13.39 -5.95
N ASN A 9 8.54 13.73 -6.96
CA ASN A 9 9.95 14.07 -6.73
C ASN A 9 10.73 12.81 -6.38
N VAL A 10 10.44 11.72 -7.08
CA VAL A 10 11.11 10.45 -6.83
C VAL A 10 11.16 9.60 -8.10
N GLU A 11 12.31 9.03 -8.39
CA GLU A 11 12.48 8.20 -9.58
C GLU A 11 12.13 6.74 -9.28
N ILE A 12 11.20 6.20 -10.05
CA ILE A 12 10.78 4.81 -9.88
C ILE A 12 11.87 3.84 -10.33
N THR A 13 12.48 3.16 -9.38
CA THR A 13 13.54 2.20 -9.68
C THR A 13 13.10 0.78 -9.34
N GLU A 14 13.54 -0.19 -10.13
CA GLU A 14 13.19 -1.60 -9.94
C GLU A 14 13.03 -1.96 -8.47
N ALA A 15 14.03 -1.63 -7.65
CA ALA A 15 13.99 -1.92 -6.22
C ALA A 15 12.78 -1.25 -5.56
N LEU A 16 12.59 0.03 -5.87
CA LEU A 16 11.47 0.79 -5.31
C LEU A 16 10.14 0.11 -5.62
N ARG A 17 9.91 -0.15 -6.90
CA ARG A 17 8.68 -0.81 -7.33
C ARG A 17 8.62 -2.24 -6.83
N GLU A 18 9.76 -2.94 -6.90
CA GLU A 18 9.83 -4.32 -6.46
C GLU A 18 9.53 -4.45 -4.96
N PHE A 19 10.28 -3.72 -4.13
CA PHE A 19 10.09 -3.78 -2.69
C PHE A 19 8.63 -3.56 -2.32
N VAL A 20 8.02 -2.52 -2.88
CA VAL A 20 6.61 -2.23 -2.60
C VAL A 20 5.74 -3.40 -3.04
N THR A 21 5.90 -3.81 -4.29
CA THR A 21 5.14 -4.93 -4.82
C THR A 21 5.40 -6.20 -4.02
N ALA A 22 6.55 -6.24 -3.34
CA ALA A 22 6.91 -7.39 -2.53
C ALA A 22 5.83 -7.69 -1.50
N LYS A 23 5.36 -6.65 -0.83
CA LYS A 23 4.31 -6.79 0.18
C LYS A 23 2.98 -7.07 -0.50
N PHE A 24 2.71 -6.34 -1.59
CA PHE A 24 1.48 -6.52 -2.36
C PHE A 24 1.40 -7.92 -2.95
N ALA A 25 2.52 -8.64 -2.94
CA ALA A 25 2.56 -10.00 -3.46
C ALA A 25 2.05 -10.98 -2.42
N LYS A 26 2.66 -10.94 -1.23
CA LYS A 26 2.26 -11.82 -0.14
C LYS A 26 0.85 -11.46 0.37
N LEU A 27 0.38 -10.27 0.00
CA LEU A 27 -0.95 -9.82 0.42
C LEU A 27 -2.01 -10.29 -0.57
N GLU A 28 -1.65 -10.29 -1.85
CA GLU A 28 -2.56 -10.73 -2.90
C GLU A 28 -3.01 -12.17 -2.69
N GLN A 29 -2.30 -12.90 -1.83
CA GLN A 29 -2.62 -14.29 -1.55
C GLN A 29 -3.92 -14.40 -0.75
N TYR A 30 -3.98 -13.73 0.39
CA TYR A 30 -5.17 -13.76 1.23
C TYR A 30 -6.15 -12.64 0.87
N PHE A 31 -5.62 -11.57 0.26
CA PHE A 31 -6.46 -10.45 -0.13
C PHE A 31 -6.93 -10.60 -1.58
N ASP A 32 -8.25 -10.69 -1.78
CA ASP A 32 -8.82 -10.85 -3.10
C ASP A 32 -9.44 -9.54 -3.59
N ARG A 33 -9.95 -8.76 -2.66
CA ARG A 33 -10.58 -7.48 -2.99
C ARG A 33 -9.53 -6.48 -3.45
N ILE A 34 -8.96 -6.72 -4.63
CA ILE A 34 -7.95 -5.84 -5.18
C ILE A 34 -8.10 -5.69 -6.69
N ASN A 35 -8.50 -4.50 -7.12
CA ASN A 35 -8.70 -4.22 -8.54
C ASN A 35 -7.81 -3.07 -8.99
N GLN A 36 -7.94 -1.91 -8.34
CA GLN A 36 -7.14 -0.75 -8.68
C GLN A 36 -6.45 -0.20 -7.43
N VAL A 37 -5.12 -0.23 -7.42
CA VAL A 37 -4.35 0.27 -6.29
C VAL A 37 -3.36 1.34 -6.74
N TYR A 38 -3.27 2.42 -5.98
CA TYR A 38 -2.35 3.51 -6.29
C TYR A 38 -1.54 3.91 -5.07
N VAL A 39 -0.23 3.99 -5.24
CA VAL A 39 0.67 4.36 -4.16
C VAL A 39 1.44 5.64 -4.50
N VAL A 40 1.73 6.44 -3.48
CA VAL A 40 2.47 7.68 -3.68
C VAL A 40 3.40 7.96 -2.51
N LEU A 41 4.64 8.28 -2.83
CA LEU A 41 5.66 8.54 -1.82
C LEU A 41 6.43 9.83 -2.12
N LYS A 42 6.51 10.71 -1.13
CA LYS A 42 7.23 11.96 -1.27
C LYS A 42 8.54 11.92 -0.51
N VAL A 43 9.60 12.45 -1.13
CA VAL A 43 10.91 12.47 -0.51
C VAL A 43 11.39 13.91 -0.29
N GLU A 44 11.60 14.26 0.98
CA GLU A 44 12.07 15.60 1.33
C GLU A 44 13.15 15.52 2.40
N LYS A 45 14.03 16.52 2.41
CA LYS A 45 15.13 16.56 3.37
C LYS A 45 14.63 16.47 4.82
N VAL A 46 13.34 16.70 5.03
CA VAL A 46 12.76 16.64 6.37
C VAL A 46 12.27 15.23 6.71
N THR A 47 11.05 14.90 6.30
CA THR A 47 10.49 13.58 6.59
C THR A 47 9.93 12.94 5.31
N HIS A 48 9.90 11.60 5.30
CA HIS A 48 9.39 10.86 4.15
C HIS A 48 7.92 10.49 4.38
N THR A 49 7.11 10.65 3.34
CA THR A 49 5.68 10.34 3.45
C THR A 49 5.21 9.45 2.30
N SER A 50 4.44 8.42 2.65
CA SER A 50 3.90 7.50 1.65
C SER A 50 2.41 7.24 1.91
N ASP A 51 1.67 7.01 0.84
CA ASP A 51 0.23 6.75 0.96
C ASP A 51 -0.18 5.59 0.06
N ALA A 52 -1.15 4.80 0.52
CA ALA A 52 -1.64 3.67 -0.25
C ALA A 52 -3.15 3.51 -0.13
N THR A 53 -3.85 3.76 -1.23
CA THR A 53 -5.30 3.65 -1.26
C THR A 53 -5.73 2.39 -2.00
N LEU A 54 -6.29 1.43 -1.27
CA LEU A 54 -6.73 0.18 -1.86
C LEU A 54 -8.23 0.18 -2.12
N HIS A 55 -8.64 -0.48 -3.21
CA HIS A 55 -10.05 -0.55 -3.56
C HIS A 55 -10.69 -1.83 -3.01
N VAL A 56 -11.81 -1.67 -2.32
CA VAL A 56 -12.53 -2.80 -1.74
C VAL A 56 -13.78 -3.12 -2.55
N ASN A 57 -14.36 -4.30 -2.29
CA ASN A 57 -15.57 -4.73 -2.99
C ASN A 57 -16.61 -3.62 -3.04
N GLY A 58 -17.20 -3.32 -1.89
CA GLY A 58 -18.20 -2.28 -1.82
C GLY A 58 -17.71 -1.06 -1.06
N GLY A 59 -16.41 -0.81 -1.12
CA GLY A 59 -15.83 0.33 -0.44
C GLY A 59 -14.39 0.58 -0.85
N GLU A 60 -13.81 1.64 -0.31
CA GLU A 60 -12.43 1.98 -0.62
C GLU A 60 -11.68 2.48 0.62
N ILE A 61 -10.53 1.89 0.88
CA ILE A 61 -9.72 2.26 2.04
C ILE A 61 -8.56 3.16 1.61
N HIS A 62 -8.24 4.15 2.44
CA HIS A 62 -7.14 5.07 2.15
C HIS A 62 -6.27 5.26 3.38
N ALA A 63 -5.04 4.78 3.32
CA ALA A 63 -4.11 4.92 4.43
C ALA A 63 -2.86 5.68 4.01
N SER A 64 -2.26 6.40 4.95
CA SER A 64 -1.05 7.18 4.68
C SER A 64 -0.13 7.10 5.90
N ALA A 65 1.12 6.70 5.69
CA ALA A 65 2.07 6.58 6.79
C ALA A 65 3.44 7.13 6.43
N GLU A 66 4.28 7.28 7.45
CA GLU A 66 5.63 7.79 7.30
C GLU A 66 6.56 7.16 8.33
N GLY A 67 7.86 7.31 8.14
CA GLY A 67 8.80 6.73 9.09
C GLY A 67 10.13 7.46 9.13
N GLN A 68 10.86 7.44 8.02
CA GLN A 68 12.15 8.11 7.94
C GLN A 68 12.78 7.98 6.55
N ASP A 69 12.33 6.99 5.77
CA ASP A 69 12.85 6.80 4.42
C ASP A 69 11.76 6.29 3.49
N MET A 70 12.11 6.13 2.21
CA MET A 70 11.14 5.65 1.23
C MET A 70 10.71 4.22 1.53
N TYR A 71 11.52 3.49 2.29
CA TYR A 71 11.22 2.12 2.63
C TYR A 71 10.43 2.04 3.93
N ALA A 72 10.77 2.91 4.88
CA ALA A 72 10.09 2.94 6.17
C ALA A 72 8.62 3.33 6.03
N ALA A 73 8.38 4.39 5.27
CA ALA A 73 7.01 4.87 5.05
C ALA A 73 6.10 3.76 4.54
N ILE A 74 6.65 2.89 3.70
CA ILE A 74 5.89 1.77 3.14
C ILE A 74 5.74 0.64 4.16
N ASP A 75 6.69 0.54 5.08
CA ASP A 75 6.65 -0.50 6.10
C ASP A 75 5.50 -0.26 7.07
N GLY A 76 5.48 0.91 7.69
CA GLY A 76 4.42 1.23 8.63
C GLY A 76 3.07 1.37 7.96
N LEU A 77 3.06 1.86 6.72
CA LEU A 77 1.82 2.03 5.97
C LEU A 77 1.28 0.68 5.51
N ILE A 78 2.14 -0.13 4.91
CA ILE A 78 1.73 -1.45 4.42
C ILE A 78 1.33 -2.36 5.58
N ASP A 79 1.76 -2.02 6.79
CA ASP A 79 1.42 -2.81 7.96
C ASP A 79 0.00 -2.50 8.41
N LYS A 80 -0.31 -1.20 8.49
CA LYS A 80 -1.63 -0.75 8.90
C LYS A 80 -2.68 -1.17 7.88
N LEU A 81 -2.28 -1.21 6.61
CA LEU A 81 -3.19 -1.61 5.54
C LEU A 81 -3.60 -3.07 5.67
N ALA A 82 -2.62 -3.96 5.82
CA ALA A 82 -2.88 -5.38 5.95
C ALA A 82 -3.87 -5.64 7.09
N ARG A 83 -3.50 -5.23 8.30
CA ARG A 83 -4.34 -5.42 9.48
C ARG A 83 -5.74 -4.87 9.26
N GLN A 84 -5.84 -3.81 8.47
CA GLN A 84 -7.13 -3.18 8.19
C GLN A 84 -7.93 -4.01 7.20
N LEU A 85 -7.28 -4.42 6.11
CA LEU A 85 -7.92 -5.23 5.08
C LEU A 85 -8.52 -6.51 5.67
N THR A 86 -7.75 -7.16 6.54
CA THR A 86 -8.21 -8.38 7.18
C THR A 86 -9.36 -8.10 8.14
N LYS A 87 -9.25 -6.99 8.86
CA LYS A 87 -10.28 -6.60 9.81
C LYS A 87 -11.66 -6.53 9.15
N HIS A 88 -11.80 -5.64 8.19
CA HIS A 88 -13.06 -5.48 7.47
C HIS A 88 -13.36 -6.71 6.61
N LYS A 89 -12.34 -7.52 6.36
CA LYS A 89 -12.50 -8.72 5.56
C LYS A 89 -13.09 -9.87 6.38
N ASP A 90 -13.04 -9.73 7.70
CA ASP A 90 -13.58 -10.75 8.60
C ASP A 90 -15.10 -10.76 8.53
N LYS A 91 -15.71 -9.60 8.77
CA LYS A 91 -17.18 -9.48 8.73
C LYS A 91 -17.73 -9.98 7.40
N LEU A 92 -16.89 -9.95 6.37
CA LEU A 92 -17.30 -10.39 5.04
C LEU A 92 -17.03 -11.89 4.88
N LYS A 93 -17.51 -12.68 5.83
CA LYS A 93 -17.31 -14.13 5.79
C LYS A 93 -18.25 -14.83 6.77
N GLN A 94 -19.35 -15.37 6.25
CA GLN A 94 -20.33 -16.06 7.08
C GLN A 94 -19.75 -17.37 7.63
N HIS A 95 -18.84 -17.25 8.58
CA HIS A 95 -18.20 -18.42 9.18
C HIS A 95 -18.83 -18.73 10.53
N MET A 1 -7.52 -5.18 -11.78
CA MET A 1 -6.34 -5.97 -11.34
C MET A 1 -5.04 -5.27 -11.76
N GLN A 2 -5.09 -3.95 -11.85
CA GLN A 2 -3.92 -3.17 -12.24
C GLN A 2 -3.55 -2.15 -11.16
N LEU A 3 -2.26 -2.08 -10.83
CA LEU A 3 -1.77 -1.16 -9.82
C LEU A 3 -0.69 -0.24 -10.40
N ASN A 4 -0.62 0.98 -9.88
CA ASN A 4 0.37 1.95 -10.37
C ASN A 4 0.93 2.78 -9.22
N ILE A 5 2.10 3.37 -9.45
CA ILE A 5 2.75 4.20 -8.44
C ILE A 5 3.20 5.52 -9.05
N THR A 6 3.31 6.55 -8.21
CA THR A 6 3.74 7.87 -8.66
C THR A 6 4.77 8.44 -7.70
N GLY A 7 5.97 8.70 -8.21
CA GLY A 7 7.03 9.23 -7.38
C GLY A 7 7.24 10.72 -7.58
N ASN A 8 7.13 11.48 -6.50
CA ASN A 8 7.31 12.94 -6.56
C ASN A 8 8.70 13.32 -6.07
N ASN A 9 9.55 13.78 -6.99
CA ASN A 9 10.91 14.17 -6.66
C ASN A 9 11.72 12.97 -6.20
N VAL A 10 11.51 11.84 -6.86
CA VAL A 10 12.23 10.61 -6.52
C VAL A 10 12.38 9.71 -7.75
N GLU A 11 13.59 9.19 -7.95
CA GLU A 11 13.87 8.33 -9.08
C GLU A 11 13.26 6.95 -8.87
N ILE A 12 12.28 6.60 -9.71
CA ILE A 12 11.61 5.31 -9.62
C ILE A 12 12.49 4.19 -10.17
N THR A 13 13.25 3.55 -9.28
CA THR A 13 14.13 2.45 -9.68
C THR A 13 13.41 1.11 -9.57
N GLU A 14 13.62 0.25 -10.56
CA GLU A 14 12.99 -1.08 -10.59
C GLU A 14 12.98 -1.73 -9.21
N ALA A 15 14.00 -1.44 -8.41
CA ALA A 15 14.10 -2.01 -7.08
C ALA A 15 13.06 -1.40 -6.14
N LEU A 16 12.96 -0.07 -6.15
CA LEU A 16 12.01 0.64 -5.31
C LEU A 16 10.58 0.20 -5.61
N ARG A 17 10.14 0.46 -6.85
CA ARG A 17 8.80 0.09 -7.27
C ARG A 17 8.50 -1.37 -6.97
N GLU A 18 9.49 -2.23 -7.18
CA GLU A 18 9.34 -3.66 -6.92
C GLU A 18 9.06 -3.91 -5.44
N PHE A 19 9.78 -3.20 -4.58
CA PHE A 19 9.61 -3.35 -3.14
C PHE A 19 8.16 -3.13 -2.74
N VAL A 20 7.56 -2.06 -3.27
CA VAL A 20 6.18 -1.75 -2.96
C VAL A 20 5.25 -2.88 -3.40
N THR A 21 5.43 -3.33 -4.64
CA THR A 21 4.61 -4.41 -5.18
C THR A 21 4.90 -5.72 -4.45
N ALA A 22 6.13 -5.86 -3.97
CA ALA A 22 6.53 -7.06 -3.24
C ALA A 22 5.65 -7.28 -2.02
N LYS A 23 5.43 -6.21 -1.27
CA LYS A 23 4.60 -6.28 -0.06
C LYS A 23 3.16 -6.58 -0.43
N PHE A 24 2.62 -5.79 -1.36
CA PHE A 24 1.24 -5.98 -1.81
C PHE A 24 1.00 -7.42 -2.25
N ALA A 25 1.95 -7.96 -3.02
CA ALA A 25 1.85 -9.33 -3.51
C ALA A 25 1.62 -10.29 -2.35
N LYS A 26 2.49 -10.23 -1.34
CA LYS A 26 2.38 -11.09 -0.17
C LYS A 26 0.99 -10.97 0.45
N LEU A 27 0.38 -9.79 0.30
CA LEU A 27 -0.95 -9.55 0.84
C LEU A 27 -2.03 -10.11 -0.08
N GLU A 28 -1.70 -10.19 -1.37
CA GLU A 28 -2.62 -10.70 -2.38
C GLU A 28 -2.96 -12.17 -2.13
N GLN A 29 -2.19 -12.82 -1.27
CA GLN A 29 -2.43 -14.23 -0.96
C GLN A 29 -3.72 -14.41 -0.18
N TYR A 30 -3.82 -13.72 0.96
CA TYR A 30 -5.01 -13.80 1.80
C TYR A 30 -6.05 -12.77 1.39
N PHE A 31 -5.61 -11.70 0.71
CA PHE A 31 -6.54 -10.66 0.26
C PHE A 31 -6.93 -10.87 -1.19
N ASP A 32 -8.23 -11.07 -1.42
CA ASP A 32 -8.74 -11.28 -2.77
C ASP A 32 -9.46 -10.05 -3.29
N ARG A 33 -9.99 -9.24 -2.38
CA ARG A 33 -10.71 -8.03 -2.74
C ARG A 33 -9.74 -6.94 -3.18
N ILE A 34 -9.04 -7.18 -4.27
CA ILE A 34 -8.08 -6.21 -4.79
C ILE A 34 -8.15 -6.13 -6.31
N ASN A 35 -8.52 -4.95 -6.82
CA ASN A 35 -8.62 -4.75 -8.26
C ASN A 35 -7.66 -3.67 -8.74
N GLN A 36 -7.79 -2.47 -8.18
CA GLN A 36 -6.93 -1.35 -8.55
C GLN A 36 -6.29 -0.71 -7.33
N VAL A 37 -4.96 -0.78 -7.26
CA VAL A 37 -4.22 -0.21 -6.14
C VAL A 37 -3.22 0.83 -6.62
N TYR A 38 -3.18 1.97 -5.94
CA TYR A 38 -2.26 3.03 -6.30
C TYR A 38 -1.51 3.54 -5.06
N VAL A 39 -0.21 3.72 -5.20
CA VAL A 39 0.63 4.19 -4.10
C VAL A 39 1.46 5.40 -4.52
N VAL A 40 1.70 6.30 -3.57
CA VAL A 40 2.49 7.49 -3.83
C VAL A 40 3.29 7.89 -2.60
N LEU A 41 4.58 8.12 -2.80
CA LEU A 41 5.47 8.49 -1.72
C LEU A 41 6.33 9.70 -2.08
N LYS A 42 6.40 10.65 -1.15
CA LYS A 42 7.18 11.86 -1.36
C LYS A 42 8.49 11.78 -0.57
N VAL A 43 9.58 12.21 -1.20
CA VAL A 43 10.89 12.18 -0.57
C VAL A 43 11.44 13.58 -0.38
N GLU A 44 11.64 13.97 0.88
CA GLU A 44 12.17 15.29 1.19
C GLU A 44 13.22 15.19 2.29
N LYS A 45 14.16 16.13 2.29
CA LYS A 45 15.24 16.15 3.28
C LYS A 45 14.69 16.10 4.71
N VAL A 46 13.42 16.45 4.89
CA VAL A 46 12.80 16.43 6.22
C VAL A 46 12.27 15.05 6.57
N THR A 47 11.03 14.75 6.14
CA THR A 47 10.41 13.47 6.43
C THR A 47 9.86 12.81 5.17
N HIS A 48 9.76 11.48 5.20
CA HIS A 48 9.24 10.73 4.06
C HIS A 48 7.78 10.37 4.29
N THR A 49 6.95 10.54 3.26
CA THR A 49 5.52 10.24 3.38
C THR A 49 5.05 9.38 2.21
N SER A 50 4.18 8.41 2.53
CA SER A 50 3.63 7.52 1.51
C SER A 50 2.15 7.25 1.76
N ASP A 51 1.40 7.07 0.67
CA ASP A 51 -0.03 6.81 0.77
C ASP A 51 -0.40 5.55 0.00
N ALA A 52 -1.41 4.83 0.49
CA ALA A 52 -1.84 3.60 -0.17
C ALA A 52 -3.36 3.44 -0.11
N THR A 53 -3.99 3.58 -1.28
CA THR A 53 -5.45 3.45 -1.38
C THR A 53 -5.83 2.16 -2.09
N LEU A 54 -6.42 1.23 -1.34
CA LEU A 54 -6.82 -0.05 -1.90
C LEU A 54 -8.32 -0.07 -2.21
N HIS A 55 -8.68 -0.78 -3.28
CA HIS A 55 -10.08 -0.90 -3.69
C HIS A 55 -10.68 -2.21 -3.22
N VAL A 56 -11.90 -2.14 -2.69
CA VAL A 56 -12.59 -3.33 -2.20
C VAL A 56 -14.02 -3.37 -2.69
N ASN A 57 -14.56 -4.58 -2.85
CA ASN A 57 -15.93 -4.74 -3.32
C ASN A 57 -16.92 -4.18 -2.30
N GLY A 58 -17.47 -3.00 -2.61
CA GLY A 58 -18.42 -2.38 -1.71
C GLY A 58 -17.83 -1.20 -0.95
N GLY A 59 -16.50 -1.15 -0.87
CA GLY A 59 -15.86 -0.06 -0.17
C GLY A 59 -14.42 0.15 -0.59
N GLU A 60 -13.83 1.26 -0.16
CA GLU A 60 -12.45 1.58 -0.51
C GLU A 60 -11.72 2.17 0.69
N ILE A 61 -10.54 1.65 0.98
CA ILE A 61 -9.74 2.13 2.10
C ILE A 61 -8.60 3.04 1.63
N HIS A 62 -8.36 4.11 2.38
CA HIS A 62 -7.30 5.05 2.05
C HIS A 62 -6.47 5.38 3.29
N ALA A 63 -5.22 4.93 3.30
CA ALA A 63 -4.33 5.19 4.44
C ALA A 63 -3.02 5.82 3.99
N SER A 64 -2.38 6.57 4.88
CA SER A 64 -1.11 7.22 4.60
C SER A 64 -0.23 7.17 5.83
N ALA A 65 0.99 6.66 5.68
CA ALA A 65 1.91 6.56 6.82
C ALA A 65 3.30 7.10 6.48
N GLU A 66 4.11 7.24 7.51
CA GLU A 66 5.48 7.74 7.36
C GLU A 66 6.42 7.00 8.31
N GLY A 67 7.71 7.09 8.06
CA GLY A 67 8.67 6.41 8.90
C GLY A 67 10.00 7.12 8.98
N GLN A 68 10.75 7.13 7.88
CA GLN A 68 12.05 7.78 7.84
C GLN A 68 12.70 7.68 6.46
N ASP A 69 12.27 6.70 5.66
CA ASP A 69 12.81 6.52 4.31
C ASP A 69 11.74 6.00 3.36
N MET A 70 12.10 5.87 2.09
CA MET A 70 11.17 5.39 1.07
C MET A 70 10.71 3.96 1.38
N TYR A 71 11.49 3.24 2.18
CA TYR A 71 11.15 1.87 2.54
C TYR A 71 10.33 1.82 3.82
N ALA A 72 10.66 2.70 4.77
CA ALA A 72 9.98 2.76 6.04
C ALA A 72 8.51 3.16 5.86
N ALA A 73 8.28 4.21 5.10
CA ALA A 73 6.93 4.70 4.84
C ALA A 73 6.02 3.58 4.34
N ILE A 74 6.61 2.64 3.60
CA ILE A 74 5.85 1.52 3.06
C ILE A 74 5.63 0.45 4.12
N ASP A 75 6.56 0.33 5.05
CA ASP A 75 6.46 -0.65 6.12
C ASP A 75 5.30 -0.33 7.06
N GLY A 76 5.32 0.87 7.63
CA GLY A 76 4.26 1.29 8.53
C GLY A 76 2.93 1.46 7.82
N LEU A 77 2.97 1.99 6.61
CA LEU A 77 1.76 2.20 5.82
C LEU A 77 1.12 0.88 5.42
N ILE A 78 1.94 -0.03 4.91
CA ILE A 78 1.46 -1.34 4.49
C ILE A 78 1.10 -2.21 5.69
N ASP A 79 1.54 -1.80 6.88
CA ASP A 79 1.24 -2.54 8.10
C ASP A 79 -0.21 -2.28 8.52
N LYS A 80 -0.57 -1.02 8.63
CA LYS A 80 -1.93 -0.63 9.01
C LYS A 80 -2.94 -1.13 7.98
N LEU A 81 -2.57 -1.07 6.71
CA LEU A 81 -3.46 -1.52 5.64
C LEU A 81 -3.80 -3.00 5.79
N ALA A 82 -2.78 -3.81 6.07
CA ALA A 82 -2.98 -5.25 6.23
C ALA A 82 -3.98 -5.54 7.36
N ARG A 83 -3.61 -5.14 8.57
CA ARG A 83 -4.46 -5.37 9.74
C ARG A 83 -5.88 -4.84 9.51
N GLN A 84 -6.00 -3.76 8.76
CA GLN A 84 -7.31 -3.18 8.48
C GLN A 84 -8.08 -3.99 7.45
N LEU A 85 -7.38 -4.41 6.40
CA LEU A 85 -7.99 -5.22 5.34
C LEU A 85 -8.55 -6.52 5.90
N THR A 86 -7.79 -7.15 6.79
CA THR A 86 -8.21 -8.41 7.39
C THR A 86 -9.41 -8.20 8.30
N LYS A 87 -9.40 -7.09 9.05
CA LYS A 87 -10.49 -6.78 9.97
C LYS A 87 -11.84 -6.79 9.26
N HIS A 88 -12.01 -5.86 8.31
CA HIS A 88 -13.26 -5.76 7.56
C HIS A 88 -13.51 -7.04 6.75
N LYS A 89 -12.44 -7.70 6.33
CA LYS A 89 -12.55 -8.93 5.55
C LYS A 89 -13.08 -10.08 6.40
N ASP A 90 -13.01 -9.93 7.72
CA ASP A 90 -13.49 -10.96 8.63
C ASP A 90 -15.02 -10.96 8.68
N LYS A 91 -15.61 -9.78 8.54
CA LYS A 91 -17.06 -9.65 8.56
C LYS A 91 -17.70 -10.43 7.41
N LEU A 92 -16.96 -10.53 6.30
CA LEU A 92 -17.46 -11.25 5.14
C LEU A 92 -17.03 -12.71 5.17
N LYS A 93 -17.22 -13.35 6.32
CA LYS A 93 -16.85 -14.76 6.48
C LYS A 93 -17.90 -15.51 7.30
N GLN A 94 -19.15 -15.05 7.20
CA GLN A 94 -20.25 -15.69 7.93
C GLN A 94 -21.50 -15.77 7.06
N HIS A 95 -21.30 -15.89 5.75
CA HIS A 95 -22.41 -15.97 4.81
C HIS A 95 -22.45 -17.34 4.13
N MET A 1 -0.70 -2.54 -14.48
CA MET A 1 -2.12 -2.81 -14.14
C MET A 1 -2.26 -3.27 -12.70
N GLN A 2 -3.50 -3.31 -12.22
CA GLN A 2 -3.78 -3.72 -10.84
C GLN A 2 -3.25 -2.69 -9.85
N LEU A 3 -1.94 -2.60 -9.75
CA LEU A 3 -1.30 -1.65 -8.83
C LEU A 3 -0.42 -0.65 -9.58
N ASN A 4 -0.44 0.60 -9.14
CA ASN A 4 0.35 1.63 -9.79
C ASN A 4 1.02 2.53 -8.75
N ILE A 5 2.19 3.07 -9.09
CA ILE A 5 2.92 3.96 -8.18
C ILE A 5 3.11 5.33 -8.80
N THR A 6 3.20 6.34 -7.94
CA THR A 6 3.39 7.72 -8.41
C THR A 6 4.70 8.29 -7.88
N GLY A 7 5.59 8.66 -8.79
CA GLY A 7 6.87 9.20 -8.40
C GLY A 7 6.86 10.71 -8.32
N ASN A 8 6.94 11.24 -7.10
CA ASN A 8 6.95 12.68 -6.88
C ASN A 8 8.27 13.12 -6.25
N ASN A 9 9.09 13.82 -7.03
CA ASN A 9 10.39 14.30 -6.54
C ASN A 9 11.25 13.11 -6.08
N VAL A 10 11.05 11.96 -6.73
CA VAL A 10 11.81 10.77 -6.39
C VAL A 10 11.96 9.86 -7.60
N GLU A 11 13.17 9.33 -7.81
CA GLU A 11 13.43 8.44 -8.93
C GLU A 11 13.03 7.01 -8.61
N ILE A 12 12.04 6.50 -9.33
CA ILE A 12 11.57 5.13 -9.12
C ILE A 12 12.62 4.12 -9.57
N THR A 13 13.23 3.43 -8.62
CA THR A 13 14.24 2.43 -8.92
C THR A 13 13.68 1.02 -8.74
N GLU A 14 14.00 0.14 -9.69
CA GLU A 14 13.53 -1.25 -9.66
C GLU A 14 13.42 -1.80 -8.24
N ALA A 15 14.43 -1.52 -7.42
CA ALA A 15 14.43 -2.00 -6.04
C ALA A 15 13.27 -1.41 -5.25
N LEU A 16 13.08 -0.10 -5.37
CA LEU A 16 12.01 0.58 -4.66
C LEU A 16 10.65 0.02 -5.05
N ARG A 17 10.28 0.17 -6.31
CA ARG A 17 9.00 -0.33 -6.81
C ARG A 17 8.81 -1.81 -6.47
N GLU A 18 9.88 -2.59 -6.67
CA GLU A 18 9.83 -4.01 -6.39
C GLU A 18 9.44 -4.27 -4.93
N PHE A 19 10.06 -3.53 -4.02
CA PHE A 19 9.79 -3.67 -2.60
C PHE A 19 8.31 -3.44 -2.30
N VAL A 20 7.75 -2.40 -2.91
CA VAL A 20 6.34 -2.07 -2.71
C VAL A 20 5.45 -3.18 -3.25
N THR A 21 5.58 -3.49 -4.54
CA THR A 21 4.79 -4.53 -5.17
C THR A 21 5.02 -5.87 -4.48
N ALA A 22 6.23 -6.06 -3.93
CA ALA A 22 6.57 -7.29 -3.24
C ALA A 22 5.62 -7.55 -2.08
N LYS A 23 5.36 -6.52 -1.29
CA LYS A 23 4.46 -6.63 -0.15
C LYS A 23 3.01 -6.81 -0.62
N PHE A 24 2.59 -5.96 -1.53
CA PHE A 24 1.23 -6.02 -2.07
C PHE A 24 0.91 -7.44 -2.55
N ALA A 25 1.80 -8.00 -3.35
CA ALA A 25 1.61 -9.35 -3.88
C ALA A 25 1.34 -10.34 -2.75
N LYS A 26 2.20 -10.33 -1.73
CA LYS A 26 2.05 -11.21 -0.59
C LYS A 26 0.66 -11.10 0.02
N LEU A 27 0.07 -9.91 -0.10
CA LEU A 27 -1.27 -9.68 0.44
C LEU A 27 -2.33 -10.30 -0.47
N GLU A 28 -2.03 -10.32 -1.77
CA GLU A 28 -2.95 -10.89 -2.76
C GLU A 28 -3.21 -12.37 -2.49
N GLN A 29 -2.40 -12.98 -1.64
CA GLN A 29 -2.55 -14.39 -1.30
C GLN A 29 -3.78 -14.60 -0.41
N TYR A 30 -3.80 -13.94 0.74
CA TYR A 30 -4.92 -14.07 1.67
C TYR A 30 -6.03 -13.07 1.34
N PHE A 31 -5.69 -11.98 0.66
CA PHE A 31 -6.68 -10.98 0.28
C PHE A 31 -7.12 -11.18 -1.17
N ASP A 32 -8.42 -11.44 -1.35
CA ASP A 32 -8.97 -11.65 -2.68
C ASP A 32 -9.82 -10.45 -3.13
N ARG A 33 -9.84 -9.40 -2.31
CA ARG A 33 -10.61 -8.21 -2.63
C ARG A 33 -9.70 -7.06 -3.04
N ILE A 34 -9.01 -7.23 -4.17
CA ILE A 34 -8.10 -6.21 -4.67
C ILE A 34 -8.22 -6.05 -6.18
N ASN A 35 -8.79 -4.94 -6.61
CA ASN A 35 -8.96 -4.67 -8.03
C ASN A 35 -8.03 -3.56 -8.50
N GLN A 36 -8.13 -2.40 -7.86
CA GLN A 36 -7.29 -1.26 -8.21
C GLN A 36 -6.61 -0.68 -6.97
N VAL A 37 -5.29 -0.59 -7.01
CA VAL A 37 -4.53 -0.05 -5.90
C VAL A 37 -3.50 0.97 -6.39
N TYR A 38 -3.39 2.08 -5.67
CA TYR A 38 -2.44 3.12 -6.03
C TYR A 38 -1.66 3.59 -4.82
N VAL A 39 -0.38 3.91 -5.03
CA VAL A 39 0.49 4.36 -3.95
C VAL A 39 1.32 5.56 -4.39
N VAL A 40 1.57 6.48 -3.45
CA VAL A 40 2.36 7.67 -3.72
C VAL A 40 3.29 7.98 -2.56
N LEU A 41 4.55 8.24 -2.89
CA LEU A 41 5.56 8.51 -1.89
C LEU A 41 6.38 9.77 -2.24
N LYS A 42 6.44 10.70 -1.29
CA LYS A 42 7.17 11.94 -1.48
C LYS A 42 8.47 11.90 -0.67
N VAL A 43 9.51 12.52 -1.22
CA VAL A 43 10.81 12.56 -0.55
C VAL A 43 11.29 13.99 -0.36
N GLU A 44 11.25 14.45 0.90
CA GLU A 44 11.68 15.80 1.22
C GLU A 44 12.75 15.78 2.31
N LYS A 45 13.61 16.79 2.32
CA LYS A 45 14.68 16.89 3.30
C LYS A 45 14.15 16.80 4.72
N VAL A 46 12.86 17.02 4.92
CA VAL A 46 12.27 16.96 6.25
C VAL A 46 11.80 15.55 6.61
N THR A 47 10.59 15.19 6.20
CA THR A 47 10.05 13.86 6.49
C THR A 47 9.52 13.18 5.23
N HIS A 48 9.57 11.85 5.21
CA HIS A 48 9.08 11.09 4.07
C HIS A 48 7.59 10.79 4.22
N THR A 49 6.85 10.92 3.14
CA THR A 49 5.41 10.67 3.17
C THR A 49 4.99 9.64 2.12
N SER A 50 4.19 8.67 2.55
CA SER A 50 3.70 7.63 1.66
C SER A 50 2.22 7.35 1.92
N ASP A 51 1.45 7.18 0.85
CA ASP A 51 0.02 6.92 0.99
C ASP A 51 -0.39 5.68 0.19
N ALA A 52 -1.43 5.01 0.66
CA ALA A 52 -1.94 3.81 0.01
C ALA A 52 -3.46 3.81 -0.01
N THR A 53 -4.04 3.36 -1.12
CA THR A 53 -5.50 3.31 -1.27
C THR A 53 -5.94 2.05 -2.01
N LEU A 54 -6.57 1.13 -1.28
CA LEU A 54 -7.04 -0.12 -1.87
C LEU A 54 -8.55 -0.07 -2.10
N HIS A 55 -9.00 -0.71 -3.17
CA HIS A 55 -10.42 -0.74 -3.51
C HIS A 55 -11.02 -2.10 -3.17
N VAL A 56 -12.21 -2.08 -2.56
CA VAL A 56 -12.90 -3.31 -2.19
C VAL A 56 -14.40 -3.22 -2.46
N ASN A 57 -15.04 -4.38 -2.56
CA ASN A 57 -16.48 -4.41 -2.81
C ASN A 57 -17.26 -4.00 -1.58
N GLY A 58 -17.79 -2.77 -1.60
CA GLY A 58 -18.55 -2.27 -0.47
C GLY A 58 -17.98 -0.98 0.08
N GLY A 59 -16.70 -0.72 -0.19
CA GLY A 59 -16.07 0.50 0.29
C GLY A 59 -14.63 0.63 -0.20
N GLU A 60 -13.93 1.64 0.30
CA GLU A 60 -12.56 1.88 -0.09
C GLU A 60 -11.72 2.31 1.12
N ILE A 61 -10.55 1.69 1.27
CA ILE A 61 -9.66 2.01 2.39
C ILE A 61 -8.52 2.91 1.94
N HIS A 62 -8.22 3.92 2.75
CA HIS A 62 -7.14 4.85 2.44
C HIS A 62 -6.25 5.07 3.67
N ALA A 63 -5.01 4.58 3.60
CA ALA A 63 -4.07 4.74 4.69
C ALA A 63 -2.82 5.50 4.26
N SER A 64 -2.13 6.10 5.21
CA SER A 64 -0.92 6.86 4.92
C SER A 64 0.11 6.62 6.02
N ALA A 65 1.39 6.64 5.65
CA ALA A 65 2.46 6.43 6.62
C ALA A 65 3.72 7.18 6.25
N GLU A 66 4.67 7.23 7.17
CA GLU A 66 5.94 7.90 6.96
C GLU A 66 7.09 7.08 7.55
N GLY A 67 8.31 7.37 7.11
CA GLY A 67 9.45 6.64 7.61
C GLY A 67 10.76 7.38 7.39
N GLN A 68 11.83 6.87 7.99
CA GLN A 68 13.15 7.48 7.86
C GLN A 68 13.66 7.41 6.42
N ASP A 69 13.00 6.62 5.58
CA ASP A 69 13.40 6.48 4.19
C ASP A 69 12.23 6.02 3.34
N MET A 70 12.45 5.93 2.03
CA MET A 70 11.40 5.50 1.10
C MET A 70 10.98 4.06 1.37
N TYR A 71 11.80 3.32 2.11
CA TYR A 71 11.51 1.92 2.44
C TYR A 71 10.67 1.83 3.71
N ALA A 72 11.01 2.65 4.70
CA ALA A 72 10.30 2.66 5.97
C ALA A 72 8.84 3.05 5.78
N ALA A 73 8.61 4.11 5.01
CA ALA A 73 7.26 4.60 4.74
C ALA A 73 6.37 3.48 4.22
N ILE A 74 6.93 2.64 3.35
CA ILE A 74 6.18 1.53 2.78
C ILE A 74 5.92 0.44 3.81
N ASP A 75 6.83 0.29 4.75
CA ASP A 75 6.69 -0.72 5.80
C ASP A 75 5.49 -0.39 6.71
N GLY A 76 5.51 0.80 7.29
CA GLY A 76 4.43 1.20 8.16
C GLY A 76 3.12 1.39 7.41
N LEU A 77 3.23 1.77 6.15
CA LEU A 77 2.04 1.98 5.31
C LEU A 77 1.39 0.65 4.95
N ILE A 78 2.20 -0.28 4.47
CA ILE A 78 1.71 -1.60 4.09
C ILE A 78 1.25 -2.38 5.32
N ASP A 79 1.67 -1.93 6.50
CA ASP A 79 1.27 -2.58 7.74
C ASP A 79 -0.17 -2.22 8.07
N LYS A 80 -0.45 -0.93 8.09
CA LYS A 80 -1.80 -0.44 8.38
C LYS A 80 -2.79 -0.98 7.37
N LEU A 81 -2.36 -1.07 6.10
CA LEU A 81 -3.22 -1.57 5.04
C LEU A 81 -3.69 -3.00 5.33
N ALA A 82 -2.74 -3.89 5.63
CA ALA A 82 -3.08 -5.27 5.93
C ALA A 82 -4.14 -5.35 7.03
N ARG A 83 -3.81 -4.81 8.20
CA ARG A 83 -4.74 -4.83 9.33
C ARG A 83 -6.13 -4.36 8.93
N GLN A 84 -6.19 -3.42 7.99
CA GLN A 84 -7.45 -2.89 7.51
C GLN A 84 -8.15 -3.90 6.59
N LEU A 85 -7.39 -4.46 5.66
CA LEU A 85 -7.92 -5.43 4.72
C LEU A 85 -8.54 -6.63 5.46
N THR A 86 -7.82 -7.12 6.46
CA THR A 86 -8.30 -8.26 7.24
C THR A 86 -9.60 -7.92 7.97
N LYS A 87 -9.65 -6.74 8.57
CA LYS A 87 -10.83 -6.31 9.30
C LYS A 87 -12.10 -6.43 8.44
N HIS A 88 -12.15 -5.66 7.36
CA HIS A 88 -13.30 -5.68 6.47
C HIS A 88 -13.44 -7.03 5.78
N LYS A 89 -12.31 -7.72 5.59
CA LYS A 89 -12.32 -9.03 4.93
C LYS A 89 -13.04 -10.06 5.79
N ASP A 90 -13.14 -9.79 7.08
CA ASP A 90 -13.81 -10.72 8.00
C ASP A 90 -15.33 -10.68 7.79
N LYS A 91 -15.83 -9.52 7.40
CA LYS A 91 -17.27 -9.34 7.17
C LYS A 91 -17.82 -10.45 6.28
N LEU A 92 -16.96 -11.00 5.43
CA LEU A 92 -17.37 -12.07 4.51
C LEU A 92 -17.14 -13.44 5.16
N LYS A 93 -17.72 -13.66 6.33
CA LYS A 93 -17.58 -14.92 7.03
C LYS A 93 -18.87 -15.73 6.96
N GLN A 94 -18.92 -16.81 7.74
CA GLN A 94 -20.10 -17.67 7.77
C GLN A 94 -20.58 -17.89 9.20
N HIS A 95 -20.39 -16.89 10.04
CA HIS A 95 -20.79 -16.97 11.45
C HIS A 95 -20.06 -18.11 12.16
N MET A 1 -7.37 -5.43 -11.46
CA MET A 1 -6.39 -6.08 -10.56
C MET A 1 -4.95 -5.73 -10.94
N GLN A 2 -4.76 -4.47 -11.36
CA GLN A 2 -3.44 -4.01 -11.76
C GLN A 2 -3.11 -2.65 -11.13
N LEU A 3 -2.40 -2.68 -10.01
CA LEU A 3 -2.04 -1.47 -9.29
C LEU A 3 -1.02 -0.65 -10.08
N ASN A 4 -0.97 0.64 -9.79
CA ASN A 4 -0.04 1.56 -10.45
C ASN A 4 0.69 2.41 -9.42
N ILE A 5 1.93 2.81 -9.75
CA ILE A 5 2.72 3.62 -8.83
C ILE A 5 2.88 5.05 -9.34
N THR A 6 2.89 6.00 -8.42
CA THR A 6 3.06 7.41 -8.75
C THR A 6 3.95 8.08 -7.72
N GLY A 7 5.08 8.61 -8.16
CA GLY A 7 6.01 9.25 -7.25
C GLY A 7 6.06 10.77 -7.40
N ASN A 8 6.36 11.44 -6.30
CA ASN A 8 6.47 12.89 -6.29
C ASN A 8 7.83 13.31 -5.76
N ASN A 9 8.68 13.83 -6.65
CA ASN A 9 10.02 14.26 -6.26
C ASN A 9 10.88 13.06 -5.88
N VAL A 10 10.69 11.96 -6.60
CA VAL A 10 11.46 10.75 -6.36
C VAL A 10 11.56 9.91 -7.63
N GLU A 11 12.73 9.33 -7.86
CA GLU A 11 12.96 8.51 -9.04
C GLU A 11 12.65 7.04 -8.76
N ILE A 12 11.73 6.47 -9.54
CA ILE A 12 11.35 5.07 -9.38
C ILE A 12 12.43 4.15 -9.91
N THR A 13 13.00 3.34 -9.03
CA THR A 13 14.05 2.40 -9.43
C THR A 13 13.54 0.96 -9.36
N GLU A 14 13.89 0.17 -10.38
CA GLU A 14 13.47 -1.23 -10.46
C GLU A 14 13.39 -1.89 -9.09
N ALA A 15 14.42 -1.66 -8.26
CA ALA A 15 14.45 -2.25 -6.92
C ALA A 15 13.35 -1.67 -6.05
N LEU A 16 13.22 -0.34 -6.06
CA LEU A 16 12.21 0.34 -5.26
C LEU A 16 10.82 -0.19 -5.59
N ARG A 17 10.36 0.09 -6.81
CA ARG A 17 9.05 -0.37 -7.27
C ARG A 17 8.84 -1.84 -6.91
N GLU A 18 9.89 -2.63 -7.05
CA GLU A 18 9.84 -4.06 -6.74
C GLU A 18 9.42 -4.27 -5.29
N PHE A 19 10.03 -3.51 -4.39
CA PHE A 19 9.73 -3.62 -2.96
C PHE A 19 8.25 -3.38 -2.70
N VAL A 20 7.70 -2.34 -3.31
CA VAL A 20 6.28 -2.02 -3.13
C VAL A 20 5.40 -3.17 -3.61
N THR A 21 5.64 -3.61 -4.85
CA THR A 21 4.87 -4.71 -5.42
C THR A 21 5.06 -5.98 -4.60
N ALA A 22 6.23 -6.12 -4.00
CA ALA A 22 6.54 -7.29 -3.19
C ALA A 22 5.60 -7.38 -1.98
N LYS A 23 5.44 -6.25 -1.29
CA LYS A 23 4.56 -6.21 -0.12
C LYS A 23 3.13 -6.55 -0.51
N PHE A 24 2.56 -5.77 -1.42
CA PHE A 24 1.20 -6.00 -1.88
C PHE A 24 1.04 -7.44 -2.36
N ALA A 25 2.04 -7.93 -3.10
CA ALA A 25 2.01 -9.29 -3.61
C ALA A 25 1.73 -10.28 -2.47
N LYS A 26 2.55 -10.21 -1.42
CA LYS A 26 2.37 -11.09 -0.27
C LYS A 26 0.95 -10.99 0.28
N LEU A 27 0.34 -9.82 0.11
CA LEU A 27 -1.02 -9.62 0.58
C LEU A 27 -2.02 -10.22 -0.40
N GLU A 28 -1.60 -10.32 -1.67
CA GLU A 28 -2.45 -10.89 -2.71
C GLU A 28 -2.68 -12.39 -2.47
N GLN A 29 -1.87 -12.98 -1.60
CA GLN A 29 -1.99 -14.40 -1.29
C GLN A 29 -3.22 -14.68 -0.44
N TYR A 30 -3.27 -14.09 0.75
CA TYR A 30 -4.41 -14.29 1.65
C TYR A 30 -5.58 -13.39 1.27
N PHE A 31 -5.30 -12.25 0.63
CA PHE A 31 -6.35 -11.33 0.21
C PHE A 31 -6.38 -11.18 -1.30
N ASP A 32 -7.52 -11.52 -1.90
CA ASP A 32 -7.68 -11.43 -3.34
C ASP A 32 -8.62 -10.29 -3.73
N ARG A 33 -9.09 -9.54 -2.72
CA ARG A 33 -10.00 -8.42 -2.96
C ARG A 33 -9.21 -7.17 -3.36
N ILE A 34 -8.46 -7.27 -4.44
CA ILE A 34 -7.66 -6.14 -4.91
C ILE A 34 -7.82 -5.96 -6.42
N ASN A 35 -8.45 -4.85 -6.81
CA ASN A 35 -8.67 -4.56 -8.22
C ASN A 35 -7.81 -3.38 -8.68
N GLN A 36 -8.01 -2.24 -8.03
CA GLN A 36 -7.25 -1.03 -8.36
C GLN A 36 -6.58 -0.46 -7.12
N VAL A 37 -5.25 -0.43 -7.14
CA VAL A 37 -4.49 0.10 -6.02
C VAL A 37 -3.46 1.12 -6.48
N TYR A 38 -3.40 2.25 -5.77
CA TYR A 38 -2.46 3.31 -6.10
C TYR A 38 -1.68 3.74 -4.86
N VAL A 39 -0.40 4.03 -5.05
CA VAL A 39 0.45 4.45 -3.95
C VAL A 39 1.35 5.63 -4.34
N VAL A 40 1.57 6.52 -3.39
CA VAL A 40 2.41 7.69 -3.62
C VAL A 40 3.33 7.94 -2.44
N LEU A 41 4.59 8.21 -2.76
CA LEU A 41 5.61 8.44 -1.74
C LEU A 41 6.42 9.69 -2.03
N LYS A 42 6.44 10.61 -1.08
CA LYS A 42 7.19 11.85 -1.23
C LYS A 42 8.51 11.77 -0.48
N VAL A 43 9.56 12.34 -1.06
CA VAL A 43 10.88 12.33 -0.43
C VAL A 43 11.41 13.75 -0.23
N GLU A 44 11.39 14.18 1.03
CA GLU A 44 11.88 15.51 1.39
C GLU A 44 12.97 15.41 2.45
N LYS A 45 13.87 16.39 2.46
CA LYS A 45 14.97 16.42 3.41
C LYS A 45 14.48 16.27 4.85
N VAL A 46 13.21 16.58 5.10
CA VAL A 46 12.64 16.49 6.43
C VAL A 46 12.17 15.07 6.75
N THR A 47 10.95 14.74 6.34
CA THR A 47 10.39 13.41 6.59
C THR A 47 9.83 12.79 5.32
N HIS A 48 9.84 11.46 5.26
CA HIS A 48 9.32 10.75 4.10
C HIS A 48 7.86 10.37 4.31
N THR A 49 7.02 10.65 3.33
CA THR A 49 5.59 10.36 3.43
C THR A 49 5.14 9.41 2.33
N SER A 50 4.26 8.47 2.68
CA SER A 50 3.73 7.51 1.74
C SER A 50 2.23 7.30 1.96
N ASP A 51 1.48 7.12 0.88
CA ASP A 51 0.04 6.91 0.99
C ASP A 51 -0.40 5.68 0.20
N ALA A 52 -1.43 5.01 0.72
CA ALA A 52 -1.95 3.81 0.07
C ALA A 52 -3.47 3.84 0.00
N THR A 53 -4.02 3.37 -1.11
CA THR A 53 -5.47 3.35 -1.30
C THR A 53 -5.89 2.06 -2.01
N LEU A 54 -6.48 1.14 -1.26
CA LEU A 54 -6.93 -0.13 -1.82
C LEU A 54 -8.43 -0.09 -2.12
N HIS A 55 -8.83 -0.72 -3.22
CA HIS A 55 -10.23 -0.76 -3.61
C HIS A 55 -10.91 -2.02 -3.09
N VAL A 56 -11.90 -1.85 -2.22
CA VAL A 56 -12.64 -2.97 -1.65
C VAL A 56 -13.84 -3.32 -2.52
N ASN A 57 -14.46 -4.47 -2.23
CA ASN A 57 -15.63 -4.91 -2.99
C ASN A 57 -16.65 -3.78 -3.14
N GLY A 58 -17.08 -3.22 -2.01
CA GLY A 58 -18.04 -2.14 -2.04
C GLY A 58 -17.44 -0.80 -1.67
N GLY A 59 -16.69 -0.79 -0.57
CA GLY A 59 -16.06 0.44 -0.11
C GLY A 59 -14.61 0.56 -0.57
N GLU A 60 -13.92 1.57 -0.05
CA GLU A 60 -12.52 1.78 -0.40
C GLU A 60 -11.71 2.23 0.81
N ILE A 61 -10.51 1.69 0.96
CA ILE A 61 -9.65 2.03 2.08
C ILE A 61 -8.57 3.02 1.67
N HIS A 62 -8.38 4.05 2.48
CA HIS A 62 -7.37 5.08 2.22
C HIS A 62 -6.56 5.39 3.46
N ALA A 63 -5.28 5.02 3.46
CA ALA A 63 -4.42 5.26 4.60
C ALA A 63 -3.06 5.78 4.16
N SER A 64 -2.29 6.32 5.11
CA SER A 64 -0.96 6.85 4.81
C SER A 64 0.01 6.51 5.93
N ALA A 65 1.29 6.43 5.59
CA ALA A 65 2.33 6.11 6.57
C ALA A 65 3.60 6.90 6.32
N GLU A 66 4.40 7.06 7.37
CA GLU A 66 5.65 7.80 7.28
C GLU A 66 6.80 7.00 7.89
N GLY A 67 8.02 7.31 7.48
CA GLY A 67 9.17 6.60 8.01
C GLY A 67 10.47 7.35 7.79
N GLN A 68 11.55 6.84 8.39
CA GLN A 68 12.86 7.46 8.26
C GLN A 68 13.35 7.47 6.81
N ASP A 69 12.67 6.71 5.93
CA ASP A 69 13.05 6.67 4.53
C ASP A 69 11.87 6.21 3.68
N MET A 70 12.07 6.19 2.37
CA MET A 70 11.01 5.78 1.44
C MET A 70 10.57 4.35 1.74
N TYR A 71 11.53 3.43 1.79
CA TYR A 71 11.24 2.02 2.05
C TYR A 71 10.49 1.87 3.38
N ALA A 72 10.91 2.62 4.39
CA ALA A 72 10.27 2.57 5.70
C ALA A 72 8.80 2.94 5.59
N ALA A 73 8.52 4.08 4.95
CA ALA A 73 7.14 4.55 4.77
C ALA A 73 6.25 3.43 4.22
N ILE A 74 6.83 2.54 3.43
CA ILE A 74 6.09 1.43 2.86
C ILE A 74 5.81 0.37 3.91
N ASP A 75 6.77 0.14 4.79
CA ASP A 75 6.64 -0.85 5.86
C ASP A 75 5.41 -0.55 6.71
N GLY A 76 5.36 0.65 7.27
CA GLY A 76 4.23 1.04 8.10
C GLY A 76 2.96 1.19 7.30
N LEU A 77 3.10 1.55 6.03
CA LEU A 77 1.95 1.72 5.14
C LEU A 77 1.26 0.39 4.88
N ILE A 78 2.06 -0.64 4.66
CA ILE A 78 1.54 -1.98 4.41
C ILE A 78 1.14 -2.66 5.72
N ASP A 79 1.62 -2.13 6.84
CA ASP A 79 1.31 -2.67 8.15
C ASP A 79 -0.11 -2.30 8.56
N LYS A 80 -0.36 -1.00 8.66
CA LYS A 80 -1.68 -0.51 9.04
C LYS A 80 -2.72 -0.89 7.99
N LEU A 81 -2.30 -0.90 6.73
CA LEU A 81 -3.20 -1.25 5.63
C LEU A 81 -3.76 -2.65 5.79
N ALA A 82 -2.89 -3.63 6.04
CA ALA A 82 -3.33 -5.00 6.22
C ALA A 82 -4.30 -5.11 7.40
N ARG A 83 -3.90 -4.56 8.54
CA ARG A 83 -4.73 -4.60 9.74
C ARG A 83 -6.15 -4.12 9.43
N GLN A 84 -6.25 -3.05 8.65
CA GLN A 84 -7.55 -2.51 8.27
C GLN A 84 -8.25 -3.44 7.30
N LEU A 85 -7.48 -4.04 6.40
CA LEU A 85 -8.00 -4.98 5.43
C LEU A 85 -8.70 -6.14 6.12
N THR A 86 -8.06 -6.65 7.18
CA THR A 86 -8.60 -7.77 7.93
C THR A 86 -9.92 -7.39 8.62
N LYS A 87 -9.96 -6.19 9.17
CA LYS A 87 -11.16 -5.70 9.86
C LYS A 87 -12.39 -5.82 8.96
N HIS A 88 -12.33 -5.19 7.80
CA HIS A 88 -13.45 -5.21 6.86
C HIS A 88 -13.57 -6.57 6.16
N LYS A 89 -12.45 -7.29 6.07
CA LYS A 89 -12.44 -8.60 5.42
C LYS A 89 -13.20 -9.63 6.24
N ASP A 90 -13.40 -9.37 7.52
CA ASP A 90 -14.12 -10.29 8.39
C ASP A 90 -15.57 -10.42 7.94
N LYS A 91 -16.10 -9.34 7.36
CA LYS A 91 -17.47 -9.32 6.88
C LYS A 91 -17.73 -10.48 5.91
N LEU A 92 -16.68 -10.94 5.25
CA LEU A 92 -16.79 -12.04 4.30
C LEU A 92 -15.81 -13.16 4.65
N LYS A 93 -15.53 -13.32 5.94
CA LYS A 93 -14.61 -14.35 6.40
C LYS A 93 -15.38 -15.59 6.86
N GLN A 94 -14.81 -16.76 6.60
CA GLN A 94 -15.42 -18.02 6.99
C GLN A 94 -14.40 -18.97 7.62
N HIS A 95 -13.86 -18.56 8.77
CA HIS A 95 -12.87 -19.37 9.47
C HIS A 95 -13.19 -19.45 10.95
N MET A 1 -4.14 -7.42 -11.96
CA MET A 1 -3.18 -6.41 -12.47
C MET A 1 -3.85 -5.04 -12.63
N GLN A 2 -3.38 -4.07 -11.85
CA GLN A 2 -3.91 -2.71 -11.92
C GLN A 2 -3.26 -1.81 -10.85
N LEU A 3 -2.00 -2.08 -10.55
CA LEU A 3 -1.29 -1.29 -9.55
C LEU A 3 -0.46 -0.20 -10.21
N ASN A 4 -0.57 1.02 -9.68
CA ASN A 4 0.16 2.16 -10.23
C ASN A 4 0.82 2.96 -9.12
N ILE A 5 2.04 3.44 -9.38
CA ILE A 5 2.78 4.23 -8.41
C ILE A 5 3.03 5.64 -8.94
N THR A 6 3.14 6.60 -8.05
CA THR A 6 3.39 7.99 -8.44
C THR A 6 4.70 8.48 -7.84
N GLY A 7 5.65 8.85 -8.69
CA GLY A 7 6.93 9.32 -8.21
C GLY A 7 7.05 10.83 -8.24
N ASN A 8 7.09 11.44 -7.05
CA ASN A 8 7.22 12.89 -6.93
C ASN A 8 8.57 13.24 -6.36
N ASN A 9 9.45 13.81 -7.19
CA ASN A 9 10.78 14.19 -6.74
C ASN A 9 11.58 12.95 -6.35
N VAL A 10 11.31 11.84 -7.03
CA VAL A 10 12.00 10.59 -6.75
C VAL A 10 12.07 9.72 -8.00
N GLU A 11 13.24 9.12 -8.25
CA GLU A 11 13.44 8.27 -9.41
C GLU A 11 12.96 6.85 -9.12
N ILE A 12 11.96 6.40 -9.86
CA ILE A 12 11.43 5.05 -9.68
C ILE A 12 12.46 3.99 -10.05
N THR A 13 13.06 3.38 -9.04
CA THR A 13 14.07 2.34 -9.26
C THR A 13 13.46 0.96 -9.08
N GLU A 14 13.73 0.07 -10.03
CA GLU A 14 13.22 -1.30 -10.00
C GLU A 14 13.15 -1.86 -8.58
N ALA A 15 14.16 -1.56 -7.77
CA ALA A 15 14.20 -2.05 -6.39
C ALA A 15 13.10 -1.41 -5.55
N LEU A 16 12.98 -0.09 -5.66
CA LEU A 16 11.97 0.65 -4.91
C LEU A 16 10.56 0.24 -5.32
N ARG A 17 10.29 0.25 -6.62
CA ARG A 17 8.97 -0.11 -7.13
C ARG A 17 8.65 -1.58 -6.86
N GLU A 18 9.60 -2.47 -7.13
CA GLU A 18 9.39 -3.90 -6.91
C GLU A 18 9.14 -4.19 -5.43
N PHE A 19 9.86 -3.48 -4.57
CA PHE A 19 9.71 -3.66 -3.13
C PHE A 19 8.27 -3.42 -2.70
N VAL A 20 7.68 -2.33 -3.18
CA VAL A 20 6.30 -2.00 -2.84
C VAL A 20 5.35 -3.12 -3.29
N THR A 21 5.51 -3.54 -4.54
CA THR A 21 4.69 -4.61 -5.09
C THR A 21 4.93 -5.92 -4.34
N ALA A 22 6.15 -6.09 -3.84
CA ALA A 22 6.52 -7.29 -3.10
C ALA A 22 5.58 -7.52 -1.93
N LYS A 23 5.30 -6.46 -1.19
CA LYS A 23 4.40 -6.54 -0.05
C LYS A 23 2.96 -6.80 -0.51
N PHE A 24 2.52 -6.02 -1.50
CA PHE A 24 1.17 -6.16 -2.03
C PHE A 24 0.92 -7.61 -2.44
N ALA A 25 1.85 -8.19 -3.19
CA ALA A 25 1.72 -9.57 -3.64
C ALA A 25 1.46 -10.49 -2.46
N LYS A 26 2.29 -10.39 -1.42
CA LYS A 26 2.14 -11.21 -0.23
C LYS A 26 0.72 -11.12 0.33
N LEU A 27 0.09 -9.96 0.12
CA LEU A 27 -1.28 -9.75 0.59
C LEU A 27 -2.27 -10.45 -0.32
N GLU A 28 -1.93 -10.52 -1.61
CA GLU A 28 -2.79 -11.16 -2.60
C GLU A 28 -3.11 -12.62 -2.23
N GLN A 29 -2.35 -13.17 -1.28
CA GLN A 29 -2.57 -14.54 -0.85
C GLN A 29 -3.87 -14.66 -0.06
N TYR A 30 -4.00 -13.87 0.99
CA TYR A 30 -5.19 -13.89 1.83
C TYR A 30 -6.15 -12.76 1.49
N PHE A 31 -5.80 -11.95 0.48
CA PHE A 31 -6.66 -10.85 0.06
C PHE A 31 -6.99 -10.95 -1.42
N ASP A 32 -8.28 -11.09 -1.72
CA ASP A 32 -8.74 -11.21 -3.10
C ASP A 32 -9.48 -9.95 -3.55
N ARG A 33 -10.10 -9.26 -2.59
CA ARG A 33 -10.84 -8.04 -2.87
C ARG A 33 -9.90 -6.91 -3.28
N ILE A 34 -9.31 -7.04 -4.47
CA ILE A 34 -8.38 -6.03 -4.97
C ILE A 34 -8.53 -5.87 -6.49
N ASN A 35 -8.95 -4.69 -6.91
CA ASN A 35 -9.13 -4.40 -8.33
C ASN A 35 -8.09 -3.39 -8.82
N GLN A 36 -8.12 -2.19 -8.25
CA GLN A 36 -7.18 -1.14 -8.63
C GLN A 36 -6.51 -0.56 -7.40
N VAL A 37 -5.18 -0.57 -7.40
CA VAL A 37 -4.41 -0.04 -6.28
C VAL A 37 -3.41 1.03 -6.73
N TYR A 38 -3.34 2.11 -5.97
CA TYR A 38 -2.42 3.20 -6.30
C TYR A 38 -1.63 3.63 -5.06
N VAL A 39 -0.32 3.75 -5.23
CA VAL A 39 0.57 4.14 -4.14
C VAL A 39 1.42 5.35 -4.52
N VAL A 40 1.72 6.19 -3.54
CA VAL A 40 2.54 7.38 -3.78
C VAL A 40 3.44 7.69 -2.59
N LEU A 41 4.70 7.94 -2.90
CA LEU A 41 5.69 8.23 -1.88
C LEU A 41 6.50 9.48 -2.24
N LYS A 42 6.54 10.43 -1.31
CA LYS A 42 7.28 11.67 -1.53
C LYS A 42 8.54 11.71 -0.66
N VAL A 43 9.58 12.35 -1.18
CA VAL A 43 10.84 12.44 -0.45
C VAL A 43 11.27 13.91 -0.33
N GLU A 44 11.19 14.43 0.88
CA GLU A 44 11.57 15.82 1.14
C GLU A 44 12.61 15.88 2.26
N LYS A 45 13.43 16.93 2.23
CA LYS A 45 14.48 17.12 3.22
C LYS A 45 13.93 17.07 4.65
N VAL A 46 12.62 17.23 4.80
CA VAL A 46 12.00 17.20 6.12
C VAL A 46 11.56 15.78 6.52
N THR A 47 10.36 15.38 6.10
CA THR A 47 9.85 14.05 6.42
C THR A 47 9.35 13.32 5.18
N HIS A 48 9.43 11.99 5.21
CA HIS A 48 8.98 11.17 4.09
C HIS A 48 7.50 10.86 4.22
N THR A 49 6.78 10.86 3.10
CA THR A 49 5.35 10.59 3.10
C THR A 49 4.98 9.52 2.07
N SER A 50 4.24 8.52 2.51
CA SER A 50 3.79 7.44 1.63
C SER A 50 2.31 7.14 1.87
N ASP A 51 1.56 6.94 0.79
CA ASP A 51 0.14 6.64 0.90
C ASP A 51 -0.23 5.41 0.08
N ALA A 52 -1.27 4.70 0.52
CA ALA A 52 -1.72 3.50 -0.17
C ALA A 52 -3.24 3.35 -0.08
N THR A 53 -3.90 3.53 -1.22
CA THR A 53 -5.35 3.42 -1.28
C THR A 53 -5.78 2.13 -1.99
N LEU A 54 -6.38 1.21 -1.23
CA LEU A 54 -6.83 -0.05 -1.79
C LEU A 54 -8.33 -0.03 -2.05
N HIS A 55 -8.75 -0.72 -3.11
CA HIS A 55 -10.16 -0.77 -3.49
C HIS A 55 -10.82 -2.04 -2.93
N VAL A 56 -11.95 -1.85 -2.26
CA VAL A 56 -12.68 -2.97 -1.68
C VAL A 56 -14.00 -3.20 -2.43
N ASN A 57 -14.66 -4.32 -2.15
CA ASN A 57 -15.92 -4.67 -2.79
C ASN A 57 -16.87 -3.47 -2.82
N GLY A 58 -17.43 -3.14 -1.66
CA GLY A 58 -18.35 -2.01 -1.57
C GLY A 58 -17.78 -0.87 -0.76
N GLY A 59 -16.45 -0.76 -0.75
CA GLY A 59 -15.81 0.31 0.00
C GLY A 59 -14.39 0.54 -0.45
N GLU A 60 -13.78 1.61 0.05
CA GLU A 60 -12.41 1.95 -0.31
C GLU A 60 -11.63 2.45 0.90
N ILE A 61 -10.46 1.88 1.14
CA ILE A 61 -9.62 2.27 2.27
C ILE A 61 -8.45 3.12 1.80
N HIS A 62 -8.14 4.16 2.58
CA HIS A 62 -7.02 5.05 2.25
C HIS A 62 -6.14 5.28 3.47
N ALA A 63 -4.92 4.79 3.41
CA ALA A 63 -3.97 4.95 4.52
C ALA A 63 -2.75 5.75 4.07
N SER A 64 -2.14 6.46 5.01
CA SER A 64 -0.96 7.26 4.72
C SER A 64 0.03 7.18 5.88
N ALA A 65 1.24 6.66 5.61
CA ALA A 65 2.25 6.53 6.64
C ALA A 65 3.55 7.23 6.25
N GLU A 66 4.47 7.33 7.21
CA GLU A 66 5.75 7.96 6.98
C GLU A 66 6.87 7.17 7.66
N GLY A 67 8.10 7.40 7.23
CA GLY A 67 9.23 6.70 7.81
C GLY A 67 10.55 7.41 7.58
N GLN A 68 11.59 6.94 8.26
CA GLN A 68 12.92 7.53 8.13
C GLN A 68 13.47 7.37 6.72
N ASP A 69 12.84 6.50 5.93
CA ASP A 69 13.28 6.27 4.56
C ASP A 69 12.10 5.81 3.68
N MET A 70 12.38 5.64 2.39
CA MET A 70 11.34 5.21 1.46
C MET A 70 10.87 3.79 1.76
N TYR A 71 11.65 3.05 2.55
CA TYR A 71 11.30 1.68 2.91
C TYR A 71 10.48 1.65 4.21
N ALA A 72 10.83 2.53 5.14
CA ALA A 72 10.14 2.61 6.41
C ALA A 72 8.68 3.02 6.22
N ALA A 73 8.47 4.07 5.43
CA ALA A 73 7.12 4.56 5.16
C ALA A 73 6.22 3.45 4.64
N ILE A 74 6.78 2.55 3.83
CA ILE A 74 6.02 1.45 3.27
C ILE A 74 5.78 0.36 4.32
N ASP A 75 6.68 0.27 5.30
CA ASP A 75 6.54 -0.73 6.36
C ASP A 75 5.33 -0.42 7.25
N GLY A 76 5.32 0.78 7.82
CA GLY A 76 4.22 1.17 8.67
C GLY A 76 2.93 1.38 7.91
N LEU A 77 3.06 1.74 6.63
CA LEU A 77 1.91 1.98 5.78
C LEU A 77 1.26 0.65 5.37
N ILE A 78 2.07 -0.25 4.84
CA ILE A 78 1.58 -1.56 4.41
C ILE A 78 1.20 -2.42 5.63
N ASP A 79 1.65 -2.01 6.81
CA ASP A 79 1.33 -2.74 8.03
C ASP A 79 -0.10 -2.45 8.47
N LYS A 80 -0.42 -1.16 8.60
CA LYS A 80 -1.74 -0.74 9.01
C LYS A 80 -2.79 -1.19 7.99
N LEU A 81 -2.41 -1.18 6.71
CA LEU A 81 -3.32 -1.59 5.65
C LEU A 81 -3.71 -3.05 5.79
N ALA A 82 -2.71 -3.92 5.97
CA ALA A 82 -2.97 -5.35 6.10
C ALA A 82 -3.96 -5.62 7.22
N ARG A 83 -3.59 -5.23 8.45
CA ARG A 83 -4.45 -5.44 9.61
C ARG A 83 -5.86 -4.91 9.40
N GLN A 84 -5.96 -3.81 8.64
CA GLN A 84 -7.26 -3.20 8.36
C GLN A 84 -8.04 -4.02 7.33
N LEU A 85 -7.36 -4.41 6.26
CA LEU A 85 -7.98 -5.20 5.20
C LEU A 85 -8.52 -6.51 5.75
N THR A 86 -7.75 -7.17 6.60
CA THR A 86 -8.16 -8.44 7.19
C THR A 86 -9.37 -8.25 8.10
N LYS A 87 -9.38 -7.15 8.85
CA LYS A 87 -10.48 -6.85 9.77
C LYS A 87 -11.82 -6.86 9.04
N HIS A 88 -11.98 -5.96 8.07
CA HIS A 88 -13.22 -5.84 7.32
C HIS A 88 -13.46 -7.08 6.45
N LYS A 89 -12.39 -7.60 5.86
CA LYS A 89 -12.50 -8.78 5.00
C LYS A 89 -13.01 -9.99 5.78
N ASP A 90 -12.91 -9.93 7.11
CA ASP A 90 -13.37 -11.02 7.95
C ASP A 90 -14.90 -11.09 7.96
N LYS A 91 -15.53 -9.94 7.93
CA LYS A 91 -16.99 -9.86 7.93
C LYS A 91 -17.58 -10.62 6.76
N LEU A 92 -16.98 -10.45 5.58
CA LEU A 92 -17.44 -11.12 4.38
C LEU A 92 -16.58 -12.34 4.07
N LYS A 93 -16.84 -13.44 4.78
CA LYS A 93 -16.09 -14.67 4.57
C LYS A 93 -16.63 -15.44 3.37
N GLN A 94 -17.94 -15.64 3.34
CA GLN A 94 -18.58 -16.37 2.24
C GLN A 94 -19.55 -15.47 1.49
N HIS A 95 -19.11 -14.93 0.36
CA HIS A 95 -19.94 -14.05 -0.46
C HIS A 95 -20.06 -14.59 -1.88
N MET A 1 -7.57 -2.11 -15.54
CA MET A 1 -7.86 -2.01 -14.09
C MET A 1 -6.86 -2.84 -13.28
N GLN A 2 -5.74 -2.21 -12.91
CA GLN A 2 -4.71 -2.87 -12.13
C GLN A 2 -4.14 -1.93 -11.07
N LEU A 3 -2.96 -2.26 -10.56
CA LEU A 3 -2.32 -1.43 -9.54
C LEU A 3 -1.16 -0.62 -10.14
N ASN A 4 -1.03 0.63 -9.72
CA ASN A 4 0.02 1.49 -10.22
C ASN A 4 0.59 2.37 -9.10
N ILE A 5 1.80 2.87 -9.32
CA ILE A 5 2.46 3.73 -8.35
C ILE A 5 2.95 5.02 -9.00
N THR A 6 3.07 6.07 -8.20
CA THR A 6 3.53 7.36 -8.70
C THR A 6 4.45 8.03 -7.68
N GLY A 7 5.69 8.27 -8.07
CA GLY A 7 6.63 8.88 -7.16
C GLY A 7 6.82 10.36 -7.43
N ASN A 8 6.76 11.17 -6.37
CA ASN A 8 6.93 12.61 -6.49
C ASN A 8 8.27 13.04 -5.90
N ASN A 9 9.15 13.57 -6.74
CA ASN A 9 10.46 14.03 -6.29
C ASN A 9 11.33 12.84 -5.89
N VAL A 10 11.14 11.72 -6.59
CA VAL A 10 11.92 10.51 -6.31
C VAL A 10 12.05 9.65 -7.57
N GLU A 11 13.26 9.14 -7.81
CA GLU A 11 13.51 8.31 -8.97
C GLU A 11 12.94 6.91 -8.77
N ILE A 12 12.02 6.51 -9.66
CA ILE A 12 11.39 5.20 -9.57
C ILE A 12 12.27 4.12 -10.21
N THR A 13 13.09 3.47 -9.38
CA THR A 13 13.98 2.42 -9.87
C THR A 13 13.37 1.05 -9.62
N GLU A 14 13.65 0.10 -10.52
CA GLU A 14 13.13 -1.26 -10.42
C GLU A 14 13.11 -1.76 -8.98
N ALA A 15 14.09 -1.34 -8.20
CA ALA A 15 14.17 -1.74 -6.80
C ALA A 15 13.00 -1.19 -6.00
N LEU A 16 12.73 0.10 -6.17
CA LEU A 16 11.64 0.76 -5.46
C LEU A 16 10.31 0.05 -5.74
N ARG A 17 9.86 0.13 -6.99
CA ARG A 17 8.60 -0.50 -7.39
C ARG A 17 8.53 -1.93 -6.88
N GLU A 18 9.65 -2.64 -6.94
CA GLU A 18 9.72 -4.01 -6.47
C GLU A 18 9.41 -4.10 -4.98
N PHE A 19 10.12 -3.30 -4.19
CA PHE A 19 9.92 -3.28 -2.73
C PHE A 19 8.45 -3.16 -2.38
N VAL A 20 7.77 -2.19 -2.99
CA VAL A 20 6.35 -1.98 -2.74
C VAL A 20 5.55 -3.22 -3.12
N THR A 21 5.78 -3.71 -4.33
CA THR A 21 5.09 -4.89 -4.82
C THR A 21 5.43 -6.11 -3.95
N ALA A 22 6.58 -6.05 -3.28
CA ALA A 22 7.02 -7.14 -2.42
C ALA A 22 5.95 -7.49 -1.40
N LYS A 23 5.39 -6.46 -0.77
CA LYS A 23 4.34 -6.65 0.22
C LYS A 23 3.02 -6.97 -0.47
N PHE A 24 2.71 -6.20 -1.51
CA PHE A 24 1.48 -6.40 -2.28
C PHE A 24 1.42 -7.82 -2.85
N ALA A 25 2.54 -8.52 -2.82
CA ALA A 25 2.61 -9.89 -3.30
C ALA A 25 2.11 -10.86 -2.24
N LYS A 26 2.65 -10.69 -1.03
CA LYS A 26 2.27 -11.53 0.10
C LYS A 26 0.84 -11.22 0.57
N LEU A 27 0.31 -10.07 0.13
CA LEU A 27 -1.04 -9.68 0.51
C LEU A 27 -2.05 -10.25 -0.48
N GLU A 28 -1.73 -10.18 -1.76
CA GLU A 28 -2.61 -10.70 -2.81
C GLU A 28 -2.91 -12.19 -2.60
N GLN A 29 -2.11 -12.84 -1.75
CA GLN A 29 -2.30 -14.25 -1.46
C GLN A 29 -3.57 -14.48 -0.64
N TYR A 30 -3.67 -13.77 0.48
CA TYR A 30 -4.83 -13.90 1.36
C TYR A 30 -5.87 -12.82 1.07
N PHE A 31 -5.61 -11.97 0.08
CA PHE A 31 -6.53 -10.91 -0.29
C PHE A 31 -7.08 -11.14 -1.69
N ASP A 32 -8.39 -11.30 -1.80
CA ASP A 32 -9.04 -11.53 -3.09
C ASP A 32 -9.78 -10.28 -3.56
N ARG A 33 -10.27 -9.50 -2.61
CA ARG A 33 -11.00 -8.28 -2.93
C ARG A 33 -10.05 -7.16 -3.35
N ILE A 34 -9.35 -7.37 -4.46
CA ILE A 34 -8.41 -6.38 -4.96
C ILE A 34 -8.54 -6.22 -6.47
N ASN A 35 -8.78 -4.99 -6.91
CA ASN A 35 -8.93 -4.69 -8.34
C ASN A 35 -7.96 -3.62 -8.78
N GLN A 36 -8.10 -2.42 -8.20
CA GLN A 36 -7.23 -1.30 -8.56
C GLN A 36 -6.64 -0.65 -7.31
N VAL A 37 -5.31 -0.70 -7.19
CA VAL A 37 -4.62 -0.12 -6.04
C VAL A 37 -3.60 0.91 -6.51
N TYR A 38 -3.56 2.05 -5.85
CA TYR A 38 -2.61 3.11 -6.19
C TYR A 38 -1.87 3.60 -4.96
N VAL A 39 -0.54 3.62 -5.06
CA VAL A 39 0.30 4.06 -3.97
C VAL A 39 1.21 5.22 -4.40
N VAL A 40 1.48 6.12 -3.48
CA VAL A 40 2.34 7.27 -3.77
C VAL A 40 3.19 7.64 -2.57
N LEU A 41 4.47 7.87 -2.82
CA LEU A 41 5.40 8.21 -1.76
C LEU A 41 6.23 9.45 -2.12
N LYS A 42 6.32 10.39 -1.19
CA LYS A 42 7.08 11.61 -1.39
C LYS A 42 8.38 11.58 -0.59
N VAL A 43 9.46 12.00 -1.21
CA VAL A 43 10.76 12.02 -0.56
C VAL A 43 11.30 13.45 -0.47
N GLU A 44 11.49 13.93 0.76
CA GLU A 44 12.00 15.27 0.99
C GLU A 44 13.06 15.25 2.09
N LYS A 45 13.97 16.21 2.03
CA LYS A 45 15.05 16.31 3.01
C LYS A 45 14.51 16.31 4.45
N VAL A 46 13.23 16.64 4.62
CA VAL A 46 12.64 16.67 5.94
C VAL A 46 12.11 15.29 6.37
N THR A 47 10.88 14.96 5.96
CA THR A 47 10.28 13.67 6.31
C THR A 47 9.74 12.97 5.08
N HIS A 48 9.65 11.64 5.16
CA HIS A 48 9.13 10.84 4.06
C HIS A 48 7.67 10.47 4.31
N THR A 49 6.84 10.58 3.27
CA THR A 49 5.42 10.27 3.40
C THR A 49 4.96 9.32 2.30
N SER A 50 4.12 8.37 2.68
CA SER A 50 3.59 7.38 1.74
C SER A 50 2.08 7.23 1.91
N ASP A 51 1.39 6.95 0.80
CA ASP A 51 -0.06 6.77 0.83
C ASP A 51 -0.46 5.49 0.13
N ALA A 52 -1.55 4.87 0.59
CA ALA A 52 -2.01 3.62 0.00
C ALA A 52 -3.53 3.58 -0.07
N THR A 53 -4.07 3.58 -1.29
CA THR A 53 -5.51 3.53 -1.51
C THR A 53 -5.92 2.18 -2.07
N LEU A 54 -6.57 1.37 -1.25
CA LEU A 54 -7.02 0.04 -1.66
C LEU A 54 -8.50 0.03 -2.01
N HIS A 55 -8.87 -0.79 -2.99
CA HIS A 55 -10.25 -0.91 -3.42
C HIS A 55 -10.86 -2.23 -2.95
N VAL A 56 -12.07 -2.17 -2.41
CA VAL A 56 -12.76 -3.36 -1.93
C VAL A 56 -14.25 -3.31 -2.25
N ASN A 57 -14.71 -4.26 -3.07
CA ASN A 57 -16.11 -4.34 -3.46
C ASN A 57 -16.71 -2.96 -3.76
N GLY A 58 -17.36 -2.36 -2.75
CA GLY A 58 -17.95 -1.05 -2.93
C GLY A 58 -17.43 -0.03 -1.94
N GLY A 59 -16.17 -0.19 -1.54
CA GLY A 59 -15.57 0.73 -0.60
C GLY A 59 -14.14 1.08 -0.97
N GLU A 60 -13.68 2.25 -0.51
CA GLU A 60 -12.33 2.69 -0.82
C GLU A 60 -11.63 3.23 0.43
N ILE A 61 -10.54 2.57 0.83
CA ILE A 61 -9.78 2.99 2.00
C ILE A 61 -8.52 3.74 1.57
N HIS A 62 -8.21 4.81 2.28
CA HIS A 62 -7.02 5.61 1.97
C HIS A 62 -6.23 5.93 3.23
N ALA A 63 -5.04 5.36 3.35
CA ALA A 63 -4.19 5.59 4.51
C ALA A 63 -2.82 6.10 4.08
N SER A 64 -2.15 6.82 4.97
CA SER A 64 -0.82 7.35 4.69
C SER A 64 0.07 7.24 5.92
N ALA A 65 1.20 6.58 5.77
CA ALA A 65 2.12 6.40 6.89
C ALA A 65 3.50 6.99 6.60
N GLU A 66 4.20 7.38 7.65
CA GLU A 66 5.54 7.95 7.55
C GLU A 66 6.48 7.26 8.51
N GLY A 67 7.78 7.31 8.23
CA GLY A 67 8.75 6.67 9.10
C GLY A 67 10.08 7.40 9.17
N GLN A 68 10.79 7.41 8.06
CA GLN A 68 12.10 8.08 8.00
C GLN A 68 12.70 8.00 6.59
N ASP A 69 12.31 6.99 5.82
CA ASP A 69 12.81 6.82 4.47
C ASP A 69 11.73 6.19 3.59
N MET A 70 12.03 6.04 2.31
CA MET A 70 11.07 5.46 1.37
C MET A 70 10.58 4.11 1.87
N TYR A 71 11.51 3.19 2.11
CA TYR A 71 11.16 1.85 2.59
C TYR A 71 10.40 1.91 3.91
N ALA A 72 10.80 2.84 4.78
CA ALA A 72 10.16 3.00 6.07
C ALA A 72 8.67 3.34 5.93
N ALA A 73 8.39 4.38 5.15
CA ALA A 73 7.01 4.82 4.92
C ALA A 73 6.15 3.68 4.40
N ILE A 74 6.76 2.78 3.62
CA ILE A 74 6.05 1.65 3.05
C ILE A 74 5.84 0.54 4.09
N ASP A 75 6.70 0.53 5.11
CA ASP A 75 6.60 -0.49 6.16
C ASP A 75 5.43 -0.18 7.09
N GLY A 76 5.37 1.04 7.60
CA GLY A 76 4.30 1.43 8.48
C GLY A 76 2.96 1.49 7.77
N LEU A 77 2.98 1.95 6.53
CA LEU A 77 1.77 2.06 5.72
C LEU A 77 1.22 0.68 5.39
N ILE A 78 2.11 -0.23 5.05
CA ILE A 78 1.74 -1.60 4.70
C ILE A 78 1.40 -2.42 5.95
N ASP A 79 1.78 -1.90 7.12
CA ASP A 79 1.52 -2.58 8.38
C ASP A 79 0.08 -2.34 8.82
N LYS A 80 -0.32 -1.07 8.89
CA LYS A 80 -1.67 -0.72 9.30
C LYS A 80 -2.67 -1.01 8.19
N LEU A 81 -2.20 -1.03 6.95
CA LEU A 81 -3.06 -1.31 5.80
C LEU A 81 -3.48 -2.78 5.80
N ALA A 82 -2.51 -3.68 5.92
CA ALA A 82 -2.79 -5.11 5.93
C ALA A 82 -3.70 -5.48 7.10
N ARG A 83 -3.30 -5.08 8.31
CA ARG A 83 -4.07 -5.37 9.51
C ARG A 83 -5.51 -4.87 9.38
N GLN A 84 -5.69 -3.75 8.68
CA GLN A 84 -7.02 -3.18 8.48
C GLN A 84 -7.79 -3.97 7.43
N LEU A 85 -7.12 -4.25 6.32
CA LEU A 85 -7.72 -5.00 5.21
C LEU A 85 -8.25 -6.34 5.70
N THR A 86 -7.44 -7.02 6.49
CA THR A 86 -7.82 -8.33 7.03
C THR A 86 -8.97 -8.20 8.01
N LYS A 87 -8.97 -7.13 8.79
CA LYS A 87 -10.02 -6.89 9.77
C LYS A 87 -11.40 -6.98 9.12
N HIS A 88 -11.65 -6.10 8.16
CA HIS A 88 -12.93 -6.09 7.46
C HIS A 88 -13.15 -7.39 6.70
N LYS A 89 -12.05 -8.01 6.27
CA LYS A 89 -12.13 -9.27 5.53
C LYS A 89 -12.61 -10.42 6.43
N ASP A 90 -12.54 -10.21 7.74
CA ASP A 90 -12.97 -11.23 8.70
C ASP A 90 -14.48 -11.18 8.89
N LYS A 91 -15.06 -10.00 8.72
CA LYS A 91 -16.50 -9.81 8.87
C LYS A 91 -17.26 -10.57 7.79
N LEU A 92 -16.85 -10.39 6.54
CA LEU A 92 -17.50 -11.05 5.41
C LEU A 92 -17.11 -12.52 5.35
N LYS A 93 -17.47 -13.27 6.38
CA LYS A 93 -17.16 -14.70 6.44
C LYS A 93 -18.42 -15.53 6.58
N GLN A 94 -18.48 -16.64 5.87
CA GLN A 94 -19.64 -17.53 5.92
C GLN A 94 -19.82 -18.11 7.31
N HIS A 95 -20.81 -17.60 8.04
CA HIS A 95 -21.09 -18.07 9.40
C HIS A 95 -22.59 -18.14 9.65
N MET A 1 -8.85 -2.94 -11.49
CA MET A 1 -7.87 -4.03 -11.71
C MET A 1 -6.46 -3.47 -11.86
N GLN A 2 -5.46 -4.34 -11.67
CA GLN A 2 -4.07 -3.94 -11.80
C GLN A 2 -3.71 -2.86 -10.77
N LEU A 3 -2.42 -2.76 -10.46
CA LEU A 3 -1.95 -1.76 -9.50
C LEU A 3 -0.90 -0.86 -10.13
N ASN A 4 -0.85 0.39 -9.68
CA ASN A 4 0.11 1.35 -10.20
C ASN A 4 0.64 2.25 -9.09
N ILE A 5 1.81 2.83 -9.32
CA ILE A 5 2.43 3.71 -8.34
C ILE A 5 2.92 5.00 -8.98
N THR A 6 3.01 6.07 -8.18
CA THR A 6 3.46 7.36 -8.68
C THR A 6 4.35 8.02 -7.63
N GLY A 7 5.61 8.28 -8.01
CA GLY A 7 6.54 8.89 -7.07
C GLY A 7 6.68 10.39 -7.29
N ASN A 8 6.63 11.14 -6.20
CA ASN A 8 6.78 12.60 -6.26
C ASN A 8 8.14 13.02 -5.71
N ASN A 9 8.97 13.62 -6.56
CA ASN A 9 10.29 14.07 -6.14
C ASN A 9 11.13 12.88 -5.69
N VAL A 10 10.98 11.75 -6.39
CA VAL A 10 11.73 10.55 -6.06
C VAL A 10 11.93 9.69 -7.31
N GLU A 11 13.17 9.23 -7.51
CA GLU A 11 13.50 8.39 -8.65
C GLU A 11 12.91 6.99 -8.49
N ILE A 12 12.02 6.61 -9.39
CA ILE A 12 11.39 5.30 -9.35
C ILE A 12 12.28 4.23 -9.99
N THR A 13 13.08 3.57 -9.15
CA THR A 13 13.97 2.52 -9.63
C THR A 13 13.33 1.15 -9.47
N GLU A 14 13.61 0.26 -10.43
CA GLU A 14 13.06 -1.10 -10.42
C GLU A 14 13.00 -1.68 -9.02
N ALA A 15 13.98 -1.33 -8.18
CA ALA A 15 14.03 -1.84 -6.82
C ALA A 15 12.88 -1.29 -5.98
N LEU A 16 12.66 0.02 -6.08
CA LEU A 16 11.58 0.66 -5.34
C LEU A 16 10.23 0.04 -5.67
N ARG A 17 9.79 0.20 -6.91
CA ARG A 17 8.52 -0.35 -7.36
C ARG A 17 8.40 -1.83 -6.96
N GLU A 18 9.50 -2.56 -7.09
CA GLU A 18 9.52 -3.98 -6.75
C GLU A 18 9.21 -4.19 -5.26
N PHE A 19 9.93 -3.47 -4.41
CA PHE A 19 9.74 -3.57 -2.96
C PHE A 19 8.26 -3.43 -2.59
N VAL A 20 7.61 -2.41 -3.14
CA VAL A 20 6.20 -2.18 -2.86
C VAL A 20 5.35 -3.33 -3.37
N THR A 21 5.52 -3.67 -4.64
CA THR A 21 4.77 -4.77 -5.25
C THR A 21 5.05 -6.08 -4.52
N ALA A 22 6.26 -6.21 -3.98
CA ALA A 22 6.65 -7.41 -3.26
C ALA A 22 5.71 -7.66 -2.08
N LYS A 23 5.41 -6.61 -1.34
CA LYS A 23 4.52 -6.72 -0.19
C LYS A 23 3.11 -7.10 -0.63
N PHE A 24 2.55 -6.30 -1.53
CA PHE A 24 1.21 -6.54 -2.04
C PHE A 24 1.05 -8.00 -2.48
N ALA A 25 2.03 -8.50 -3.22
CA ALA A 25 2.00 -9.89 -3.69
C ALA A 25 1.71 -10.85 -2.54
N LYS A 26 2.55 -10.78 -1.50
CA LYS A 26 2.39 -11.65 -0.35
C LYS A 26 1.00 -11.50 0.27
N LEU A 27 0.39 -10.34 0.08
CA LEU A 27 -0.94 -10.07 0.60
C LEU A 27 -2.02 -10.63 -0.34
N GLU A 28 -1.67 -10.74 -1.61
CA GLU A 28 -2.59 -11.27 -2.62
C GLU A 28 -2.96 -12.72 -2.34
N GLN A 29 -2.23 -13.36 -1.43
CA GLN A 29 -2.50 -14.76 -1.09
C GLN A 29 -3.77 -14.89 -0.25
N TYR A 30 -3.87 -14.09 0.80
CA TYR A 30 -5.05 -14.14 1.67
C TYR A 30 -6.04 -13.03 1.35
N PHE A 31 -5.56 -11.93 0.76
CA PHE A 31 -6.44 -10.82 0.40
C PHE A 31 -6.87 -10.91 -1.06
N ASP A 32 -8.18 -11.05 -1.26
CA ASP A 32 -8.73 -11.14 -2.62
C ASP A 32 -9.51 -9.89 -2.99
N ARG A 33 -9.70 -8.99 -2.02
CA ARG A 33 -10.44 -7.75 -2.26
C ARG A 33 -9.51 -6.63 -2.71
N ILE A 34 -8.65 -6.92 -3.68
CA ILE A 34 -7.72 -5.93 -4.20
C ILE A 34 -7.71 -5.95 -5.72
N ASN A 35 -8.28 -4.92 -6.34
CA ASN A 35 -8.34 -4.82 -7.79
C ASN A 35 -7.48 -3.68 -8.30
N GLN A 36 -7.72 -2.48 -7.78
CA GLN A 36 -6.97 -1.30 -8.18
C GLN A 36 -6.35 -0.60 -6.97
N VAL A 37 -5.03 -0.56 -6.93
CA VAL A 37 -4.34 0.08 -5.82
C VAL A 37 -3.34 1.11 -6.32
N TYR A 38 -3.34 2.28 -5.70
CA TYR A 38 -2.42 3.35 -6.08
C TYR A 38 -1.68 3.89 -4.85
N VAL A 39 -0.35 3.92 -4.95
CA VAL A 39 0.48 4.39 -3.86
C VAL A 39 1.35 5.56 -4.29
N VAL A 40 1.59 6.49 -3.36
CA VAL A 40 2.42 7.65 -3.64
C VAL A 40 3.30 7.98 -2.44
N LEU A 41 4.57 8.24 -2.72
CA LEU A 41 5.54 8.53 -1.67
C LEU A 41 6.35 9.79 -2.00
N LYS A 42 6.39 10.71 -1.04
CA LYS A 42 7.15 11.95 -1.22
C LYS A 42 8.48 11.86 -0.48
N VAL A 43 9.56 12.17 -1.19
CA VAL A 43 10.89 12.13 -0.61
C VAL A 43 11.50 13.51 -0.50
N GLU A 44 11.65 14.00 0.72
CA GLU A 44 12.23 15.30 0.98
C GLU A 44 13.26 15.23 2.10
N LYS A 45 14.24 16.13 2.05
CA LYS A 45 15.31 16.15 3.05
C LYS A 45 14.74 16.20 4.48
N VAL A 46 13.49 16.64 4.62
CA VAL A 46 12.87 16.74 5.93
C VAL A 46 12.25 15.40 6.36
N THR A 47 11.01 15.14 5.94
CA THR A 47 10.34 13.90 6.30
C THR A 47 9.78 13.20 5.06
N HIS A 48 9.63 11.88 5.15
CA HIS A 48 9.09 11.10 4.04
C HIS A 48 7.64 10.73 4.30
N THR A 49 6.80 10.91 3.28
CA THR A 49 5.38 10.60 3.40
C THR A 49 4.94 9.61 2.33
N SER A 50 4.06 8.69 2.70
CA SER A 50 3.55 7.69 1.77
C SER A 50 2.05 7.47 1.95
N ASP A 51 1.36 7.18 0.85
CA ASP A 51 -0.08 6.95 0.90
C ASP A 51 -0.45 5.72 0.05
N ALA A 52 -1.48 4.99 0.49
CA ALA A 52 -1.92 3.80 -0.23
C ALA A 52 -3.44 3.64 -0.16
N THR A 53 -4.09 3.82 -1.31
CA THR A 53 -5.54 3.69 -1.39
C THR A 53 -5.92 2.37 -2.07
N LEU A 54 -6.55 1.48 -1.30
CA LEU A 54 -6.97 0.18 -1.83
C LEU A 54 -8.45 0.18 -2.20
N HIS A 55 -8.77 -0.56 -3.25
CA HIS A 55 -10.16 -0.66 -3.72
C HIS A 55 -10.87 -1.83 -3.07
N VAL A 56 -12.00 -1.56 -2.42
CA VAL A 56 -12.79 -2.59 -1.76
C VAL A 56 -14.01 -2.96 -2.59
N ASN A 57 -14.68 -4.05 -2.22
CA ASN A 57 -15.86 -4.52 -2.93
C ASN A 57 -16.83 -3.37 -3.22
N GLY A 58 -17.34 -2.74 -2.16
CA GLY A 58 -18.27 -1.65 -2.33
C GLY A 58 -17.61 -0.29 -2.16
N GLY A 59 -16.94 -0.10 -1.03
CA GLY A 59 -16.28 1.17 -0.76
C GLY A 59 -14.80 1.14 -1.08
N GLU A 60 -14.07 2.15 -0.62
CA GLU A 60 -12.64 2.24 -0.86
C GLU A 60 -11.92 2.78 0.37
N ILE A 61 -10.81 2.14 0.73
CA ILE A 61 -10.03 2.56 1.90
C ILE A 61 -8.81 3.37 1.48
N HIS A 62 -8.52 4.41 2.25
CA HIS A 62 -7.36 5.26 1.97
C HIS A 62 -6.55 5.51 3.24
N ALA A 63 -5.33 4.97 3.28
CA ALA A 63 -4.46 5.14 4.43
C ALA A 63 -3.11 5.72 4.01
N SER A 64 -2.45 6.40 4.94
CA SER A 64 -1.15 6.99 4.66
C SER A 64 -0.22 6.84 5.86
N ALA A 65 1.08 6.74 5.59
CA ALA A 65 2.07 6.58 6.65
C ALA A 65 3.36 7.30 6.30
N GLU A 66 4.20 7.51 7.31
CA GLU A 66 5.48 8.19 7.12
C GLU A 66 6.59 7.46 7.88
N GLY A 67 7.83 7.68 7.47
CA GLY A 67 8.95 7.03 8.12
C GLY A 67 10.26 7.77 7.90
N GLN A 68 11.29 7.37 8.64
CA GLN A 68 12.61 7.99 8.53
C GLN A 68 13.11 8.01 7.09
N ASP A 69 12.53 7.17 6.23
CA ASP A 69 12.93 7.11 4.83
C ASP A 69 11.77 6.63 3.96
N MET A 70 11.97 6.66 2.65
CA MET A 70 10.94 6.22 1.71
C MET A 70 10.52 4.78 1.99
N TYR A 71 11.50 3.88 2.02
CA TYR A 71 11.24 2.47 2.27
C TYR A 71 10.51 2.28 3.60
N ALA A 72 10.90 3.05 4.61
CA ALA A 72 10.28 2.98 5.92
C ALA A 72 8.79 3.25 5.83
N ALA A 73 8.42 4.35 5.18
CA ALA A 73 7.02 4.72 5.02
C ALA A 73 6.20 3.56 4.47
N ILE A 74 6.83 2.73 3.64
CA ILE A 74 6.16 1.58 3.05
C ILE A 74 5.98 0.46 4.07
N ASP A 75 6.95 0.35 4.99
CA ASP A 75 6.89 -0.69 6.02
C ASP A 75 5.71 -0.47 6.96
N GLY A 76 5.67 0.71 7.58
CA GLY A 76 4.58 1.02 8.50
C GLY A 76 3.24 1.10 7.80
N LEU A 77 3.24 1.63 6.58
CA LEU A 77 2.01 1.78 5.81
C LEU A 77 1.48 0.42 5.36
N ILE A 78 2.39 -0.45 4.92
CA ILE A 78 2.01 -1.78 4.45
C ILE A 78 1.58 -2.68 5.60
N ASP A 79 2.00 -2.32 6.82
CA ASP A 79 1.65 -3.10 8.00
C ASP A 79 0.23 -2.78 8.45
N LYS A 80 -0.07 -1.49 8.60
CA LYS A 80 -1.39 -1.06 9.03
C LYS A 80 -2.44 -1.35 7.95
N LEU A 81 -2.02 -1.26 6.69
CA LEU A 81 -2.91 -1.51 5.57
C LEU A 81 -3.36 -2.96 5.55
N ALA A 82 -2.41 -3.89 5.69
CA ALA A 82 -2.73 -5.31 5.70
C ALA A 82 -3.74 -5.63 6.81
N ARG A 83 -3.40 -5.27 8.03
CA ARG A 83 -4.26 -5.52 9.18
C ARG A 83 -5.67 -4.98 8.93
N GLN A 84 -5.75 -3.89 8.18
CA GLN A 84 -7.04 -3.28 7.86
C GLN A 84 -7.82 -4.14 6.87
N LEU A 85 -7.10 -4.69 5.90
CA LEU A 85 -7.73 -5.55 4.90
C LEU A 85 -8.39 -6.75 5.55
N THR A 86 -7.72 -7.32 6.55
CA THR A 86 -8.26 -8.48 7.26
C THR A 86 -9.51 -8.11 8.04
N LYS A 87 -9.49 -6.92 8.65
CA LYS A 87 -10.62 -6.43 9.43
C LYS A 87 -11.91 -6.47 8.61
N HIS A 88 -11.95 -5.69 7.54
CA HIS A 88 -13.13 -5.63 6.69
C HIS A 88 -13.40 -6.98 6.02
N LYS A 89 -12.34 -7.77 5.84
CA LYS A 89 -12.46 -9.08 5.20
C LYS A 89 -13.07 -10.11 6.16
N ASP A 90 -13.11 -9.78 7.45
CA ASP A 90 -13.67 -10.69 8.45
C ASP A 90 -15.19 -10.57 8.49
N LYS A 91 -15.70 -9.37 8.20
CA LYS A 91 -17.14 -9.13 8.21
C LYS A 91 -17.87 -10.12 7.31
N LEU A 92 -17.41 -10.24 6.08
CA LEU A 92 -18.02 -11.16 5.12
C LEU A 92 -17.98 -12.60 5.64
N LYS A 93 -16.95 -12.91 6.42
CA LYS A 93 -16.80 -14.25 6.98
C LYS A 93 -17.87 -14.51 8.03
N GLN A 94 -18.01 -15.79 8.41
CA GLN A 94 -18.99 -16.18 9.41
C GLN A 94 -18.65 -17.53 10.02
N HIS A 95 -17.35 -17.81 10.13
CA HIS A 95 -16.88 -19.07 10.69
C HIS A 95 -17.40 -20.25 9.87
N MET A 1 -4.71 -7.83 -11.77
CA MET A 1 -4.13 -6.86 -10.81
C MET A 1 -3.63 -5.61 -11.51
N GLN A 2 -4.42 -4.54 -11.47
CA GLN A 2 -4.07 -3.29 -12.11
C GLN A 2 -3.66 -2.24 -11.07
N LEU A 3 -2.37 -2.21 -10.74
CA LEU A 3 -1.86 -1.26 -9.76
C LEU A 3 -0.74 -0.41 -10.36
N ASN A 4 -0.64 0.83 -9.92
CA ASN A 4 0.38 1.74 -10.42
C ASN A 4 0.94 2.60 -9.28
N ILE A 5 2.14 3.14 -9.50
CA ILE A 5 2.80 3.98 -8.51
C ILE A 5 3.15 5.35 -9.08
N THR A 6 3.23 6.35 -8.23
CA THR A 6 3.56 7.71 -8.65
C THR A 6 4.51 8.35 -7.65
N GLY A 7 5.69 8.76 -8.12
CA GLY A 7 6.67 9.38 -7.24
C GLY A 7 6.77 10.87 -7.43
N ASN A 8 6.58 11.62 -6.35
CA ASN A 8 6.68 13.08 -6.39
C ASN A 8 8.10 13.51 -6.01
N ASN A 9 8.79 14.12 -6.97
CA ASN A 9 10.18 14.58 -6.77
C ASN A 9 11.15 13.44 -7.06
N VAL A 10 10.83 12.25 -6.57
CA VAL A 10 11.68 11.08 -6.77
C VAL A 10 11.21 10.26 -7.98
N GLU A 11 12.02 9.30 -8.39
CA GLU A 11 11.68 8.45 -9.53
C GLU A 11 11.38 7.02 -9.08
N ILE A 12 10.48 6.36 -9.79
CA ILE A 12 10.11 4.99 -9.48
C ILE A 12 11.19 4.02 -9.94
N THR A 13 12.01 3.56 -9.00
CA THR A 13 13.09 2.63 -9.32
C THR A 13 12.63 1.19 -9.12
N GLU A 14 13.05 0.31 -10.03
CA GLU A 14 12.67 -1.11 -9.98
C GLU A 14 12.61 -1.64 -8.55
N ALA A 15 13.52 -1.18 -7.69
CA ALA A 15 13.56 -1.61 -6.31
C ALA A 15 12.35 -1.07 -5.53
N LEU A 16 12.08 0.22 -5.70
CA LEU A 16 10.97 0.86 -5.01
C LEU A 16 9.63 0.25 -5.44
N ARG A 17 9.45 0.08 -6.74
CA ARG A 17 8.21 -0.49 -7.27
C ARG A 17 8.08 -1.97 -6.92
N GLU A 18 9.17 -2.72 -7.10
CA GLU A 18 9.16 -4.15 -6.81
C GLU A 18 8.90 -4.41 -5.33
N PHE A 19 9.63 -3.69 -4.47
CA PHE A 19 9.49 -3.84 -3.03
C PHE A 19 8.03 -3.65 -2.60
N VAL A 20 7.40 -2.59 -3.10
CA VAL A 20 6.02 -2.30 -2.77
C VAL A 20 5.11 -3.44 -3.23
N THR A 21 5.30 -3.87 -4.47
CA THR A 21 4.51 -4.96 -5.03
C THR A 21 4.80 -6.26 -4.29
N ALA A 22 6.06 -6.42 -3.87
CA ALA A 22 6.47 -7.61 -3.15
C ALA A 22 5.61 -7.83 -1.91
N LYS A 23 5.36 -6.74 -1.18
CA LYS A 23 4.54 -6.82 0.02
C LYS A 23 3.11 -7.20 -0.34
N PHE A 24 2.53 -6.46 -1.28
CA PHE A 24 1.16 -6.72 -1.72
C PHE A 24 0.97 -8.20 -2.04
N ALA A 25 1.96 -8.78 -2.72
CA ALA A 25 1.90 -10.20 -3.09
C ALA A 25 1.62 -11.07 -1.87
N LYS A 26 2.39 -10.86 -0.81
CA LYS A 26 2.20 -11.62 0.42
C LYS A 26 0.80 -11.41 0.99
N LEU A 27 0.23 -10.24 0.71
CA LEU A 27 -1.12 -9.92 1.17
C LEU A 27 -2.18 -10.51 0.24
N GLU A 28 -1.78 -10.79 -1.00
CA GLU A 28 -2.67 -11.35 -2.00
C GLU A 28 -3.10 -12.78 -1.63
N GLN A 29 -2.43 -13.38 -0.65
CA GLN A 29 -2.75 -14.73 -0.22
C GLN A 29 -4.12 -14.78 0.45
N TYR A 30 -4.37 -13.83 1.35
CA TYR A 30 -5.64 -13.78 2.07
C TYR A 30 -6.52 -12.62 1.60
N PHE A 31 -6.04 -11.88 0.60
CA PHE A 31 -6.81 -10.75 0.07
C PHE A 31 -7.27 -11.03 -1.36
N ASP A 32 -8.59 -11.04 -1.55
CA ASP A 32 -9.16 -11.31 -2.87
C ASP A 32 -9.77 -10.03 -3.45
N ARG A 33 -10.26 -9.16 -2.58
CA ARG A 33 -10.87 -7.90 -3.01
C ARG A 33 -9.80 -6.88 -3.39
N ILE A 34 -9.22 -7.05 -4.56
CA ILE A 34 -8.19 -6.13 -5.04
C ILE A 34 -8.29 -5.94 -6.56
N ASN A 35 -8.62 -4.72 -6.97
CA ASN A 35 -8.75 -4.42 -8.39
C ASN A 35 -7.76 -3.35 -8.82
N GLN A 36 -7.87 -2.16 -8.23
CA GLN A 36 -6.98 -1.05 -8.56
C GLN A 36 -6.35 -0.45 -7.30
N VAL A 37 -5.03 -0.56 -7.22
CA VAL A 37 -4.30 -0.03 -6.06
C VAL A 37 -3.21 0.93 -6.52
N TYR A 38 -3.11 2.07 -5.83
CA TYR A 38 -2.09 3.06 -6.17
C TYR A 38 -1.37 3.54 -4.92
N VAL A 39 -0.06 3.77 -5.05
CA VAL A 39 0.75 4.22 -3.93
C VAL A 39 1.65 5.39 -4.34
N VAL A 40 1.90 6.30 -3.40
CA VAL A 40 2.75 7.45 -3.66
C VAL A 40 3.63 7.78 -2.46
N LEU A 41 4.89 8.04 -2.73
CA LEU A 41 5.84 8.36 -1.67
C LEU A 41 6.66 9.61 -1.99
N LYS A 42 6.68 10.53 -1.05
CA LYS A 42 7.43 11.78 -1.22
C LYS A 42 8.74 11.73 -0.46
N VAL A 43 9.81 12.19 -1.10
CA VAL A 43 11.13 12.19 -0.48
C VAL A 43 11.67 13.61 -0.33
N GLU A 44 11.74 14.08 0.91
CA GLU A 44 12.24 15.42 1.19
C GLU A 44 13.31 15.38 2.29
N LYS A 45 14.21 16.34 2.26
CA LYS A 45 15.29 16.42 3.24
C LYS A 45 14.76 16.35 4.68
N VAL A 46 13.48 16.66 4.87
CA VAL A 46 12.88 16.64 6.20
C VAL A 46 12.37 15.24 6.56
N THR A 47 11.15 14.92 6.16
CA THR A 47 10.55 13.61 6.47
C THR A 47 9.99 12.95 5.21
N HIS A 48 9.93 11.62 5.23
CA HIS A 48 9.40 10.87 4.11
C HIS A 48 7.93 10.51 4.34
N THR A 49 7.10 10.71 3.31
CA THR A 49 5.68 10.42 3.43
C THR A 49 5.23 9.45 2.33
N SER A 50 4.33 8.53 2.70
CA SER A 50 3.82 7.55 1.75
C SER A 50 2.32 7.36 1.94
N ASP A 51 1.62 7.06 0.84
CA ASP A 51 0.18 6.86 0.88
C ASP A 51 -0.20 5.59 0.13
N ALA A 52 -1.28 4.93 0.58
CA ALA A 52 -1.75 3.71 -0.05
C ALA A 52 -3.26 3.64 -0.08
N THR A 53 -3.83 3.76 -1.27
CA THR A 53 -5.27 3.71 -1.45
C THR A 53 -5.70 2.42 -2.13
N LEU A 54 -6.35 1.54 -1.38
CA LEU A 54 -6.80 0.25 -1.91
C LEU A 54 -8.28 0.31 -2.29
N HIS A 55 -8.63 -0.42 -3.34
CA HIS A 55 -10.01 -0.46 -3.81
C HIS A 55 -10.71 -1.72 -3.31
N VAL A 56 -11.87 -1.52 -2.67
CA VAL A 56 -12.64 -2.64 -2.14
C VAL A 56 -13.85 -2.93 -3.02
N ASN A 57 -14.48 -4.09 -2.81
CA ASN A 57 -15.64 -4.48 -3.60
C ASN A 57 -16.65 -3.35 -3.70
N GLY A 58 -17.26 -2.99 -2.58
CA GLY A 58 -18.23 -1.91 -2.56
C GLY A 58 -17.77 -0.72 -1.74
N GLY A 59 -16.46 -0.55 -1.65
CA GLY A 59 -15.91 0.56 -0.88
C GLY A 59 -14.46 0.84 -1.23
N GLU A 60 -13.92 1.92 -0.70
CA GLU A 60 -12.53 2.30 -0.96
C GLU A 60 -11.84 2.78 0.32
N ILE A 61 -10.72 2.16 0.65
CA ILE A 61 -9.96 2.53 1.83
C ILE A 61 -8.74 3.36 1.45
N HIS A 62 -8.44 4.38 2.24
CA HIS A 62 -7.30 5.26 1.97
C HIS A 62 -6.50 5.50 3.23
N ALA A 63 -5.27 4.98 3.27
CA ALA A 63 -4.39 5.15 4.42
C ALA A 63 -3.09 5.82 4.00
N SER A 64 -2.45 6.52 4.93
CA SER A 64 -1.20 7.21 4.65
C SER A 64 -0.25 7.09 5.83
N ALA A 65 0.92 6.51 5.59
CA ALA A 65 1.92 6.34 6.64
C ALA A 65 3.19 7.12 6.31
N GLU A 66 4.03 7.31 7.33
CA GLU A 66 5.30 8.03 7.14
C GLU A 66 6.43 7.30 7.84
N GLY A 67 7.66 7.57 7.41
CA GLY A 67 8.82 6.93 8.01
C GLY A 67 10.09 7.74 7.83
N GLN A 68 11.11 7.41 8.60
CA GLN A 68 12.39 8.11 8.54
C GLN A 68 13.01 8.02 7.15
N ASP A 69 12.52 7.09 6.33
CA ASP A 69 13.03 6.92 4.98
C ASP A 69 11.96 6.35 4.06
N MET A 70 12.28 6.22 2.78
CA MET A 70 11.33 5.68 1.81
C MET A 70 10.87 4.28 2.20
N TYR A 71 11.82 3.38 2.38
CA TYR A 71 11.51 2.00 2.76
C TYR A 71 10.69 1.97 4.04
N ALA A 72 11.00 2.87 4.97
CA ALA A 72 10.29 2.94 6.24
C ALA A 72 8.82 3.25 6.02
N ALA A 73 8.56 4.28 5.22
CA ALA A 73 7.18 4.69 4.92
C ALA A 73 6.35 3.53 4.43
N ILE A 74 7.00 2.60 3.72
CA ILE A 74 6.31 1.43 3.19
C ILE A 74 6.10 0.38 4.28
N ASP A 75 6.99 0.37 5.27
CA ASP A 75 6.90 -0.58 6.37
C ASP A 75 5.67 -0.29 7.22
N GLY A 76 5.56 0.94 7.72
CA GLY A 76 4.43 1.30 8.54
C GLY A 76 3.13 1.35 7.75
N LEU A 77 3.23 1.74 6.50
CA LEU A 77 2.06 1.84 5.63
C LEU A 77 1.56 0.46 5.22
N ILE A 78 2.49 -0.48 5.04
CA ILE A 78 2.13 -1.84 4.65
C ILE A 78 1.71 -2.67 5.86
N ASP A 79 2.05 -2.21 7.05
CA ASP A 79 1.68 -2.91 8.28
C ASP A 79 0.26 -2.55 8.70
N LYS A 80 -0.02 -1.26 8.73
CA LYS A 80 -1.34 -0.77 9.10
C LYS A 80 -2.36 -1.12 8.03
N LEU A 81 -1.91 -1.11 6.78
CA LEU A 81 -2.78 -1.42 5.65
C LEU A 81 -3.20 -2.88 5.68
N ALA A 82 -2.23 -3.78 5.82
CA ALA A 82 -2.54 -5.21 5.86
C ALA A 82 -3.53 -5.52 6.98
N ARG A 83 -3.21 -5.07 8.19
CA ARG A 83 -4.08 -5.30 9.34
C ARG A 83 -5.49 -4.80 9.10
N GLN A 84 -5.61 -3.71 8.33
CA GLN A 84 -6.91 -3.14 8.02
C GLN A 84 -7.64 -3.97 6.96
N LEU A 85 -6.92 -4.29 5.88
CA LEU A 85 -7.49 -5.07 4.80
C LEU A 85 -8.00 -6.41 5.32
N THR A 86 -7.25 -7.02 6.23
CA THR A 86 -7.62 -8.30 6.81
C THR A 86 -8.85 -8.15 7.72
N LYS A 87 -8.89 -7.05 8.46
CA LYS A 87 -10.00 -6.79 9.37
C LYS A 87 -11.33 -6.90 8.64
N HIS A 88 -11.54 -6.01 7.67
CA HIS A 88 -12.78 -6.00 6.90
C HIS A 88 -12.93 -7.28 6.08
N LYS A 89 -11.80 -7.90 5.74
CA LYS A 89 -11.80 -9.13 4.96
C LYS A 89 -12.33 -10.30 5.79
N ASP A 90 -12.33 -10.16 7.11
CA ASP A 90 -12.81 -11.21 7.99
C ASP A 90 -14.33 -11.20 8.07
N LYS A 91 -14.93 -10.04 7.86
CA LYS A 91 -16.38 -9.90 7.91
C LYS A 91 -17.05 -10.85 6.93
N LEU A 92 -16.47 -10.99 5.74
CA LEU A 92 -17.01 -11.86 4.71
C LEU A 92 -16.30 -13.21 4.72
N LYS A 93 -15.96 -13.70 5.91
CA LYS A 93 -15.28 -14.98 6.06
C LYS A 93 -15.68 -15.66 7.36
N GLN A 94 -16.91 -15.43 7.80
CA GLN A 94 -17.41 -16.02 9.03
C GLN A 94 -17.76 -17.49 8.83
N HIS A 95 -18.17 -17.83 7.61
CA HIS A 95 -18.54 -19.20 7.28
C HIS A 95 -19.72 -19.67 8.14
N MET A 1 -4.24 -1.90 -14.58
CA MET A 1 -5.48 -2.66 -14.29
C MET A 1 -5.50 -3.17 -12.86
N GLN A 2 -4.32 -3.42 -12.31
CA GLN A 2 -4.20 -3.92 -10.94
C GLN A 2 -3.67 -2.82 -10.01
N LEU A 3 -2.35 -2.72 -9.89
CA LEU A 3 -1.73 -1.71 -9.05
C LEU A 3 -0.77 -0.84 -9.85
N ASN A 4 -0.73 0.45 -9.52
CA ASN A 4 0.15 1.38 -10.21
C ASN A 4 0.90 2.26 -9.21
N ILE A 5 2.14 2.61 -9.54
CA ILE A 5 2.96 3.45 -8.67
C ILE A 5 3.08 4.86 -9.22
N THR A 6 3.07 5.84 -8.31
CA THR A 6 3.21 7.23 -8.68
C THR A 6 3.90 8.00 -7.57
N GLY A 7 5.06 8.57 -7.88
CA GLY A 7 5.80 9.30 -6.86
C GLY A 7 5.98 10.76 -7.19
N ASN A 8 6.44 11.52 -6.19
CA ASN A 8 6.68 12.94 -6.34
C ASN A 8 8.12 13.27 -5.96
N ASN A 9 8.94 13.61 -6.95
CA ASN A 9 10.34 13.92 -6.70
C ASN A 9 11.10 12.66 -6.29
N VAL A 10 10.82 11.56 -6.99
CA VAL A 10 11.47 10.29 -6.69
C VAL A 10 11.58 9.42 -7.94
N GLU A 11 12.76 8.85 -8.16
CA GLU A 11 13.00 7.99 -9.31
C GLU A 11 12.57 6.56 -9.00
N ILE A 12 11.60 6.06 -9.76
CA ILE A 12 11.10 4.71 -9.58
C ILE A 12 12.00 3.70 -10.28
N THR A 13 12.82 3.00 -9.50
CA THR A 13 13.73 2.00 -10.05
C THR A 13 13.22 0.59 -9.77
N GLU A 14 13.63 -0.36 -10.61
CA GLU A 14 13.23 -1.77 -10.48
C GLU A 14 13.03 -2.18 -9.02
N ALA A 15 14.03 -1.94 -8.19
CA ALA A 15 13.97 -2.30 -6.78
C ALA A 15 12.80 -1.58 -6.09
N LEU A 16 12.70 -0.28 -6.32
CA LEU A 16 11.64 0.53 -5.73
C LEU A 16 10.27 -0.04 -6.09
N ARG A 17 10.06 -0.26 -7.38
CA ARG A 17 8.79 -0.80 -7.87
C ARG A 17 8.61 -2.24 -7.39
N GLU A 18 9.69 -3.01 -7.44
CA GLU A 18 9.66 -4.41 -7.02
C GLU A 18 9.34 -4.55 -5.53
N PHE A 19 10.16 -3.93 -4.69
CA PHE A 19 9.97 -4.01 -3.25
C PHE A 19 8.53 -3.67 -2.85
N VAL A 20 8.00 -2.56 -3.35
CA VAL A 20 6.63 -2.17 -3.03
C VAL A 20 5.65 -3.24 -3.45
N THR A 21 5.84 -3.77 -4.66
CA THR A 21 4.97 -4.82 -5.18
C THR A 21 5.18 -6.12 -4.43
N ALA A 22 6.40 -6.32 -3.93
CA ALA A 22 6.73 -7.52 -3.17
C ALA A 22 5.82 -7.67 -1.96
N LYS A 23 5.64 -6.59 -1.22
CA LYS A 23 4.78 -6.59 -0.04
C LYS A 23 3.33 -6.80 -0.43
N PHE A 24 2.85 -5.99 -1.37
CA PHE A 24 1.47 -6.10 -1.85
C PHE A 24 1.16 -7.52 -2.27
N ALA A 25 2.07 -8.12 -3.04
CA ALA A 25 1.90 -9.48 -3.52
C ALA A 25 1.60 -10.43 -2.37
N LYS A 26 2.45 -10.39 -1.34
CA LYS A 26 2.30 -11.24 -0.17
C LYS A 26 0.91 -11.04 0.44
N LEU A 27 0.36 -9.84 0.28
CA LEU A 27 -0.97 -9.54 0.81
C LEU A 27 -2.05 -10.06 -0.14
N GLU A 28 -1.71 -10.18 -1.41
CA GLU A 28 -2.63 -10.66 -2.43
C GLU A 28 -3.03 -12.12 -2.19
N GLN A 29 -2.30 -12.80 -1.30
CA GLN A 29 -2.59 -14.19 -0.98
C GLN A 29 -3.92 -14.32 -0.23
N TYR A 30 -4.02 -13.65 0.91
CA TYR A 30 -5.25 -13.69 1.71
C TYR A 30 -6.21 -12.58 1.31
N PHE A 31 -5.85 -11.79 0.29
CA PHE A 31 -6.71 -10.71 -0.19
C PHE A 31 -7.14 -10.97 -1.63
N ASP A 32 -8.45 -11.07 -1.83
CA ASP A 32 -9.00 -11.33 -3.15
C ASP A 32 -9.69 -10.07 -3.70
N ARG A 33 -10.12 -9.19 -2.80
CA ARG A 33 -10.79 -7.97 -3.20
C ARG A 33 -9.79 -6.87 -3.56
N ILE A 34 -9.19 -6.99 -4.74
CA ILE A 34 -8.21 -6.01 -5.21
C ILE A 34 -8.34 -5.80 -6.72
N ASN A 35 -8.68 -4.57 -7.11
CA ASN A 35 -8.82 -4.25 -8.53
C ASN A 35 -7.88 -3.12 -8.94
N GLN A 36 -8.00 -1.97 -8.28
CA GLN A 36 -7.16 -0.82 -8.59
C GLN A 36 -6.48 -0.29 -7.34
N VAL A 37 -5.14 -0.36 -7.31
CA VAL A 37 -4.38 0.12 -6.17
C VAL A 37 -3.37 1.19 -6.59
N TYR A 38 -3.30 2.28 -5.83
CA TYR A 38 -2.37 3.35 -6.12
C TYR A 38 -1.59 3.76 -4.88
N VAL A 39 -0.30 4.02 -5.06
CA VAL A 39 0.56 4.42 -3.95
C VAL A 39 1.46 5.59 -4.34
N VAL A 40 1.72 6.48 -3.38
CA VAL A 40 2.56 7.64 -3.63
C VAL A 40 3.43 7.95 -2.43
N LEU A 41 4.70 8.24 -2.69
CA LEU A 41 5.65 8.54 -1.64
C LEU A 41 6.45 9.81 -1.95
N LYS A 42 6.49 10.72 -0.97
CA LYS A 42 7.23 11.97 -1.12
C LYS A 42 8.50 11.95 -0.28
N VAL A 43 9.56 12.53 -0.83
CA VAL A 43 10.85 12.57 -0.13
C VAL A 43 11.31 14.01 0.07
N GLU A 44 11.32 14.44 1.32
CA GLU A 44 11.76 15.79 1.67
C GLU A 44 12.79 15.76 2.79
N LYS A 45 13.66 16.76 2.81
CA LYS A 45 14.72 16.84 3.82
C LYS A 45 14.16 16.69 5.24
N VAL A 46 12.87 16.94 5.42
CA VAL A 46 12.25 16.85 6.74
C VAL A 46 11.79 15.42 7.04
N THR A 47 10.58 15.08 6.57
CA THR A 47 10.02 13.75 6.81
C THR A 47 9.51 13.11 5.52
N HIS A 48 9.50 11.78 5.48
CA HIS A 48 9.02 11.06 4.31
C HIS A 48 7.55 10.71 4.47
N THR A 49 6.77 10.89 3.41
CA THR A 49 5.34 10.59 3.46
C THR A 49 4.93 9.62 2.36
N SER A 50 4.15 8.60 2.74
CA SER A 50 3.66 7.61 1.80
C SER A 50 2.17 7.36 2.00
N ASP A 51 1.44 7.19 0.91
CA ASP A 51 0.00 6.96 0.98
C ASP A 51 -0.40 5.71 0.21
N ALA A 52 -1.35 4.97 0.77
CA ALA A 52 -1.84 3.75 0.15
C ALA A 52 -3.37 3.76 0.05
N THR A 53 -3.88 3.32 -1.08
CA THR A 53 -5.32 3.28 -1.31
C THR A 53 -5.73 2.01 -2.06
N LEU A 54 -6.37 1.08 -1.35
CA LEU A 54 -6.81 -0.17 -1.95
C LEU A 54 -8.31 -0.12 -2.26
N HIS A 55 -8.70 -0.78 -3.35
CA HIS A 55 -10.10 -0.81 -3.76
C HIS A 55 -10.75 -2.14 -3.36
N VAL A 56 -11.95 -2.06 -2.79
CA VAL A 56 -12.68 -3.24 -2.38
C VAL A 56 -14.11 -3.21 -2.89
N ASN A 57 -14.70 -4.39 -3.07
CA ASN A 57 -16.07 -4.49 -3.56
C ASN A 57 -17.06 -3.88 -2.57
N GLY A 58 -17.53 -2.67 -2.87
CA GLY A 58 -18.47 -2.01 -1.98
C GLY A 58 -17.81 -0.98 -1.08
N GLY A 59 -16.48 -1.05 -0.95
CA GLY A 59 -15.78 -0.10 -0.11
C GLY A 59 -14.36 0.14 -0.58
N GLU A 60 -13.76 1.22 -0.08
CA GLU A 60 -12.39 1.57 -0.44
C GLU A 60 -11.63 2.10 0.76
N ILE A 61 -10.41 1.59 0.96
CA ILE A 61 -9.59 2.00 2.09
C ILE A 61 -8.52 2.99 1.64
N HIS A 62 -8.33 4.05 2.42
CA HIS A 62 -7.32 5.06 2.11
C HIS A 62 -6.52 5.42 3.37
N ALA A 63 -5.25 5.06 3.38
CA ALA A 63 -4.40 5.35 4.53
C ALA A 63 -3.12 6.06 4.11
N SER A 64 -2.44 6.68 5.06
CA SER A 64 -1.20 7.40 4.79
C SER A 64 -0.20 7.17 5.92
N ALA A 65 0.92 6.55 5.60
CA ALA A 65 1.96 6.27 6.60
C ALA A 65 3.22 7.07 6.32
N GLU A 66 4.01 7.29 7.37
CA GLU A 66 5.26 8.03 7.25
C GLU A 66 6.41 7.26 7.88
N GLY A 67 7.63 7.56 7.45
CA GLY A 67 8.80 6.88 7.99
C GLY A 67 10.07 7.69 7.82
N GLN A 68 11.12 7.26 8.51
CA GLN A 68 12.41 7.95 8.45
C GLN A 68 13.02 7.86 7.04
N ASP A 69 12.48 6.99 6.21
CA ASP A 69 12.97 6.81 4.85
C ASP A 69 11.89 6.26 3.94
N MET A 70 12.20 6.15 2.65
CA MET A 70 11.24 5.63 1.68
C MET A 70 10.79 4.22 2.05
N TYR A 71 11.76 3.31 2.15
CA TYR A 71 11.47 1.92 2.50
C TYR A 71 10.69 1.83 3.81
N ALA A 72 11.09 2.64 4.79
CA ALA A 72 10.43 2.66 6.09
C ALA A 72 8.96 3.04 5.94
N ALA A 73 8.71 4.15 5.24
CA ALA A 73 7.35 4.63 5.03
C ALA A 73 6.44 3.51 4.50
N ILE A 74 7.01 2.63 3.68
CA ILE A 74 6.26 1.52 3.11
C ILE A 74 6.04 0.43 4.15
N ASP A 75 6.98 0.29 5.08
CA ASP A 75 6.88 -0.71 6.12
C ASP A 75 5.64 -0.46 6.97
N GLY A 76 5.54 0.73 7.54
CA GLY A 76 4.39 1.07 8.36
C GLY A 76 3.13 1.25 7.53
N LEU A 77 3.30 1.58 6.25
CA LEU A 77 2.18 1.78 5.35
C LEU A 77 1.51 0.44 5.01
N ILE A 78 2.34 -0.55 4.70
CA ILE A 78 1.85 -1.88 4.38
C ILE A 78 1.48 -2.66 5.63
N ASP A 79 1.96 -2.18 6.78
CA ASP A 79 1.68 -2.84 8.05
C ASP A 79 0.28 -2.47 8.53
N LYS A 80 0.03 -1.18 8.69
CA LYS A 80 -1.27 -0.69 9.14
C LYS A 80 -2.34 -1.02 8.11
N LEU A 81 -1.94 -0.99 6.83
CA LEU A 81 -2.85 -1.29 5.74
C LEU A 81 -3.34 -2.73 5.81
N ALA A 82 -2.41 -3.66 6.03
CA ALA A 82 -2.76 -5.07 6.12
C ALA A 82 -3.77 -5.31 7.24
N ARG A 83 -3.40 -4.93 8.46
CA ARG A 83 -4.27 -5.11 9.61
C ARG A 83 -5.66 -4.52 9.35
N GLN A 84 -5.71 -3.46 8.56
CA GLN A 84 -6.98 -2.81 8.24
C GLN A 84 -7.75 -3.62 7.20
N LEU A 85 -7.05 -4.06 6.16
CA LEU A 85 -7.66 -4.84 5.10
C LEU A 85 -8.26 -6.13 5.65
N THR A 86 -7.53 -6.78 6.55
CA THR A 86 -7.99 -8.02 7.16
C THR A 86 -9.21 -7.77 8.05
N LYS A 87 -9.18 -6.67 8.79
CA LYS A 87 -10.29 -6.31 9.68
C LYS A 87 -11.61 -6.30 8.92
N HIS A 88 -11.74 -5.38 7.96
CA HIS A 88 -12.97 -5.27 7.18
C HIS A 88 -13.22 -6.55 6.39
N LYS A 89 -12.13 -7.15 5.90
CA LYS A 89 -12.23 -8.39 5.12
C LYS A 89 -12.78 -9.53 5.98
N ASP A 90 -12.74 -9.36 7.30
CA ASP A 90 -13.24 -10.38 8.21
C ASP A 90 -14.73 -10.19 8.46
N LYS A 91 -15.18 -8.94 8.42
CA LYS A 91 -16.58 -8.62 8.65
C LYS A 91 -17.48 -9.43 7.72
N LEU A 92 -16.99 -9.68 6.51
CA LEU A 92 -17.75 -10.44 5.53
C LEU A 92 -17.60 -11.94 5.78
N LYS A 93 -18.00 -12.38 6.96
CA LYS A 93 -17.91 -13.80 7.33
C LYS A 93 -19.23 -14.28 7.92
N GLN A 94 -19.43 -15.59 7.91
CA GLN A 94 -20.64 -16.19 8.44
C GLN A 94 -20.80 -15.87 9.92
N HIS A 95 -21.81 -15.07 10.25
CA HIS A 95 -22.06 -14.68 11.63
C HIS A 95 -23.34 -15.32 12.15
N MET A 1 -5.21 -2.05 -13.73
CA MET A 1 -5.38 -3.53 -13.73
C MET A 1 -5.12 -4.12 -12.35
N GLN A 2 -3.90 -3.98 -11.87
CA GLN A 2 -3.52 -4.50 -10.56
C GLN A 2 -3.11 -3.35 -9.62
N LEU A 3 -1.80 -3.09 -9.52
CA LEU A 3 -1.31 -2.03 -8.66
C LEU A 3 -0.48 -1.01 -9.44
N ASN A 4 -0.61 0.26 -9.08
CA ASN A 4 0.12 1.33 -9.74
C ASN A 4 0.76 2.26 -8.72
N ILE A 5 1.97 2.73 -9.01
CA ILE A 5 2.67 3.63 -8.09
C ILE A 5 3.08 4.91 -8.80
N THR A 6 3.21 5.98 -8.02
CA THR A 6 3.61 7.28 -8.55
C THR A 6 4.54 7.98 -7.56
N GLY A 7 5.75 8.27 -8.00
CA GLY A 7 6.71 8.92 -7.13
C GLY A 7 6.84 10.41 -7.41
N ASN A 8 6.57 11.22 -6.39
CA ASN A 8 6.65 12.66 -6.52
C ASN A 8 7.98 13.17 -5.97
N ASN A 9 8.83 13.72 -6.86
CA ASN A 9 10.12 14.22 -6.45
C ASN A 9 11.02 13.09 -5.97
N VAL A 10 10.89 11.93 -6.62
CA VAL A 10 11.69 10.77 -6.26
C VAL A 10 11.90 9.87 -7.48
N GLU A 11 13.14 9.41 -7.66
CA GLU A 11 13.47 8.54 -8.79
C GLU A 11 12.95 7.13 -8.55
N ILE A 12 11.99 6.70 -9.38
CA ILE A 12 11.42 5.37 -9.26
C ILE A 12 12.38 4.31 -9.81
N THR A 13 13.17 3.72 -8.92
CA THR A 13 14.13 2.70 -9.31
C THR A 13 13.55 1.30 -9.06
N GLU A 14 13.89 0.37 -9.94
CA GLU A 14 13.41 -1.01 -9.85
C GLU A 14 13.27 -1.48 -8.41
N ALA A 15 14.27 -1.18 -7.59
CA ALA A 15 14.25 -1.58 -6.18
C ALA A 15 13.06 -0.99 -5.45
N LEU A 16 12.83 0.31 -5.66
CA LEU A 16 11.72 1.00 -5.02
C LEU A 16 10.38 0.42 -5.43
N ARG A 17 10.17 0.29 -6.74
CA ARG A 17 8.91 -0.26 -7.26
C ARG A 17 8.71 -1.72 -6.87
N GLU A 18 9.76 -2.52 -7.03
CA GLU A 18 9.68 -3.94 -6.68
C GLU A 18 9.35 -4.13 -5.21
N PHE A 19 10.04 -3.38 -4.35
CA PHE A 19 9.82 -3.46 -2.91
C PHE A 19 8.34 -3.26 -2.57
N VAL A 20 7.74 -2.23 -3.15
CA VAL A 20 6.33 -1.93 -2.90
C VAL A 20 5.45 -3.09 -3.36
N THR A 21 5.63 -3.50 -4.61
CA THR A 21 4.85 -4.59 -5.18
C THR A 21 5.13 -5.90 -4.44
N ALA A 22 6.33 -6.02 -3.90
CA ALA A 22 6.73 -7.21 -3.16
C ALA A 22 5.78 -7.49 -2.00
N LYS A 23 5.47 -6.44 -1.25
CA LYS A 23 4.56 -6.55 -0.11
C LYS A 23 3.14 -6.81 -0.58
N PHE A 24 2.71 -6.06 -1.59
CA PHE A 24 1.37 -6.21 -2.13
C PHE A 24 1.08 -7.67 -2.48
N ALA A 25 2.02 -8.31 -3.18
CA ALA A 25 1.87 -9.71 -3.56
C ALA A 25 1.56 -10.57 -2.34
N LYS A 26 2.37 -10.44 -1.29
CA LYS A 26 2.18 -11.20 -0.07
C LYS A 26 0.76 -11.02 0.47
N LEU A 27 0.18 -9.86 0.19
CA LEU A 27 -1.18 -9.57 0.64
C LEU A 27 -2.20 -10.21 -0.30
N GLU A 28 -1.84 -10.29 -1.58
CA GLU A 28 -2.71 -10.88 -2.59
C GLU A 28 -3.01 -12.34 -2.28
N GLN A 29 -2.23 -12.94 -1.38
CA GLN A 29 -2.43 -14.34 -1.02
C GLN A 29 -3.72 -14.52 -0.21
N TYR A 30 -3.81 -13.82 0.91
CA TYR A 30 -4.98 -13.91 1.78
C TYR A 30 -6.07 -12.92 1.35
N PHE A 31 -5.67 -11.85 0.68
CA PHE A 31 -6.64 -10.85 0.21
C PHE A 31 -7.04 -11.13 -1.23
N ASP A 32 -8.34 -11.37 -1.43
CA ASP A 32 -8.86 -11.66 -2.76
C ASP A 32 -9.66 -10.47 -3.30
N ARG A 33 -10.26 -9.70 -2.40
CA ARG A 33 -11.04 -8.53 -2.79
C ARG A 33 -10.13 -7.38 -3.19
N ILE A 34 -9.48 -7.52 -4.34
CA ILE A 34 -8.58 -6.49 -4.84
C ILE A 34 -8.73 -6.30 -6.34
N ASN A 35 -9.02 -5.07 -6.76
CA ASN A 35 -9.19 -4.77 -8.18
C ASN A 35 -8.18 -3.72 -8.64
N GLN A 36 -8.25 -2.53 -8.06
CA GLN A 36 -7.34 -1.45 -8.41
C GLN A 36 -6.72 -0.83 -7.16
N VAL A 37 -5.40 -0.87 -7.08
CA VAL A 37 -4.69 -0.31 -5.94
C VAL A 37 -3.61 0.67 -6.40
N TYR A 38 -3.51 1.80 -5.72
CA TYR A 38 -2.53 2.82 -6.06
C TYR A 38 -1.79 3.32 -4.83
N VAL A 39 -0.51 3.65 -5.01
CA VAL A 39 0.31 4.13 -3.91
C VAL A 39 1.19 5.29 -4.34
N VAL A 40 1.44 6.22 -3.43
CA VAL A 40 2.28 7.39 -3.72
C VAL A 40 3.13 7.76 -2.52
N LEU A 41 4.40 8.06 -2.78
CA LEU A 41 5.32 8.42 -1.73
C LEU A 41 6.12 9.68 -2.07
N LYS A 42 6.14 10.63 -1.13
CA LYS A 42 6.87 11.88 -1.33
C LYS A 42 8.19 11.85 -0.58
N VAL A 43 9.25 12.32 -1.24
CA VAL A 43 10.57 12.33 -0.63
C VAL A 43 11.09 13.76 -0.46
N GLU A 44 11.27 14.17 0.79
CA GLU A 44 11.76 15.50 1.10
C GLU A 44 12.82 15.43 2.20
N LYS A 45 13.73 16.41 2.19
CA LYS A 45 14.81 16.46 3.17
C LYS A 45 14.27 16.43 4.61
N VAL A 46 13.00 16.78 4.77
CA VAL A 46 12.40 16.80 6.10
C VAL A 46 11.88 15.42 6.51
N THR A 47 10.67 15.07 6.09
CA THR A 47 10.08 13.79 6.42
C THR A 47 9.55 13.08 5.18
N HIS A 48 9.51 11.75 5.23
CA HIS A 48 9.01 10.96 4.11
C HIS A 48 7.55 10.60 4.32
N THR A 49 6.73 10.78 3.30
CA THR A 49 5.31 10.48 3.39
C THR A 49 4.87 9.50 2.31
N SER A 50 4.03 8.54 2.71
CA SER A 50 3.53 7.52 1.78
C SER A 50 2.02 7.35 1.97
N ASP A 51 1.30 7.16 0.87
CA ASP A 51 -0.14 6.99 0.93
C ASP A 51 -0.58 5.71 0.21
N ALA A 52 -1.68 5.13 0.68
CA ALA A 52 -2.20 3.91 0.08
C ALA A 52 -3.72 3.97 -0.05
N THR A 53 -4.24 3.42 -1.14
CA THR A 53 -5.67 3.42 -1.39
C THR A 53 -6.12 2.09 -1.99
N LEU A 54 -6.77 1.27 -1.17
CA LEU A 54 -7.24 -0.04 -1.62
C LEU A 54 -8.74 0.00 -1.94
N HIS A 55 -9.14 -0.77 -2.94
CA HIS A 55 -10.53 -0.83 -3.35
C HIS A 55 -11.14 -2.19 -2.99
N VAL A 56 -12.34 -2.16 -2.41
CA VAL A 56 -13.02 -3.40 -2.03
C VAL A 56 -14.52 -3.30 -2.29
N ASN A 57 -15.01 -4.16 -3.17
CA ASN A 57 -16.43 -4.20 -3.52
C ASN A 57 -17.02 -2.78 -3.67
N GLY A 58 -17.61 -2.26 -2.59
CA GLY A 58 -18.19 -0.94 -2.62
C GLY A 58 -17.60 -0.01 -1.59
N GLY A 59 -16.35 -0.24 -1.24
CA GLY A 59 -15.68 0.59 -0.25
C GLY A 59 -14.23 0.86 -0.62
N GLU A 60 -13.67 1.94 -0.09
CA GLU A 60 -12.29 2.30 -0.37
C GLU A 60 -11.59 2.83 0.88
N ILE A 61 -10.44 2.23 1.20
CA ILE A 61 -9.68 2.65 2.38
C ILE A 61 -8.49 3.51 1.96
N HIS A 62 -8.21 4.55 2.73
CA HIS A 62 -7.10 5.44 2.43
C HIS A 62 -6.27 5.72 3.68
N ALA A 63 -5.03 5.25 3.68
CA ALA A 63 -4.14 5.46 4.82
C ALA A 63 -2.76 5.91 4.34
N SER A 64 -1.98 6.46 5.27
CA SER A 64 -0.64 6.95 4.95
C SER A 64 0.34 6.61 6.07
N ALA A 65 1.61 6.42 5.71
CA ALA A 65 2.64 6.10 6.69
C ALA A 65 3.93 6.87 6.43
N GLU A 66 4.62 7.23 7.50
CA GLU A 66 5.88 7.97 7.38
C GLU A 66 7.05 7.11 7.87
N GLY A 67 8.20 7.30 7.26
CA GLY A 67 9.37 6.54 7.63
C GLY A 67 10.67 7.29 7.41
N GLN A 68 11.72 6.87 8.11
CA GLN A 68 13.03 7.51 7.99
C GLN A 68 13.55 7.47 6.56
N ASP A 69 12.95 6.62 5.72
CA ASP A 69 13.36 6.52 4.33
C ASP A 69 12.21 6.02 3.46
N MET A 70 12.44 5.94 2.16
CA MET A 70 11.40 5.49 1.23
C MET A 70 11.03 4.02 1.50
N TYR A 71 11.88 3.32 2.25
CA TYR A 71 11.61 1.92 2.57
C TYR A 71 10.74 1.80 3.82
N ALA A 72 11.00 2.67 4.80
CA ALA A 72 10.23 2.66 6.03
C ALA A 72 8.80 3.12 5.81
N ALA A 73 8.64 4.15 4.99
CA ALA A 73 7.32 4.68 4.68
C ALA A 73 6.41 3.60 4.09
N ILE A 74 6.98 2.76 3.24
CA ILE A 74 6.23 1.67 2.62
C ILE A 74 5.98 0.54 3.61
N ASP A 75 6.89 0.40 4.57
CA ASP A 75 6.76 -0.64 5.59
C ASP A 75 5.55 -0.39 6.48
N GLY A 76 5.48 0.80 7.05
CA GLY A 76 4.37 1.14 7.91
C GLY A 76 3.06 1.28 7.15
N LEU A 77 3.17 1.70 5.89
CA LEU A 77 1.99 1.87 5.04
C LEU A 77 1.33 0.52 4.75
N ILE A 78 2.16 -0.48 4.46
CA ILE A 78 1.67 -1.81 4.16
C ILE A 78 1.34 -2.58 5.45
N ASP A 79 1.83 -2.07 6.57
CA ASP A 79 1.57 -2.71 7.86
C ASP A 79 0.15 -2.41 8.33
N LYS A 80 -0.15 -1.12 8.50
CA LYS A 80 -1.47 -0.70 8.95
C LYS A 80 -2.53 -1.07 7.91
N LEU A 81 -2.17 -0.95 6.63
CA LEU A 81 -3.09 -1.27 5.55
C LEU A 81 -3.53 -2.73 5.63
N ALA A 82 -2.56 -3.63 5.79
CA ALA A 82 -2.86 -5.06 5.89
C ALA A 82 -3.87 -5.34 7.00
N ARG A 83 -3.51 -4.96 8.23
CA ARG A 83 -4.38 -5.17 9.38
C ARG A 83 -5.79 -4.62 9.11
N GLN A 84 -5.87 -3.57 8.32
CA GLN A 84 -7.15 -2.96 7.99
C GLN A 84 -7.90 -3.81 6.97
N LEU A 85 -7.19 -4.26 5.94
CA LEU A 85 -7.79 -5.09 4.90
C LEU A 85 -8.37 -6.36 5.48
N THR A 86 -7.63 -6.99 6.40
CA THR A 86 -8.08 -8.22 7.04
C THR A 86 -9.32 -7.97 7.89
N LYS A 87 -9.33 -6.84 8.59
CA LYS A 87 -10.46 -6.48 9.45
C LYS A 87 -11.78 -6.51 8.68
N HIS A 88 -11.87 -5.68 7.63
CA HIS A 88 -13.08 -5.62 6.82
C HIS A 88 -13.27 -6.89 6.01
N LYS A 89 -12.17 -7.54 5.67
CA LYS A 89 -12.22 -8.78 4.88
C LYS A 89 -12.89 -9.90 5.66
N ASP A 90 -12.92 -9.77 6.99
CA ASP A 90 -13.53 -10.79 7.84
C ASP A 90 -15.06 -10.70 7.77
N LYS A 91 -15.57 -9.53 7.42
CA LYS A 91 -17.02 -9.33 7.31
C LYS A 91 -17.70 -10.49 6.57
N LEU A 92 -16.95 -11.10 5.65
CA LEU A 92 -17.49 -12.22 4.88
C LEU A 92 -17.58 -13.47 5.74
N LYS A 93 -16.43 -14.08 6.02
CA LYS A 93 -16.37 -15.29 6.83
C LYS A 93 -17.25 -16.38 6.24
N GLN A 94 -17.39 -16.37 4.92
CA GLN A 94 -18.22 -17.37 4.24
C GLN A 94 -17.56 -18.74 4.28
N HIS A 95 -16.25 -18.78 4.05
CA HIS A 95 -15.50 -20.02 4.07
C HIS A 95 -14.09 -19.81 4.62
#